data_9NHN
#
_entry.id   9NHN
#
_cell.length_a   1.00
_cell.length_b   1.00
_cell.length_c   1.00
_cell.angle_alpha   90.00
_cell.angle_beta   90.00
_cell.angle_gamma   90.00
#
_symmetry.space_group_name_H-M   'P 1'
#
loop_
_entity.id
_entity.type
_entity.pdbx_description
1 polymer 'RUu-V1V2V3-2 pAb heavy chain'
2 polymer 'RUu-V1V2V3-2 pAb light chain'
3 polymer 'BG505-CH505 Envelope glycoprotein gp120'
4 polymer 'BG505-CH505 Transmembrane protein gp41'
5 branched 2-acetamido-2-deoxy-beta-D-glucopyranose-(1-4)-2-acetamido-2-deoxy-beta-D-glucopyranose-(1-4)-2-acetamido-2-deoxy-beta-D-glucopyranose
6 branched beta-D-mannopyranose-(1-4)-2-acetamido-2-deoxy-beta-D-glucopyranose-(1-4)-2-acetamido-2-deoxy-beta-D-glucopyranose
7 non-polymer 2-acetamido-2-deoxy-beta-D-glucopyranose
#
loop_
_entity_poly.entity_id
_entity_poly.type
_entity_poly.pdbx_seq_one_letter_code
_entity_poly.pdbx_strand_id
1 'polypeptide(L)'
;(UNK)(UNK)(UNK)(UNK)(UNK)(UNK)(UNK)(UNK)(UNK)(UNK)(UNK)(UNK)(UNK)(UNK)(UNK)(UNK)
(UNK)(UNK)(UNK)(UNK)(UNK)C(UNK)(UNK)(UNK)(UNK)(UNK)(UNK)(UNK)(UNK)(UNK)(UNK)
(UNK)(UNK)(UNK)W(UNK)(UNK)(UNK)(UNK)(UNK)(UNK)(UNK)(UNK)(UNK)(UNK)(UNK)(UNK)
(UNK)(UNK)(UNK)(UNK)(UNK)(UNK)(UNK)(UNK)(UNK)(UNK)(UNK)(UNK)(UNK)(UNK)(UNK)(UNK)
(UNK)(UNK)(UNK)(UNK)(UNK)(UNK)(UNK)(UNK)(UNK)(UNK)(UNK)(UNK)(UNK)(UNK)(UNK)(UNK)
(UNK)(UNK)(UNK)(UNK)(UNK)(UNK)(UNK)(UNK)(UNK)(UNK)(UNK)(UNK)(UNK)C(UNK)(UNK)
(UNK)(UNK)(UNK)(UNK)(UNK)(UNK)(UNK)(UNK)(UNK)(UNK)(UNK)(UNK)(UNK)(UNK)(UNK)(UNK)
W(UNK)(UNK)(UNK)(UNK)(UNK)(UNK)(UNK)(UNK)(UNK)(UNK)
;
H
2 'polypeptide(L)'
;(UNK)(UNK)(UNK)(UNK)(UNK)(UNK)(UNK)(UNK)(UNK)(UNK)(UNK)(UNK)(UNK)(UNK)(UNK)(UNK)
(UNK)(UNK)(UNK)C(UNK)(UNK)(UNK)(UNK)(UNK)(UNK)(UNK)(UNK)(UNK)W(UNK)(UNK)(UNK)
(UNK)(UNK)(UNK)(UNK)(UNK)(UNK)(UNK)(UNK)(UNK)(UNK)(UNK)(UNK)(UNK)(UNK)(UNK)(UNK)
(UNK)(UNK)(UNK)(UNK)(UNK)(UNK)(UNK)(UNK)(UNK)(UNK)(UNK)(UNK)(UNK)(UNK)(UNK)(UNK)
(UNK)(UNK)(UNK)(UNK)(UNK)(UNK)(UNK)(UNK)(UNK)(UNK)(UNK)(UNK)(UNK)(UNK)(UNK)(UNK)
(UNK)C(UNK)(UNK)(UNK)(UNK)(UNK)(UNK)(UNK)(UNK)(UNK)F(UNK)(UNK)(UNK)(UNK)(UNK)
(UNK)(UNK)(UNK)
;
L
3 'polypeptide(L)'
;MDAMKRGLCCVLLLCGAVFVSPSQEIHARFRRGARAENLWVTVYYGVPVWKDAETTLFCASDAKAYETEKHNVWATHCCV
PTDPNPQEIVLENVTENFNMWKNNMVEQMHEDIISLWDQSLKPCVKLTPLCVTLNCTNATASNSSIIEGMKNCSFNITTE
LRDKREKKNALFYKLDIVQLDGNSSQYRLINCNTSAITQACPKVSFEPIPIHYCAPAGFAILKCNNKTFTGTGPCNNVST
VQCTHGIKPVVSTQLLLNGSLAEGEIIIRSENITDNGKTILVHLNESVKIECTRPNNKTRTSIRIGPGQAFYATGQVIGD
IREAYCNISESTWNETLGKVVKQLRKHFPHKNITFQPSSGGDLEVTTHSFNCGGEFFYCNTSGLFNSTWISNTSVQGSNS
TGSNDSITLPCRIKQIINMWQEVGRAMYAPPIQGNITCVSNITGLILTRDGGKNNTETFRPGGGDMRDNWRSELYKYKVV
KIEPLGVAPTACKRRVVGRRRRRR
;
C,A,E
4 'polypeptide(L)'
;AVGIGAVFLGFLGAAGSTMGAASMTLTVQARNLLSGIVQQQSNLLRAPECQQHLLKDTHWGIKQLQARVLAVEHYLRDQQ
LLGIWGCSGKLICTTNVPWNSTWSNKTLSEIWDNMTWLQWDKEISNYTQIIYGLLEESQNQQEKNETDNLTCD
;
D,B,F
#
loop_
_chem_comp.id
_chem_comp.type
_chem_comp.name
_chem_comp.formula
BMA D-saccharide, beta linking beta-D-mannopyranose 'C6 H12 O6'
NAG D-saccharide, beta linking 2-acetamido-2-deoxy-beta-D-glucopyranose 'C8 H15 N O6'
#
# COMPACT_ATOMS: atom_id res chain seq x y z
N UNK A 1 -33.40 49.92 25.07
CA UNK A 1 -33.61 50.72 26.28
C UNK A 1 -32.53 51.79 26.47
N UNK A 2 -31.26 51.48 26.13
CA UNK A 2 -30.09 52.34 26.32
C UNK A 2 -29.97 53.39 25.22
N UNK A 3 -30.94 54.28 25.22
CA UNK A 3 -30.98 55.39 24.28
C UNK A 3 -29.85 56.32 24.61
N UNK A 4 -29.26 56.97 23.62
CA UNK A 4 -28.18 57.87 23.96
C UNK A 4 -28.22 59.12 23.14
N UNK A 5 -27.65 60.14 23.75
CA UNK A 5 -27.53 61.48 23.25
C UNK A 5 -26.53 61.59 22.14
N UNK A 6 -26.74 62.58 21.29
CA UNK A 6 -25.78 62.94 20.28
C UNK A 6 -24.68 63.71 20.94
N UNK A 7 -23.49 63.70 20.37
CA UNK A 7 -22.45 64.52 20.95
C UNK A 7 -21.45 64.97 19.92
N UNK A 8 -20.91 66.14 20.14
CA UNK A 8 -19.87 66.67 19.29
C UNK A 8 -19.15 67.75 20.03
N UNK A 9 -17.95 68.06 19.58
CA UNK A 9 -17.22 69.16 20.14
C UNK A 9 -17.73 70.46 19.51
N UNK A 10 -18.94 70.79 19.89
CA UNK A 10 -19.64 71.90 19.31
C UNK A 10 -18.87 73.16 19.56
N UNK A 11 -18.82 74.01 18.55
CA UNK A 11 -18.13 75.30 18.58
C UNK A 11 -16.63 75.18 18.86
N UNK A 12 -16.02 74.04 18.55
CA UNK A 12 -14.58 73.89 18.70
C UNK A 12 -13.88 74.80 17.73
N UNK A 13 -12.69 75.26 18.11
CA UNK A 13 -11.88 76.07 17.22
C UNK A 13 -11.22 75.16 16.20
N UNK A 14 -10.86 75.70 15.07
CA UNK A 14 -10.17 74.92 14.06
C UNK A 14 -8.75 74.67 14.52
N UNK A 15 -8.24 73.47 14.22
CA UNK A 15 -6.86 73.11 14.51
C UNK A 15 -6.58 73.34 15.98
N UNK A 16 -7.52 72.86 16.78
CA UNK A 16 -7.47 73.00 18.22
C UNK A 16 -7.99 71.75 18.88
N UNK A 17 -7.54 71.50 20.10
CA UNK A 17 -8.03 70.31 20.77
C UNK A 17 -9.52 70.40 20.93
N UNK A 18 -10.18 69.27 20.78
CA UNK A 18 -11.62 69.20 20.88
C UNK A 18 -12.07 67.89 21.51
N UNK A 19 -13.21 67.90 22.20
CA UNK A 19 -13.71 66.66 22.80
C UNK A 19 -15.22 66.61 22.91
N UNK A 20 -15.74 65.38 23.01
CA UNK A 20 -17.19 65.14 23.11
C UNK A 20 -17.54 63.87 23.86
N UNK A 21 -18.78 63.80 24.38
CA UNK A 21 -19.24 62.56 24.98
C UNK A 21 -20.76 62.35 24.79
N CYS A 22 -21.20 61.08 24.57
CA CYS A 22 -22.58 60.66 24.28
C CYS A 22 -23.26 60.01 25.50
N UNK A 23 -23.99 60.79 26.30
CA UNK A 23 -24.61 60.19 27.50
C UNK A 23 -25.62 59.12 27.12
N UNK A 24 -25.48 57.94 27.74
CA UNK A 24 -26.40 56.84 27.52
C UNK A 24 -27.30 56.59 28.70
N UNK A 25 -28.59 56.66 28.42
CA UNK A 25 -29.61 56.44 29.40
C UNK A 25 -29.71 54.95 29.60
N UNK A 26 -30.21 54.51 30.74
CA UNK A 26 -30.42 53.07 30.94
C UNK A 26 -29.19 52.27 30.57
N UNK A 27 -28.02 52.71 31.03
CA UNK A 27 -26.80 51.99 30.69
C UNK A 27 -25.73 52.11 31.73
N UNK A 28 -24.93 51.07 31.82
CA UNK A 28 -23.73 51.12 32.63
C UNK A 28 -22.74 51.93 31.87
N UNK A 29 -21.87 52.68 32.53
CA UNK A 29 -20.83 53.28 31.72
C UNK A 29 -20.00 52.15 31.13
N UNK A 30 -19.78 51.13 31.95
CA UNK A 30 -19.03 49.95 31.57
C UNK A 30 -19.97 48.92 30.97
N UNK A 31 -20.66 49.31 29.91
CA UNK A 31 -21.64 48.44 29.29
C UNK A 31 -21.01 47.53 28.28
N UNK A 32 -20.21 46.59 28.75
CA UNK A 32 -19.43 45.72 27.87
C UNK A 32 -18.60 46.57 26.91
N UNK A 33 -18.72 46.35 25.59
CA UNK A 33 -17.92 47.13 24.65
C UNK A 33 -18.59 48.45 24.28
N UNK A 34 -17.79 49.47 24.00
CA UNK A 34 -18.32 50.75 23.56
C UNK A 34 -17.35 51.43 22.64
N UNK A 35 -17.84 52.12 21.62
CA UNK A 35 -16.96 52.76 20.66
C UNK A 35 -17.58 53.95 19.97
N TRP A 36 -16.72 54.78 19.38
CA TRP A 36 -17.17 55.87 18.53
C TRP A 36 -17.26 55.40 17.11
N UNK A 37 -18.21 55.96 16.38
CA UNK A 37 -18.42 55.65 14.99
C UNK A 37 -18.66 56.95 14.27
N UNK A 38 -17.72 57.85 14.43
CA UNK A 38 -17.82 59.19 13.89
C UNK A 38 -17.43 59.22 12.45
N UNK A 39 -18.26 58.62 11.63
CA UNK A 39 -17.97 58.59 10.21
C UNK A 39 -17.84 60.00 9.75
N UNK A 40 -16.78 60.24 9.00
CA UNK A 40 -16.46 61.52 8.47
C UNK A 40 -17.39 61.83 7.35
N UNK A 41 -17.52 63.10 7.05
CA UNK A 41 -18.33 63.41 5.92
C UNK A 41 -17.73 62.65 4.75
N UNK A 42 -18.60 61.95 4.02
CA UNK A 42 -18.25 61.14 2.86
C UNK A 42 -17.19 60.04 3.11
N UNK A 43 -17.14 59.44 4.30
CA UNK A 43 -16.16 58.37 4.55
C UNK A 43 -16.55 57.45 5.71
N UNK A 44 -15.91 56.28 5.78
CA UNK A 44 -16.10 55.32 6.87
C UNK A 44 -15.51 55.84 8.18
N UNK A 45 -16.10 55.43 9.31
CA UNK A 45 -15.59 55.80 10.64
C UNK A 45 -14.33 55.05 11.03
N UNK A 46 -13.49 55.73 11.80
CA UNK A 46 -12.30 55.12 12.37
C UNK A 46 -12.68 54.25 13.56
N UNK A 47 -11.95 53.16 13.76
CA UNK A 47 -12.15 52.32 14.93
C UNK A 47 -11.73 53.03 16.20
N UNK A 48 -12.43 52.74 17.26
CA UNK A 48 -12.08 53.23 18.58
C UNK A 48 -12.73 52.35 19.62
N UNK A 49 -12.21 52.35 20.83
CA UNK A 49 -13.00 51.69 21.87
C UNK A 49 -12.63 52.17 23.25
N UNK A 50 -13.63 52.17 24.10
CA UNK A 50 -13.50 52.50 25.50
C UNK A 50 -14.43 51.60 26.28
N UNK A 51 -14.10 50.32 26.21
CA UNK A 51 -14.84 49.22 26.78
C UNK A 51 -14.75 49.18 28.28
N UNK A 52 -15.60 48.35 28.87
CA UNK A 52 -15.74 48.06 30.29
C UNK A 52 -14.43 47.58 30.91
N UNK A 53 -13.53 47.20 30.03
CA UNK A 53 -12.19 46.72 30.28
C UNK A 53 -11.20 47.87 30.53
N UNK A 54 -11.71 49.12 30.48
CA UNK A 54 -10.90 50.35 30.59
C UNK A 54 -9.93 50.43 29.43
N UNK A 55 -10.48 50.12 28.27
CA UNK A 55 -9.78 50.13 27.00
C UNK A 55 -9.66 51.55 26.48
N UNK A 56 -8.69 51.77 25.60
CA UNK A 56 -8.55 53.06 24.94
C UNK A 56 -8.00 52.81 23.53
N UNK A 57 -8.77 52.09 22.75
CA UNK A 57 -8.35 51.66 21.42
C UNK A 57 -8.60 52.73 20.39
N UNK A 58 -7.78 52.76 19.35
CA UNK A 58 -8.01 53.63 18.22
C UNK A 58 -7.36 53.08 16.97
N UNK A 59 -7.93 53.41 15.84
CA UNK A 59 -7.36 53.11 14.53
C UNK A 59 -6.15 53.96 14.28
N UNK A 60 -5.29 53.51 13.37
CA UNK A 60 -4.08 54.25 12.98
C UNK A 60 -4.43 55.62 12.41
N UNK A 61 -5.66 55.78 11.97
CA UNK A 61 -6.21 57.01 11.42
C UNK A 61 -6.17 58.13 12.47
N UNK A 62 -6.14 57.73 13.74
CA UNK A 62 -6.12 58.60 14.89
C UNK A 62 -4.74 59.21 15.10
N UNK A 63 -3.74 58.65 14.41
CA UNK A 63 -2.37 59.08 14.59
C UNK A 63 -2.07 59.10 16.06
N UNK A 64 -1.55 60.21 16.55
CA UNK A 64 -1.29 60.36 17.96
C UNK A 64 -2.04 61.58 18.44
N UNK A 65 -3.07 61.96 17.69
CA UNK A 65 -3.86 63.13 18.04
C UNK A 65 -5.12 62.72 18.73
N UNK A 66 -5.75 61.65 18.23
CA UNK A 66 -7.03 61.25 18.76
C UNK A 66 -6.94 59.99 19.59
N UNK A 67 -7.85 59.88 20.55
CA UNK A 67 -7.94 58.70 21.37
C UNK A 67 -9.34 58.51 21.91
N UNK A 68 -9.66 57.25 22.22
CA UNK A 68 -10.90 56.91 22.87
C UNK A 68 -10.76 57.37 24.31
N UNK A 69 -11.86 57.71 24.96
CA UNK A 69 -11.76 58.13 26.35
C UNK A 69 -12.81 57.43 27.17
N UNK A 70 -12.51 57.25 28.46
CA UNK A 70 -13.41 56.54 29.34
C UNK A 70 -14.74 57.23 29.45
N UNK A 71 -15.79 56.42 29.49
CA UNK A 71 -17.09 56.97 29.64
C UNK A 71 -17.28 57.56 31.01
N UNK A 72 -18.08 58.60 31.05
CA UNK A 72 -18.46 59.29 32.26
C UNK A 72 -19.30 58.43 33.17
N UNK A 73 -19.41 58.83 34.44
CA UNK A 73 -20.27 58.15 35.42
C UNK A 73 -21.74 58.19 34.95
N UNK A 74 -21.99 59.15 34.06
CA UNK A 74 -23.24 59.45 33.39
C UNK A 74 -23.44 58.52 32.19
N UNK A 75 -22.50 57.60 32.01
CA UNK A 75 -22.40 56.63 30.93
C UNK A 75 -22.29 57.32 29.61
N UNK A 76 -21.50 58.38 29.59
CA UNK A 76 -21.28 59.11 28.38
C UNK A 76 -20.03 58.69 27.68
N UNK A 77 -20.21 58.03 26.54
CA UNK A 77 -19.06 57.51 25.80
C UNK A 77 -18.22 58.70 25.54
N UNK A 78 -16.91 58.61 25.62
CA UNK A 78 -16.13 59.82 25.41
C UNK A 78 -14.98 59.61 24.47
N UNK A 79 -14.57 60.69 23.82
CA UNK A 79 -13.39 60.70 22.97
C UNK A 79 -12.86 62.11 22.84
N UNK A 80 -11.60 62.23 22.46
CA UNK A 80 -11.01 63.56 22.26
C UNK A 80 -9.89 63.53 21.24
N UNK A 81 -9.60 64.70 20.66
CA UNK A 81 -8.45 64.78 19.77
C UNK A 81 -7.75 66.12 19.82
N UNK A 82 -6.43 66.05 19.80
CA UNK A 82 -5.59 67.22 19.75
C UNK A 82 -5.63 67.86 18.39
N UNK A 83 -5.58 69.18 18.37
CA UNK A 83 -5.49 69.93 17.11
C UNK A 83 -6.53 69.48 16.12
N UNK A 84 -7.78 69.32 16.53
CA UNK A 84 -8.75 68.86 15.57
C UNK A 84 -8.86 69.88 14.45
N UNK A 85 -8.77 69.41 13.21
CA UNK A 85 -8.85 70.25 12.03
C UNK A 85 -10.28 70.53 11.66
N UNK A 86 -10.53 71.70 11.07
CA UNK A 86 -11.86 72.05 10.58
C UNK A 86 -12.23 71.16 9.39
N UNK A 87 -11.20 70.61 8.78
CA UNK A 87 -11.33 69.72 7.66
C UNK A 87 -12.01 68.41 8.05
N UNK A 88 -11.84 67.99 9.31
CA UNK A 88 -12.34 66.69 9.72
C UNK A 88 -13.79 66.72 10.15
N UNK A 89 -14.66 67.08 9.22
CA UNK A 89 -16.08 67.10 9.54
C UNK A 89 -16.56 65.67 9.69
N UNK A 90 -17.43 65.42 10.66
CA UNK A 90 -17.97 64.08 10.90
C UNK A 90 -19.32 64.13 11.55
N UNK A 91 -20.03 63.01 11.44
CA UNK A 91 -21.35 62.81 12.05
C UNK A 91 -21.23 62.67 13.56
N UNK A 92 -20.04 62.40 14.05
CA UNK A 92 -19.78 62.25 15.47
C UNK A 92 -20.74 61.26 16.15
N UNK A 93 -21.03 60.15 15.51
CA UNK A 93 -21.91 59.17 16.10
C UNK A 93 -21.13 58.27 17.06
N CYS A 94 -21.84 57.69 18.06
CA CYS A 94 -21.36 56.70 19.06
C CYS A 94 -22.10 55.38 18.76
N UNK A 95 -21.48 54.23 19.05
CA UNK A 95 -22.16 52.98 18.75
C UNK A 95 -21.68 51.71 19.50
N UNK A 96 -22.56 50.71 19.55
CA UNK A 96 -22.18 49.35 20.02
C UNK A 96 -21.66 48.63 18.78
N UNK A 97 -20.55 49.16 18.31
CA UNK A 97 -19.93 48.88 17.04
C UNK A 97 -19.32 47.51 16.85
N UNK A 98 -19.30 47.10 15.59
CA UNK A 98 -18.61 45.92 15.20
C UNK A 98 -17.16 46.17 15.48
N UNK A 99 -16.46 45.12 15.89
CA UNK A 99 -15.04 45.16 16.23
C UNK A 99 -14.75 46.04 17.45
N UNK A 100 -15.77 46.29 18.29
CA UNK A 100 -15.58 46.98 19.56
C UNK A 100 -15.18 45.98 20.64
N UNK A 101 -15.11 44.70 20.26
CA UNK A 101 -14.75 43.61 21.16
C UNK A 101 -14.03 42.48 20.42
N UNK A 102 -13.21 41.72 21.17
CA UNK A 102 -12.49 40.56 20.61
C UNK A 102 -13.45 39.52 20.09
N UNK A 103 -14.56 39.34 20.78
CA UNK A 103 -15.58 38.42 20.36
C UNK A 103 -15.08 37.00 20.06
N UNK A 104 -14.28 36.41 20.95
CA UNK A 104 -13.78 35.06 20.70
C UNK A 104 -14.96 34.09 20.58
N UNK A 105 -16.01 34.35 21.34
CA UNK A 105 -17.20 33.53 21.32
C UNK A 105 -18.44 34.41 21.38
N UNK A 106 -18.79 34.97 20.23
CA UNK A 106 -19.89 35.91 20.05
C UNK A 106 -21.23 35.20 20.13
N UNK A 107 -22.29 35.95 20.40
CA UNK A 107 -23.59 35.33 20.40
C UNK A 107 -24.63 36.31 19.92
N UNK A 108 -25.67 35.79 19.29
CA UNK A 108 -26.77 36.59 18.79
C UNK A 108 -26.22 37.77 17.99
N UNK A 109 -26.73 38.98 18.25
CA UNK A 109 -26.24 40.16 17.57
C UNK A 109 -26.58 41.39 18.39
N UNK A 110 -25.83 42.46 18.22
CA UNK A 110 -26.17 43.71 18.90
C UNK A 110 -25.68 44.90 18.13
N UNK A 111 -26.37 46.02 18.32
CA UNK A 111 -25.99 47.30 17.74
C UNK A 111 -26.61 48.42 18.54
N UNK A 112 -26.03 49.60 18.43
CA UNK A 112 -26.56 50.81 19.01
C UNK A 112 -25.97 51.95 18.24
N TRP A 113 -26.65 53.08 18.13
CA TRP A 113 -26.08 54.24 17.44
C TRP A 113 -26.13 55.59 18.12
N UNK A 114 -26.72 55.68 19.32
CA UNK A 114 -26.87 56.99 19.94
C UNK A 114 -27.52 57.93 18.94
N UNK A 115 -26.88 59.06 18.65
CA UNK A 115 -27.42 60.00 17.70
C UNK A 115 -26.26 60.79 17.11
N UNK A 116 -26.46 61.30 15.89
CA UNK A 116 -25.46 62.10 15.19
C UNK A 116 -25.47 63.55 15.62
N UNK A 117 -24.36 64.22 15.36
CA UNK A 117 -24.16 65.62 15.67
C UNK A 117 -23.23 66.27 14.66
N UNK A 118 -23.33 67.59 14.52
CA UNK A 118 -22.41 68.29 13.63
C UNK A 118 -21.05 68.40 14.29
N UNK A 119 -19.98 68.26 13.52
CA UNK A 119 -18.64 68.37 14.09
C UNK A 119 -17.65 69.02 13.15
N UNK A 120 -17.94 70.24 12.68
CA UNK A 120 -17.05 70.90 11.73
C UNK A 120 -15.81 71.56 12.33
N UNK A 121 -15.83 71.96 13.61
CA UNK A 121 -14.67 72.67 14.22
C UNK A 121 -14.22 73.80 13.32
N UNK A 122 -15.17 74.56 12.78
CA UNK A 122 -14.84 75.64 11.88
C UNK A 122 -14.31 76.81 12.69
N UNK A 123 -13.34 77.59 12.12
CA UNK A 123 -12.75 78.81 12.71
C UNK A 123 -12.41 78.58 14.19
N UNK B 1 -4.61 47.29 7.70
CA UNK B 1 -5.63 46.33 7.35
C UNK B 1 -6.16 46.64 5.94
N UNK B 2 -6.62 45.59 5.24
CA UNK B 2 -7.18 45.62 3.87
C UNK B 2 -8.59 46.20 3.81
N UNK B 3 -8.91 46.78 2.66
CA UNK B 3 -10.24 47.28 2.40
C UNK B 3 -10.53 47.17 0.93
N UNK B 4 -11.80 47.12 0.59
CA UNK B 4 -12.25 47.03 -0.79
C UNK B 4 -13.60 47.70 -0.88
N UNK B 5 -14.00 48.15 -2.07
CA UNK B 5 -15.28 48.83 -2.14
C UNK B 5 -16.16 48.44 -3.30
N UNK B 6 -17.44 48.41 -2.97
CA UNK B 6 -18.56 48.19 -3.89
C UNK B 6 -18.69 49.29 -4.93
N UNK B 7 -18.38 50.53 -4.54
CA UNK B 7 -18.48 51.71 -5.41
C UNK B 7 -19.86 51.93 -6.04
N UNK B 8 -20.91 51.67 -5.29
CA UNK B 8 -22.30 51.88 -5.71
C UNK B 8 -22.63 51.19 -7.04
N UNK B 9 -23.11 51.96 -8.03
CA UNK B 9 -23.50 51.43 -9.33
C UNK B 9 -24.50 50.28 -9.23
N UNK B 10 -25.53 50.42 -8.40
CA UNK B 10 -26.51 49.35 -8.26
C UNK B 10 -27.75 49.64 -9.11
N UNK B 11 -28.42 48.57 -9.54
CA UNK B 11 -29.66 48.74 -10.29
C UNK B 11 -30.82 49.06 -9.37
N UNK B 12 -31.68 49.98 -9.81
CA UNK B 12 -32.88 50.33 -9.07
C UNK B 12 -34.02 49.47 -9.50
N UNK B 13 -34.91 49.16 -8.55
CA UNK B 13 -36.12 48.40 -8.81
C UNK B 13 -35.77 47.08 -9.48
N UNK B 14 -34.70 46.47 -9.00
CA UNK B 14 -34.22 45.22 -9.55
C UNK B 14 -33.46 44.45 -8.51
N UNK B 15 -33.36 43.14 -8.66
CA UNK B 15 -32.51 42.42 -7.73
C UNK B 15 -31.09 42.91 -8.00
N UNK B 16 -30.33 43.12 -6.94
CA UNK B 16 -28.97 43.62 -7.09
C UNK B 16 -28.14 43.32 -5.86
N UNK B 17 -26.81 43.44 -5.97
CA UNK B 17 -25.99 43.27 -4.79
C UNK B 17 -24.76 44.16 -4.74
N UNK B 18 -24.40 44.57 -3.52
CA UNK B 18 -23.18 45.30 -3.24
C UNK B 18 -22.11 44.25 -3.10
N UNK B 19 -20.84 44.59 -3.27
CA UNK B 19 -19.79 43.59 -3.08
C UNK B 19 -18.48 44.19 -2.61
N CYS B 20 -17.60 43.36 -1.99
CA CYS B 20 -16.25 43.71 -1.52
C CYS B 20 -15.30 42.55 -1.80
N UNK B 21 -14.00 42.82 -1.70
CA UNK B 21 -12.97 41.80 -1.82
C UNK B 21 -11.70 42.17 -1.04
N UNK B 22 -11.78 42.37 0.27
CA UNK B 22 -10.59 42.77 1.02
C UNK B 22 -9.73 41.56 1.38
N UNK B 23 -8.43 41.67 1.17
CA UNK B 23 -7.48 40.59 1.42
C UNK B 23 -7.46 40.06 2.85
N UNK B 24 -7.66 40.93 3.82
CA UNK B 24 -7.61 40.57 5.22
C UNK B 24 -8.99 40.31 5.80
N UNK B 25 -10.02 40.24 4.96
CA UNK B 25 -11.33 40.03 5.51
C UNK B 25 -11.45 38.69 6.21
N UNK B 26 -12.16 38.70 7.34
CA UNK B 26 -12.49 37.51 8.10
C UNK B 26 -13.78 37.79 8.83
N UNK B 27 -14.75 36.89 8.70
CA UNK B 27 -16.06 37.02 9.36
C UNK B 27 -16.67 38.39 9.11
N UNK B 28 -16.54 38.89 7.88
CA UNK B 28 -17.03 40.20 7.52
C UNK B 28 -18.53 40.27 7.50
N UNK B 29 -19.06 41.42 7.92
CA UNK B 29 -20.50 41.64 7.94
C UNK B 29 -20.83 42.98 7.29
N TRP B 30 -22.04 43.07 6.77
CA TRP B 30 -22.57 44.24 6.09
C TRP B 30 -23.58 45.08 6.87
N UNK B 31 -23.60 46.37 6.58
CA UNK B 31 -24.60 47.31 7.08
C UNK B 31 -24.78 48.41 6.05
N UNK B 32 -25.92 49.10 6.04
CA UNK B 32 -26.04 50.19 5.05
C UNK B 32 -26.59 51.46 5.60
N UNK B 33 -25.89 52.54 5.26
CA UNK B 33 -26.29 53.89 5.64
C UNK B 33 -27.26 54.40 4.60
N UNK B 34 -28.41 53.77 4.57
CA UNK B 34 -29.47 54.06 3.62
C UNK B 34 -30.28 55.29 4.00
N UNK B 35 -30.17 55.71 5.25
CA UNK B 35 -30.97 56.82 5.75
C UNK B 35 -30.34 57.50 6.94
N UNK B 36 -30.77 58.73 7.16
CA UNK B 36 -30.39 59.51 8.33
C UNK B 36 -28.90 59.52 8.49
N UNK B 37 -28.41 59.12 9.66
CA UNK B 37 -27.00 59.13 9.90
C UNK B 37 -26.57 57.86 10.61
N UNK B 38 -27.08 56.72 10.17
CA UNK B 38 -26.66 55.47 10.79
C UNK B 38 -26.82 54.33 9.83
N UNK B 39 -25.98 53.32 9.96
CA UNK B 39 -26.14 52.15 9.12
C UNK B 39 -26.91 51.05 9.82
N UNK B 40 -27.85 50.47 9.11
CA UNK B 40 -28.60 49.37 9.65
C UNK B 40 -27.92 48.10 9.25
N UNK B 41 -27.82 47.14 10.15
CA UNK B 41 -27.14 45.93 9.78
C UNK B 41 -27.90 45.23 8.68
N UNK B 42 -27.15 44.69 7.74
CA UNK B 42 -27.68 43.89 6.66
C UNK B 42 -27.41 42.44 7.01
N UNK B 43 -26.29 42.25 7.70
CA UNK B 43 -25.78 40.96 8.11
C UNK B 43 -25.12 41.10 9.47
N UNK B 44 -25.05 40.01 10.19
CA UNK B 44 -24.47 39.93 11.51
C UNK B 44 -23.89 38.56 11.61
N UNK B 45 -22.96 38.29 12.54
CA UNK B 45 -22.43 36.92 12.54
C UNK B 45 -21.93 36.64 11.12
N UNK B 46 -21.05 37.52 10.67
CA UNK B 46 -20.49 37.52 9.33
C UNK B 46 -21.62 37.71 8.31
N UNK B 47 -21.88 36.72 7.46
CA UNK B 47 -22.88 36.85 6.41
C UNK B 47 -24.30 36.49 6.83
N UNK B 48 -24.54 36.03 8.05
CA UNK B 48 -25.91 35.65 8.36
C UNK B 48 -26.81 36.88 8.24
N UNK B 49 -28.02 36.71 7.70
CA UNK B 49 -28.87 37.89 7.60
C UNK B 49 -29.08 38.47 8.96
N UNK B 50 -29.07 39.80 9.03
CA UNK B 50 -29.25 40.49 10.28
C UNK B 50 -30.66 40.35 10.80
N UNK B 51 -30.82 40.44 12.10
CA UNK B 51 -32.15 40.41 12.62
C UNK B 51 -32.87 41.60 12.03
N UNK B 52 -34.12 41.41 11.64
CA UNK B 52 -34.98 42.42 11.03
C UNK B 52 -34.44 42.95 9.70
N UNK B 53 -33.59 42.16 9.03
CA UNK B 53 -33.09 42.44 7.71
C UNK B 53 -34.22 42.21 6.73
N UNK B 54 -34.15 42.80 5.55
CA UNK B 54 -35.21 42.52 4.60
C UNK B 54 -35.27 41.02 4.40
N UNK B 55 -36.47 40.49 4.30
CA UNK B 55 -36.64 39.05 4.08
C UNK B 55 -35.98 38.61 2.79
N UNK B 56 -35.90 39.54 1.86
CA UNK B 56 -35.35 39.32 0.55
C UNK B 56 -33.82 39.45 0.51
N UNK B 57 -33.21 39.81 1.65
CA UNK B 57 -31.77 40.03 1.77
C UNK B 57 -30.95 38.74 1.87
N UNK B 58 -29.71 38.81 1.40
CA UNK B 58 -28.75 37.72 1.48
C UNK B 58 -27.32 38.24 1.49
N UNK B 59 -26.36 37.43 1.95
CA UNK B 59 -24.98 37.89 1.93
C UNK B 59 -24.05 36.72 1.68
N UNK B 60 -22.85 37.03 1.18
CA UNK B 60 -21.90 35.97 0.84
C UNK B 60 -20.44 36.24 1.17
N UNK B 61 -20.13 36.48 2.44
CA UNK B 61 -18.73 36.69 2.75
C UNK B 61 -17.96 35.41 2.39
N UNK B 62 -16.81 35.56 1.74
CA UNK B 62 -16.01 34.40 1.35
C UNK B 62 -14.53 34.74 1.24
N UNK B 63 -13.89 34.93 2.39
CA UNK B 63 -12.51 35.43 2.46
C UNK B 63 -12.48 36.79 1.78
N UNK B 64 -11.61 36.99 0.79
CA UNK B 64 -11.57 38.30 0.14
C UNK B 64 -12.62 38.38 -0.94
N UNK B 65 -13.85 38.30 -0.50
CA UNK B 65 -15.04 38.40 -1.31
C UNK B 65 -16.22 38.70 -0.41
N UNK B 66 -17.18 39.44 -0.92
CA UNK B 66 -18.39 39.63 -0.16
C UNK B 66 -19.49 40.05 -1.05
N UNK B 67 -20.71 39.84 -0.61
CA UNK B 67 -21.85 40.37 -1.31
C UNK B 67 -22.95 40.68 -0.34
N UNK B 68 -23.76 41.66 -0.69
CA UNK B 68 -24.97 42.03 0.04
C UNK B 68 -26.07 42.21 -0.96
N UNK B 69 -26.83 41.15 -1.10
CA UNK B 69 -27.83 41.03 -2.12
C UNK B 69 -29.22 41.19 -1.59
N UNK B 70 -30.10 41.65 -2.45
CA UNK B 70 -31.49 41.58 -2.10
C UNK B 70 -32.35 41.44 -3.34
N UNK B 71 -33.39 40.64 -3.19
CA UNK B 71 -34.40 40.43 -4.21
C UNK B 71 -35.54 41.42 -4.02
N UNK B 72 -35.38 42.30 -3.03
CA UNK B 72 -36.39 43.28 -2.69
C UNK B 72 -36.73 44.16 -3.88
N UNK B 73 -35.73 44.46 -4.72
CA UNK B 73 -35.94 45.24 -5.92
C UNK B 73 -36.70 46.53 -5.64
N UNK B 74 -36.28 47.25 -4.63
CA UNK B 74 -36.90 48.52 -4.30
C UNK B 74 -36.46 49.55 -5.32
N UNK B 75 -37.33 50.49 -5.64
CA UNK B 75 -36.96 51.59 -6.53
C UNK B 75 -36.05 52.54 -5.78
N UNK B 76 -35.09 53.13 -6.48
CA UNK B 76 -34.20 54.13 -5.89
C UNK B 76 -33.59 53.61 -4.61
N UNK B 77 -33.12 52.38 -4.62
CA UNK B 77 -32.57 51.77 -3.43
C UNK B 77 -31.14 52.23 -3.17
N UNK B 78 -31.02 53.49 -2.81
CA UNK B 78 -29.73 54.11 -2.59
C UNK B 78 -29.23 53.83 -1.18
N UNK B 79 -29.04 52.54 -0.92
CA UNK B 79 -28.55 52.04 0.34
C UNK B 79 -27.05 51.94 0.32
N UNK B 80 -26.40 52.78 1.10
CA UNK B 80 -24.94 52.81 1.11
C UNK B 80 -24.36 51.68 1.92
N UNK B 81 -24.48 50.48 1.34
CA UNK B 81 -24.03 49.24 1.93
C UNK B 81 -22.53 49.21 2.03
N UNK B 82 -22.06 48.72 3.16
CA UNK B 82 -20.64 48.64 3.39
C UNK B 82 -20.21 47.44 4.23
N CYS B 83 -18.96 47.01 4.01
CA CYS B 83 -18.29 45.89 4.67
C CYS B 83 -17.39 46.35 5.79
N UNK B 84 -17.37 45.55 6.85
CA UNK B 84 -16.40 45.78 7.90
C UNK B 84 -15.96 44.49 8.57
N UNK B 85 -14.70 44.47 8.98
CA UNK B 85 -14.10 43.36 9.72
C UNK B 85 -12.92 43.87 10.53
N UNK B 86 -12.61 43.22 11.66
CA UNK B 86 -11.43 43.65 12.42
C UNK B 86 -10.18 43.53 11.57
N UNK B 87 -10.13 42.50 10.73
CA UNK B 87 -9.02 42.29 9.83
C UNK B 87 -7.67 42.28 10.58
N UNK B 88 -6.66 42.97 10.05
CA UNK B 88 -5.31 42.92 10.64
C UNK B 88 -5.12 43.64 11.97
N UNK B 89 -5.74 44.80 12.14
CA UNK B 89 -5.58 45.59 13.35
C UNK B 89 -6.73 46.56 13.47
N UNK B 90 -7.05 47.01 14.69
CA UNK B 90 -8.14 47.98 14.82
C UNK B 90 -9.29 47.40 14.02
N UNK B 91 -9.85 48.14 13.07
CA UNK B 91 -10.87 47.56 12.25
C UNK B 91 -10.85 48.21 10.88
N UNK B 92 -11.15 47.41 9.88
CA UNK B 92 -11.23 47.87 8.51
C UNK B 92 -12.66 48.11 8.15
N PHE B 93 -12.99 49.36 7.93
CA PHE B 93 -14.35 49.71 7.59
C PHE B 93 -14.29 50.40 6.24
N UNK B 94 -14.80 49.74 5.21
CA UNK B 94 -14.72 50.31 3.89
C UNK B 94 -15.95 51.17 3.69
N UNK B 95 -15.81 52.34 3.08
CA UNK B 95 -17.01 53.14 2.83
C UNK B 95 -17.91 52.37 1.89
N UNK B 96 -17.29 51.64 0.97
CA UNK B 96 -17.97 50.80 -0.02
C UNK B 96 -18.96 51.57 -0.90
N UNK B 97 -20.25 51.21 -0.85
CA UNK B 97 -21.21 51.88 -1.71
C UNK B 97 -21.47 53.30 -1.30
N UNK B 98 -21.71 54.13 -2.29
CA UNK B 98 -22.10 55.51 -2.05
C UNK B 98 -23.61 55.62 -2.18
N UNK B 99 -24.09 56.00 -3.36
CA UNK B 99 -25.52 56.14 -3.61
C UNK B 99 -26.17 54.83 -4.03
N UNK B 100 -25.40 53.77 -4.13
CA UNK B 100 -25.94 52.46 -4.53
C UNK B 100 -26.90 52.64 -5.74
N UNK B 101 -28.23 52.34 -5.60
CA UNK B 101 -29.24 52.45 -6.65
C UNK B 101 -30.01 53.76 -6.44
N GLU C 37 -13.42 -61.70 4.13
CA GLU C 37 -13.48 -60.99 5.39
C GLU C 37 -14.44 -59.79 5.24
N ASN C 38 -15.00 -59.32 6.38
CA ASN C 38 -15.95 -58.20 6.52
C ASN C 38 -15.22 -56.95 6.96
N LEU C 39 -15.95 -55.85 7.14
CA LEU C 39 -15.42 -54.62 7.68
C LEU C 39 -14.27 -54.05 6.87
N TRP C 40 -14.61 -53.51 5.72
CA TRP C 40 -13.70 -52.90 4.76
C TRP C 40 -13.67 -51.39 4.91
N VAL C 41 -12.56 -50.75 4.59
CA VAL C 41 -12.53 -49.30 4.70
C VAL C 41 -13.30 -48.65 3.55
N THR C 42 -14.18 -47.70 3.88
CA THR C 42 -14.90 -46.93 2.87
C THR C 42 -14.57 -45.47 3.04
N VAL C 43 -14.25 -44.84 1.93
CA VAL C 43 -13.92 -43.45 1.86
C VAL C 43 -15.13 -42.64 1.47
N TYR C 44 -15.41 -41.62 2.24
CA TYR C 44 -16.54 -40.76 1.96
C TYR C 44 -16.08 -39.34 1.75
N TYR C 45 -16.72 -38.66 0.82
CA TYR C 45 -16.45 -37.25 0.60
C TYR C 45 -17.73 -36.47 0.69
N GLY C 46 -17.68 -35.33 1.39
CA GLY C 46 -18.85 -34.48 1.53
C GLY C 46 -19.47 -34.63 2.91
N VAL C 47 -18.69 -35.19 3.81
CA VAL C 47 -19.06 -35.45 5.18
C VAL C 47 -19.26 -34.16 6.00
N PRO C 48 -20.38 -33.98 6.71
CA PRO C 48 -20.72 -32.79 7.47
C PRO C 48 -20.00 -32.65 8.80
N VAL C 49 -18.69 -32.53 8.73
CA VAL C 49 -17.81 -32.39 9.88
C VAL C 49 -16.96 -31.15 9.83
N TRP C 50 -16.85 -30.49 10.97
CA TRP C 50 -16.04 -29.30 11.07
C TRP C 50 -15.19 -29.27 12.31
N LYS C 51 -14.14 -28.48 12.26
CA LYS C 51 -13.23 -28.28 13.38
C LYS C 51 -13.03 -26.81 13.63
N ASP C 52 -12.74 -26.45 14.87
CA ASP C 52 -12.49 -25.04 15.16
C ASP C 52 -11.33 -24.54 14.35
N ALA C 53 -11.43 -23.32 13.83
CA ALA C 53 -10.33 -22.82 13.02
C ALA C 53 -10.24 -21.31 13.04
N GLU C 54 -9.07 -20.80 12.70
CA GLU C 54 -8.90 -19.38 12.59
C GLU C 54 -8.46 -19.03 11.19
N THR C 55 -9.22 -18.19 10.54
CA THR C 55 -8.88 -17.80 9.18
C THR C 55 -9.10 -16.33 8.98
N THR C 56 -8.83 -15.87 7.79
CA THR C 56 -9.05 -14.48 7.43
C THR C 56 -10.44 -14.35 6.89
N LEU C 57 -11.22 -13.45 7.47
CA LEU C 57 -12.57 -13.25 7.01
C LEU C 57 -12.59 -12.09 6.06
N PHE C 58 -13.57 -12.09 5.20
CA PHE C 58 -13.68 -10.98 4.30
C PHE C 58 -14.50 -9.88 4.93
N CYS C 59 -14.03 -8.61 4.77
CA CYS C 59 -14.71 -7.40 5.21
C CYS C 59 -15.99 -7.27 4.40
N ALA C 60 -15.89 -7.66 3.15
CA ALA C 60 -17.01 -7.66 2.24
C ALA C 60 -17.57 -6.24 2.09
N SER C 61 -18.72 -5.92 2.71
CA SER C 61 -19.44 -4.65 2.69
C SER C 61 -20.33 -4.66 3.93
N HIS C 71 -16.35 8.54 -0.72
CA HIS C 71 -15.86 9.54 0.23
C HIS C 71 -15.90 9.08 1.73
N ASN C 72 -16.57 7.95 2.04
CA ASN C 72 -16.65 7.33 3.37
C ASN C 72 -15.51 6.34 3.45
N VAL C 73 -14.83 6.29 4.57
CA VAL C 73 -13.75 5.35 4.75
C VAL C 73 -14.28 3.93 4.80
N TRP C 74 -15.46 3.77 5.35
CA TRP C 74 -16.00 2.47 5.48
C TRP C 74 -16.44 2.14 4.10
N ALA C 75 -16.14 0.94 3.68
CA ALA C 75 -16.43 0.49 2.33
C ALA C 75 -15.66 1.29 1.30
N THR C 76 -14.52 1.88 1.69
CA THR C 76 -13.68 2.51 0.69
C THR C 76 -12.89 1.37 0.03
N HIS C 77 -12.60 0.33 0.83
CA HIS C 77 -11.93 -0.90 0.36
C HIS C 77 -12.85 -2.16 0.50
N CYS C 78 -13.86 -2.11 1.43
CA CYS C 78 -14.80 -3.18 1.76
C CYS C 78 -15.95 -2.93 0.78
N CYS C 79 -15.64 -3.22 -0.46
CA CYS C 79 -16.50 -2.91 -1.58
C CYS C 79 -17.12 -4.12 -2.25
N VAL C 80 -17.33 -5.21 -1.51
CA VAL C 80 -17.94 -6.37 -2.12
C VAL C 80 -19.36 -6.57 -1.62
N PRO C 81 -20.39 -6.42 -2.46
CA PRO C 81 -21.77 -6.55 -2.09
C PRO C 81 -22.00 -7.91 -1.47
N THR C 82 -22.84 -7.94 -0.47
CA THR C 82 -23.17 -9.16 0.25
C THR C 82 -24.32 -9.85 -0.41
N ASP C 83 -24.54 -11.10 -0.02
CA ASP C 83 -25.67 -11.86 -0.52
C ASP C 83 -26.96 -11.13 -0.14
N PRO C 84 -27.80 -10.68 -1.08
CA PRO C 84 -29.04 -10.00 -0.79
C PRO C 84 -30.07 -10.92 -0.13
N ASN C 85 -29.86 -12.23 -0.25
CA ASN C 85 -30.79 -13.20 0.32
C ASN C 85 -30.04 -14.30 1.04
N PRO C 86 -29.33 -14.00 2.14
CA PRO C 86 -28.46 -14.92 2.83
C PRO C 86 -29.31 -15.98 3.46
N GLN C 87 -28.80 -17.18 3.52
CA GLN C 87 -29.55 -18.25 4.13
C GLN C 87 -28.98 -18.65 5.45
N GLU C 88 -29.84 -19.22 6.28
CA GLU C 88 -29.45 -19.73 7.56
C GLU C 88 -29.95 -21.13 7.70
N ILE C 89 -29.06 -22.04 8.05
CA ILE C 89 -29.43 -23.44 8.17
C ILE C 89 -29.40 -23.96 9.58
N VAL C 90 -30.52 -24.45 10.06
CA VAL C 90 -30.55 -24.95 11.41
C VAL C 90 -29.98 -26.33 11.47
N LEU C 91 -29.09 -26.56 12.41
CA LEU C 91 -28.50 -27.86 12.53
C LEU C 91 -29.22 -28.59 13.64
N GLU C 92 -29.98 -29.59 13.28
CA GLU C 92 -30.74 -30.28 14.29
C GLU C 92 -29.81 -31.14 15.12
N ASN C 93 -30.06 -31.20 16.41
CA ASN C 93 -29.30 -32.00 17.36
C ASN C 93 -27.80 -31.67 17.39
N VAL C 94 -27.45 -30.40 17.25
CA VAL C 94 -26.05 -30.02 17.31
C VAL C 94 -25.78 -29.04 18.43
N THR C 95 -24.85 -29.41 19.30
CA THR C 95 -24.46 -28.54 20.40
C THR C 95 -23.00 -28.21 20.26
N GLU C 96 -22.70 -26.92 20.25
CA GLU C 96 -21.32 -26.44 20.09
C GLU C 96 -20.90 -25.59 21.26
N ASN C 97 -19.61 -25.56 21.53
CA ASN C 97 -19.08 -24.72 22.59
C ASN C 97 -18.59 -23.38 22.07
N PHE C 98 -19.21 -22.33 22.54
CA PHE C 98 -18.88 -20.98 22.15
C PHE C 98 -18.17 -20.26 23.27
N ASN C 99 -17.28 -19.34 22.93
CA ASN C 99 -16.61 -18.57 23.95
C ASN C 99 -16.30 -17.18 23.42
N MET C 100 -17.14 -16.19 23.75
CA MET C 100 -16.92 -14.90 23.13
C MET C 100 -15.63 -14.25 23.56
N TRP C 101 -15.17 -14.58 24.75
CA TRP C 101 -13.99 -13.97 25.30
C TRP C 101 -12.72 -14.42 24.62
N LYS C 102 -12.81 -15.49 23.83
CA LYS C 102 -11.67 -16.06 23.14
C LYS C 102 -11.93 -16.06 21.64
N ASN C 103 -12.90 -15.27 21.20
CA ASN C 103 -13.29 -15.29 19.83
C ASN C 103 -12.35 -14.53 18.91
N ASN C 104 -11.71 -15.27 18.01
CA ASN C 104 -10.73 -14.72 17.09
C ASN C 104 -11.34 -13.71 16.14
N MET C 105 -12.65 -13.76 15.95
CA MET C 105 -13.29 -12.83 15.05
C MET C 105 -13.15 -11.43 15.60
N VAL C 106 -13.15 -11.30 16.93
CA VAL C 106 -13.06 -10.01 17.57
C VAL C 106 -11.69 -9.49 17.39
N GLU C 107 -10.72 -10.36 17.57
CA GLU C 107 -9.36 -9.92 17.44
C GLU C 107 -9.07 -9.50 16.01
N GLN C 108 -9.61 -10.23 15.05
CA GLN C 108 -9.37 -9.88 13.68
C GLN C 108 -10.04 -8.56 13.35
N MET C 109 -11.25 -8.32 13.88
CA MET C 109 -11.90 -7.05 13.63
C MET C 109 -11.05 -5.94 14.16
N HIS C 110 -10.47 -6.11 15.35
CA HIS C 110 -9.67 -5.04 15.89
C HIS C 110 -8.57 -4.65 14.93
N GLU C 111 -7.87 -5.64 14.38
CA GLU C 111 -6.81 -5.29 13.45
C GLU C 111 -7.35 -4.62 12.19
N ASP C 112 -8.50 -5.05 11.68
CA ASP C 112 -9.06 -4.41 10.49
C ASP C 112 -9.42 -2.97 10.73
N ILE C 113 -9.94 -2.68 11.92
CA ILE C 113 -10.34 -1.32 12.23
C ILE C 113 -9.13 -0.42 12.24
N ILE C 114 -8.03 -0.88 12.85
CA ILE C 114 -6.85 -0.05 12.92
C ILE C 114 -6.24 0.13 11.55
N SER C 115 -6.15 -0.94 10.79
CA SER C 115 -5.53 -0.83 9.49
C SER C 115 -6.29 0.10 8.58
N LEU C 116 -7.62 0.01 8.57
CA LEU C 116 -8.37 0.89 7.72
C LEU C 116 -8.16 2.32 8.14
N TRP C 117 -8.20 2.57 9.44
CA TRP C 117 -8.02 3.91 9.98
C TRP C 117 -6.69 4.51 9.54
N ASP C 118 -5.60 3.77 9.70
CA ASP C 118 -4.31 4.32 9.37
C ASP C 118 -4.17 4.57 7.88
N GLN C 119 -4.73 3.68 7.08
CA GLN C 119 -4.63 3.85 5.63
C GLN C 119 -5.41 5.07 5.20
N SER C 120 -6.51 5.33 5.86
CA SER C 120 -7.35 6.45 5.55
C SER C 120 -6.64 7.77 5.82
N LEU C 121 -5.95 7.85 6.97
CA LEU C 121 -5.26 9.08 7.33
C LEU C 121 -3.94 9.26 6.62
N LYS C 122 -3.28 8.20 6.24
CA LYS C 122 -1.99 8.35 5.61
C LYS C 122 -1.90 9.38 4.47
N PRO C 123 -2.73 9.38 3.40
CA PRO C 123 -2.60 10.28 2.27
C PRO C 123 -3.14 11.71 2.43
N CYS C 124 -2.65 12.46 3.44
CA CYS C 124 -2.98 13.87 3.69
C CYS C 124 -1.96 14.50 4.64
N VAL C 125 -2.07 15.81 4.86
CA VAL C 125 -1.06 16.54 5.58
C VAL C 125 -0.73 16.15 7.01
N LYS C 126 0.58 16.05 7.24
CA LYS C 126 1.15 15.73 8.51
C LYS C 126 1.47 17.06 9.19
N LEU C 127 0.95 17.28 10.39
CA LEU C 127 1.11 18.55 11.05
C LEU C 127 2.38 18.70 11.86
N THR C 128 3.49 18.78 11.16
CA THR C 128 4.79 18.92 11.80
C THR C 128 5.25 20.36 12.04
N PRO C 129 4.85 21.39 11.26
CA PRO C 129 5.32 22.72 11.39
C PRO C 129 4.65 23.44 12.53
N LEU C 130 3.74 22.74 13.20
CA LEU C 130 3.02 23.34 14.31
C LEU C 130 3.69 23.08 15.68
N CYS C 131 4.86 22.39 15.74
CA CYS C 131 5.62 22.22 16.97
C CYS C 131 6.44 23.49 17.20
N VAL C 132 5.70 24.50 17.61
CA VAL C 132 6.19 25.85 17.85
C VAL C 132 5.75 26.29 19.22
N THR C 133 6.38 27.34 19.73
CA THR C 133 5.94 27.91 20.98
C THR C 133 4.71 28.76 20.69
N LEU C 134 3.67 28.58 21.48
CA LEU C 134 2.43 29.32 21.33
C LEU C 134 2.28 30.36 22.45
N ASN C 135 1.60 31.53 22.17
CA ASN C 135 1.31 32.56 23.19
C ASN C 135 0.11 32.21 24.11
N CYS C 136 -0.94 31.58 23.54
CA CYS C 136 -2.18 31.10 24.17
C CYS C 136 -2.72 32.02 25.28
N THR C 137 -3.24 33.17 24.87
CA THR C 137 -3.75 34.18 25.78
C THR C 137 -5.25 33.98 26.03
N ASN C 138 -5.84 34.74 26.98
CA ASN C 138 -7.26 34.66 27.35
C ASN C 138 -8.19 34.90 26.15
N ALA C 139 -9.15 33.96 25.93
CA ALA C 139 -10.17 34.01 24.90
C ALA C 139 -11.38 34.65 25.55
N THR C 140 -11.80 35.83 25.08
CA THR C 140 -12.85 36.53 25.77
C THR C 140 -14.14 36.67 24.98
N ALA C 141 -15.25 36.87 25.69
CA ALA C 141 -16.55 36.94 25.06
C ALA C 141 -17.61 37.73 25.80
N SER C 142 -18.63 38.16 25.08
CA SER C 142 -19.78 38.80 25.71
C SER C 142 -19.41 39.93 26.65
N ASN C 143 -20.04 39.97 27.81
CA ASN C 143 -19.78 41.02 28.76
C ASN C 143 -18.57 40.73 29.62
N SER C 144 -17.42 40.83 28.99
CA SER C 144 -16.10 40.57 29.58
C SER C 144 -15.99 39.21 30.25
N SER C 145 -16.50 38.18 29.61
CA SER C 145 -16.45 36.85 30.13
C SER C 145 -15.21 36.16 29.62
N ILE C 146 -14.66 35.27 30.43
CA ILE C 146 -13.51 34.51 30.01
C ILE C 146 -14.01 33.13 29.69
N ILE C 147 -13.65 32.59 28.54
CA ILE C 147 -14.15 31.28 28.19
C ILE C 147 -13.30 30.28 28.94
N GLU C 148 -13.92 29.47 29.79
CA GLU C 148 -13.18 28.58 30.67
C GLU C 148 -12.29 27.56 30.01
N GLY C 149 -12.68 27.04 28.87
CA GLY C 149 -11.91 26.02 28.19
C GLY C 149 -11.10 26.50 26.99
N MET C 150 -11.02 27.80 26.73
CA MET C 150 -10.35 28.20 25.49
C MET C 150 -9.25 29.23 25.61
N LYS C 151 -8.26 29.07 24.75
CA LYS C 151 -7.19 30.05 24.64
C LYS C 151 -6.95 30.47 23.18
N ASN C 152 -6.59 31.73 23.00
CA ASN C 152 -6.28 32.28 21.68
C ASN C 152 -4.76 32.24 21.48
N CYS C 153 -4.29 31.26 20.69
CA CYS C 153 -2.87 30.96 20.53
C CYS C 153 -2.32 31.60 19.29
N SER C 154 -1.24 32.35 19.47
CA SER C 154 -0.58 32.96 18.35
C SER C 154 0.76 32.31 18.21
N PHE C 155 1.23 32.22 16.97
CA PHE C 155 2.50 31.59 16.68
C PHE C 155 3.13 32.04 15.36
N ASN C 156 4.47 31.81 15.19
CA ASN C 156 5.22 32.10 13.97
C ASN C 156 5.34 30.83 13.10
N ILE C 157 4.57 30.79 11.98
CA ILE C 157 4.47 29.66 11.06
C ILE C 157 5.46 29.90 9.93
N THR C 158 6.08 28.83 9.44
CA THR C 158 7.06 28.98 8.38
C THR C 158 6.54 29.26 6.99
N THR C 159 5.24 29.12 6.76
CA THR C 159 4.68 29.39 5.44
C THR C 159 5.29 28.52 4.35
N GLU C 160 4.75 28.62 3.12
CA GLU C 160 5.26 27.79 2.03
C GLU C 160 6.57 28.33 1.43
N LEU C 161 6.86 29.62 1.57
CA LEU C 161 8.10 30.19 1.04
C LEU C 161 9.04 30.19 2.23
N ARG C 162 10.22 29.60 2.08
CA ARG C 162 11.10 29.33 3.21
C ARG C 162 11.76 30.51 3.91
N ASP C 163 11.70 31.68 3.31
CA ASP C 163 12.28 32.88 3.90
C ASP C 163 11.29 33.70 4.68
N LYS C 164 10.06 33.25 4.75
CA LYS C 164 9.07 34.03 5.44
C LYS C 164 8.64 33.39 6.72
N ARG C 165 8.19 34.20 7.64
CA ARG C 165 7.62 33.74 8.88
C ARG C 165 6.41 34.62 9.08
N GLU C 166 5.30 34.03 9.48
CA GLU C 166 4.13 34.87 9.69
C GLU C 166 3.42 34.59 11.00
N LYS C 167 2.87 35.65 11.56
CA LYS C 167 2.12 35.48 12.79
C LYS C 167 0.71 35.08 12.46
N LYS C 168 0.33 33.93 12.97
CA LYS C 168 -0.99 33.35 12.77
C LYS C 168 -1.59 33.08 14.11
N ASN C 169 -2.90 32.99 14.17
CA ASN C 169 -3.48 32.61 15.43
C ASN C 169 -4.73 31.79 15.23
N ALA C 170 -5.06 31.02 16.25
CA ALA C 170 -6.27 30.23 16.23
C ALA C 170 -6.78 29.98 17.64
N LEU C 171 -8.05 29.68 17.73
CA LEU C 171 -8.68 29.43 19.01
C LEU C 171 -8.67 27.92 19.30
N PHE C 172 -8.03 27.54 20.41
CA PHE C 172 -7.84 26.14 20.81
C PHE C 172 -8.39 25.75 22.17
N TYR C 173 -8.72 24.48 22.30
CA TYR C 173 -9.17 23.91 23.57
C TYR C 173 -8.00 23.64 24.48
N LYS C 174 -8.21 23.86 25.76
CA LYS C 174 -7.18 23.60 26.75
C LYS C 174 -6.74 22.15 26.80
N LEU C 175 -7.61 21.23 26.48
CA LEU C 175 -7.27 19.82 26.57
C LEU C 175 -6.18 19.40 25.60
N ASP C 176 -5.94 20.19 24.56
CA ASP C 176 -4.93 19.89 23.57
C ASP C 176 -3.63 20.65 23.80
N ILE C 177 -3.56 21.41 24.90
CA ILE C 177 -2.43 22.28 25.22
C ILE C 177 -1.74 22.01 26.57
N VAL C 178 -0.42 22.12 26.57
CA VAL C 178 0.39 21.94 27.76
C VAL C 178 1.15 23.19 28.13
N GLN C 179 1.26 23.41 29.42
CA GLN C 179 1.99 24.53 29.96
C GLN C 179 3.48 24.30 29.86
N LEU C 180 4.23 25.27 29.33
CA LEU C 180 5.67 25.08 29.35
C LEU C 180 6.13 25.77 30.61
N ASP C 181 7.17 25.25 31.26
CA ASP C 181 7.64 25.87 32.49
C ASP C 181 6.44 26.04 33.44
N GLY C 182 6.09 27.28 33.74
CA GLY C 182 4.99 27.61 34.61
C GLY C 182 5.05 29.09 34.83
N ASN C 183 3.94 29.69 35.28
CA ASN C 183 3.90 31.13 35.48
C ASN C 183 4.38 31.83 34.20
N SER C 184 3.93 31.30 33.07
CA SER C 184 4.35 31.79 31.77
C SER C 184 3.33 31.64 30.69
N SER C 185 3.42 32.55 29.75
CA SER C 185 2.59 32.58 28.56
C SER C 185 3.03 31.56 27.52
N GLN C 186 4.15 30.91 27.71
CA GLN C 186 4.54 29.96 26.68
C GLN C 186 3.85 28.62 26.85
N TYR C 187 3.20 28.21 25.77
CA TYR C 187 2.46 26.96 25.65
C TYR C 187 2.83 26.13 24.45
N ARG C 188 2.53 24.85 24.53
CA ARG C 188 2.77 23.93 23.44
C ARG C 188 1.59 23.00 23.30
N LEU C 189 1.46 22.37 22.18
CA LEU C 189 0.45 21.35 22.02
C LEU C 189 0.89 20.08 22.77
N ILE C 190 -0.07 19.20 23.12
CA ILE C 190 0.23 17.92 23.78
C ILE C 190 1.07 16.91 22.98
N ASN C 191 1.14 17.09 21.68
CA ASN C 191 1.93 16.25 20.79
C ASN C 191 3.35 16.85 20.81
N CYS C 192 4.31 16.37 19.95
CA CYS C 192 5.74 16.84 19.85
C CYS C 192 6.56 16.15 20.96
N ASN C 193 5.92 16.04 22.11
CA ASN C 193 6.37 15.33 23.31
C ASN C 193 6.58 13.83 23.00
N THR C 194 5.73 13.28 22.08
CA THR C 194 5.65 11.92 21.59
C THR C 194 5.89 11.93 20.10
N SER C 195 4.86 12.25 19.33
CA SER C 195 4.97 12.26 17.88
C SER C 195 4.12 13.31 17.19
N ALA C 196 4.21 13.35 15.86
CA ALA C 196 3.48 14.29 15.02
C ALA C 196 2.03 13.87 14.86
N ILE C 197 1.18 14.83 14.56
CA ILE C 197 -0.23 14.56 14.38
C ILE C 197 -0.60 14.61 12.92
N THR C 198 -1.30 13.61 12.44
CA THR C 198 -1.76 13.68 11.06
C THR C 198 -3.10 14.40 11.08
N GLN C 199 -3.31 15.35 10.20
CA GLN C 199 -4.60 16.02 10.19
C GLN C 199 -5.59 15.10 9.58
N ALA C 200 -6.79 15.02 10.12
CA ALA C 200 -7.72 14.14 9.47
C ALA C 200 -7.92 14.66 8.08
N CYS C 201 -8.05 13.75 7.10
CA CYS C 201 -8.27 14.10 5.71
C CYS C 201 -9.69 14.72 5.68
N PRO C 202 -9.84 15.99 5.27
CA PRO C 202 -11.05 16.78 5.35
C PRO C 202 -12.20 16.30 4.50
N LYS C 203 -11.91 15.43 3.56
CA LYS C 203 -12.94 14.93 2.68
C LYS C 203 -13.38 13.52 3.02
N VAL C 204 -12.87 12.96 4.13
CA VAL C 204 -13.22 11.59 4.46
C VAL C 204 -14.22 11.47 5.60
N SER C 205 -15.29 10.75 5.34
CA SER C 205 -16.28 10.51 6.36
C SER C 205 -15.95 9.24 7.11
N PHE C 206 -16.16 9.28 8.41
CA PHE C 206 -15.92 8.10 9.23
C PHE C 206 -17.21 7.54 9.80
N GLU C 207 -18.34 7.98 9.26
CA GLU C 207 -19.63 7.51 9.75
C GLU C 207 -19.77 6.00 9.57
N PRO C 208 -20.04 5.23 10.62
CA PRO C 208 -20.09 3.79 10.57
C PRO C 208 -21.26 3.30 9.75
N ILE C 209 -21.04 2.19 9.07
CA ILE C 209 -22.05 1.53 8.28
C ILE C 209 -21.96 0.11 8.80
N PRO C 210 -22.96 -0.74 8.67
CA PRO C 210 -22.83 -2.10 9.10
C PRO C 210 -21.88 -2.82 8.17
N ILE C 211 -21.07 -3.68 8.72
CA ILE C 211 -20.20 -4.53 7.94
C ILE C 211 -20.46 -5.97 8.27
N HIS C 212 -20.64 -6.77 7.25
CA HIS C 212 -20.92 -8.17 7.42
C HIS C 212 -19.66 -8.98 7.17
N TYR C 213 -19.15 -9.65 8.17
CA TYR C 213 -17.95 -10.42 7.90
C TYR C 213 -18.38 -11.71 7.26
N CYS C 214 -17.64 -12.18 6.22
CA CYS C 214 -17.96 -13.41 5.49
C CYS C 214 -16.81 -14.40 5.51
N ALA C 215 -17.14 -15.66 5.72
CA ALA C 215 -16.12 -16.70 5.71
C ALA C 215 -15.74 -17.03 4.26
N PRO C 216 -14.48 -17.38 3.99
CA PRO C 216 -13.97 -17.91 2.73
C PRO C 216 -14.56 -19.26 2.44
N ALA C 217 -14.57 -19.64 1.18
CA ALA C 217 -15.04 -20.97 0.88
C ALA C 217 -14.19 -21.98 1.63
N GLY C 218 -14.84 -23.01 2.17
CA GLY C 218 -14.14 -24.04 2.93
C GLY C 218 -14.34 -23.82 4.42
N PHE C 219 -14.85 -22.65 4.75
CA PHE C 219 -15.12 -22.23 6.11
C PHE C 219 -16.57 -21.82 6.26
N ALA C 220 -17.03 -21.86 7.49
CA ALA C 220 -18.39 -21.47 7.78
C ALA C 220 -18.46 -20.84 9.13
N ILE C 221 -19.51 -20.05 9.35
CA ILE C 221 -19.65 -19.42 10.64
C ILE C 221 -20.83 -20.04 11.36
N LEU C 222 -20.61 -20.50 12.56
CA LEU C 222 -21.71 -21.07 13.29
C LEU C 222 -22.26 -20.00 14.18
N LYS C 223 -23.57 -19.93 14.25
CA LYS C 223 -24.23 -18.93 15.04
C LYS C 223 -25.03 -19.57 16.19
N CYS C 224 -24.88 -19.01 17.40
CA CYS C 224 -25.57 -19.43 18.61
C CYS C 224 -26.89 -18.68 18.73
N ASN C 225 -27.99 -19.43 18.79
CA ASN C 225 -29.31 -18.81 18.88
C ASN C 225 -30.04 -18.98 20.23
N ASN C 226 -29.31 -19.32 21.32
CA ASN C 226 -29.83 -19.46 22.68
C ASN C 226 -30.00 -18.05 23.26
N LYS C 227 -31.24 -17.68 23.61
CA LYS C 227 -31.68 -16.37 24.07
C LYS C 227 -30.99 -15.91 25.36
N THR C 228 -30.51 -16.88 26.13
CA THR C 228 -29.83 -16.61 27.37
C THR C 228 -28.43 -17.21 27.35
N PHE C 229 -27.83 -17.33 26.17
CA PHE C 229 -26.50 -17.94 26.06
C PHE C 229 -25.48 -17.41 27.05
N THR C 230 -25.41 -16.10 27.20
CA THR C 230 -24.50 -15.50 28.16
C THR C 230 -23.01 -15.82 28.05
N GLY C 231 -22.36 -15.32 27.01
CA GLY C 231 -20.91 -15.37 26.88
C GLY C 231 -20.23 -16.69 26.50
N THR C 232 -20.30 -17.66 27.38
CA THR C 232 -19.61 -18.91 27.12
C THR C 232 -20.38 -20.18 27.39
N GLY C 233 -19.89 -21.26 26.80
CA GLY C 233 -20.37 -22.59 27.09
C GLY C 233 -21.11 -23.21 25.92
N PRO C 234 -21.68 -24.39 26.11
CA PRO C 234 -22.39 -25.15 25.13
C PRO C 234 -23.57 -24.32 24.71
N CYS C 235 -23.95 -24.39 23.44
CA CYS C 235 -25.09 -23.73 22.85
C CYS C 235 -25.78 -24.75 21.99
N ASN C 236 -27.05 -24.95 22.26
CA ASN C 236 -27.87 -25.85 21.50
C ASN C 236 -28.47 -24.96 20.44
N ASN C 237 -29.32 -25.49 19.54
CA ASN C 237 -30.02 -24.68 18.52
C ASN C 237 -29.06 -23.81 17.67
N VAL C 238 -27.93 -24.40 17.23
CA VAL C 238 -26.89 -23.77 16.42
C VAL C 238 -27.26 -23.77 14.95
N SER C 239 -27.07 -22.65 14.29
CA SER C 239 -27.35 -22.56 12.87
C SER C 239 -26.12 -22.16 12.10
N THR C 240 -26.09 -22.49 10.82
CA THR C 240 -24.95 -22.13 9.99
C THR C 240 -25.24 -21.00 9.05
N VAL C 241 -24.34 -20.04 9.04
CA VAL C 241 -24.44 -18.90 8.15
C VAL C 241 -23.12 -18.73 7.43
N GLN C 242 -23.11 -18.01 6.33
CA GLN C 242 -21.82 -17.71 5.67
C GLN C 242 -21.23 -16.34 6.08
N CYS C 243 -22.13 -15.35 6.38
CA CYS C 243 -21.81 -13.97 6.73
C CYS C 243 -22.52 -13.60 8.04
N THR C 244 -21.95 -12.64 8.78
CA THR C 244 -22.57 -12.15 10.00
C THR C 244 -23.72 -11.20 9.65
N HIS C 245 -24.54 -10.85 10.65
CA HIS C 245 -25.73 -10.00 10.46
C HIS C 245 -25.47 -8.55 10.14
N GLY C 246 -24.25 -8.11 10.35
CA GLY C 246 -23.85 -6.75 10.08
C GLY C 246 -23.65 -5.95 11.35
N ILE C 247 -22.41 -5.60 11.61
CA ILE C 247 -22.07 -4.87 12.81
C ILE C 247 -21.51 -3.52 12.47
N LYS C 248 -22.08 -2.49 13.07
CA LYS C 248 -21.56 -1.16 12.87
C LYS C 248 -20.30 -1.02 13.73
N PRO C 249 -19.17 -0.55 13.20
CA PRO C 249 -17.92 -0.38 13.89
C PRO C 249 -17.94 0.87 14.75
N VAL C 250 -18.75 0.81 15.78
CA VAL C 250 -18.91 1.90 16.72
C VAL C 250 -17.77 1.85 17.72
N VAL C 251 -17.21 3.04 17.97
CA VAL C 251 -16.05 3.18 18.85
C VAL C 251 -16.24 3.96 20.13
N SER C 252 -17.43 3.94 20.70
CA SER C 252 -17.63 4.63 21.97
C SER C 252 -17.10 3.82 23.13
N THR C 253 -16.95 4.46 24.27
CA THR C 253 -16.64 3.72 25.49
C THR C 253 -17.71 3.89 26.52
N GLN C 254 -17.62 3.15 27.63
CA GLN C 254 -18.57 3.19 28.76
C GLN C 254 -20.01 2.81 28.40
N LEU C 255 -20.63 3.56 27.51
CA LEU C 255 -21.95 3.28 27.03
C LEU C 255 -21.85 2.96 25.56
N LEU C 256 -22.28 1.74 25.22
CA LEU C 256 -22.22 1.26 23.87
C LEU C 256 -23.30 1.89 23.08
N LEU C 257 -23.00 2.36 21.88
CA LEU C 257 -24.04 2.99 21.10
C LEU C 257 -24.36 2.24 19.82
N ASN C 258 -25.66 2.26 19.43
CA ASN C 258 -26.24 1.76 18.19
C ASN C 258 -25.89 0.28 17.89
N GLY C 259 -25.90 -0.60 18.93
CA GLY C 259 -25.62 -2.02 18.78
C GLY C 259 -26.91 -2.79 18.62
N SER C 260 -26.79 -4.09 18.63
CA SER C 260 -27.96 -4.92 18.53
C SER C 260 -28.58 -4.91 19.89
N LEU C 261 -29.84 -5.26 19.98
CA LEU C 261 -30.49 -5.22 21.28
C LEU C 261 -30.77 -6.62 21.77
N ALA C 262 -30.69 -6.84 23.08
CA ALA C 262 -30.97 -8.17 23.60
C ALA C 262 -32.44 -8.48 23.32
N GLU C 263 -32.76 -9.72 23.00
CA GLU C 263 -34.15 -10.06 22.71
C GLU C 263 -34.96 -10.51 23.92
N GLY C 264 -34.27 -11.08 24.89
CA GLY C 264 -34.88 -11.60 26.09
C GLY C 264 -34.52 -10.72 27.26
N GLU C 265 -34.20 -11.32 28.36
CA GLU C 265 -33.85 -10.67 29.61
C GLU C 265 -32.50 -10.00 29.49
N ILE C 266 -32.22 -9.03 30.35
CA ILE C 266 -30.92 -8.39 30.29
C ILE C 266 -29.88 -9.42 30.61
N ILE C 267 -28.84 -9.48 29.79
CA ILE C 267 -27.80 -10.48 29.98
C ILE C 267 -26.55 -9.84 30.52
N ILE C 268 -26.04 -10.37 31.63
CA ILE C 268 -24.86 -9.82 32.27
C ILE C 268 -23.56 -10.04 31.47
N ARG C 269 -23.41 -11.21 30.88
CA ARG C 269 -22.26 -11.56 30.05
C ARG C 269 -20.87 -11.27 30.61
N SER C 270 -20.51 -11.82 31.74
CA SER C 270 -19.16 -11.60 32.26
C SER C 270 -18.26 -12.74 31.81
N GLU C 271 -16.94 -12.59 31.96
CA GLU C 271 -16.04 -13.73 31.71
C GLU C 271 -16.01 -14.60 32.95
N ASN C 272 -16.01 -13.93 34.07
CA ASN C 272 -15.98 -14.51 35.39
C ASN C 272 -16.67 -13.52 36.28
N ILE C 273 -17.89 -13.82 36.69
CA ILE C 273 -18.63 -12.83 37.46
C ILE C 273 -18.07 -12.68 38.86
N THR C 274 -17.61 -13.81 39.43
CA THR C 274 -17.06 -13.90 40.77
C THR C 274 -15.78 -13.11 40.97
N ASP C 275 -14.86 -13.20 40.03
CA ASP C 275 -13.60 -12.51 40.16
C ASP C 275 -13.70 -11.07 39.68
N ASN C 276 -13.46 -10.09 40.56
CA ASN C 276 -13.62 -8.69 40.20
C ASN C 276 -12.41 -8.13 39.47
N GLY C 277 -12.12 -8.73 38.33
CA GLY C 277 -10.98 -8.35 37.51
C GLY C 277 -11.29 -8.46 36.03
N LYS C 278 -12.58 -8.49 35.73
CA LYS C 278 -13.07 -8.67 34.38
C LYS C 278 -14.09 -7.63 33.99
N THR C 279 -14.20 -7.40 32.69
CA THR C 279 -15.22 -6.52 32.18
C THR C 279 -16.54 -7.24 32.22
N ILE C 280 -17.59 -6.55 32.62
CA ILE C 280 -18.93 -7.08 32.57
C ILE C 280 -19.67 -6.37 31.45
N LEU C 281 -20.16 -7.08 30.47
CA LEU C 281 -20.86 -6.38 29.41
C LEU C 281 -22.34 -6.59 29.56
N VAL C 282 -23.02 -5.59 30.10
CA VAL C 282 -24.43 -5.78 30.35
C VAL C 282 -25.15 -5.45 29.09
N HIS C 283 -25.90 -6.40 28.56
CA HIS C 283 -26.58 -6.18 27.31
C HIS C 283 -28.05 -5.96 27.58
N LEU C 284 -28.50 -4.74 27.33
CA LEU C 284 -29.85 -4.33 27.62
C LEU C 284 -30.79 -4.82 26.54
N ASN C 285 -32.08 -5.13 26.89
CA ASN C 285 -33.14 -5.53 25.96
C ASN C 285 -34.10 -4.39 25.56
N GLU C 286 -33.82 -3.14 26.02
CA GLU C 286 -34.55 -1.91 25.72
C GLU C 286 -33.48 -0.87 25.46
N SER C 287 -33.66 -0.05 24.44
CA SER C 287 -32.66 0.97 24.16
C SER C 287 -32.96 2.23 24.94
N VAL C 288 -31.92 2.89 25.42
CA VAL C 288 -32.11 4.16 26.11
C VAL C 288 -31.81 5.28 25.15
N LYS C 289 -32.71 6.24 25.03
CA LYS C 289 -32.48 7.31 24.08
C LYS C 289 -31.55 8.37 24.62
N ILE C 290 -30.51 8.68 23.87
CA ILE C 290 -29.59 9.75 24.25
C ILE C 290 -29.45 10.77 23.14
N GLU C 291 -29.54 12.04 23.50
CA GLU C 291 -29.31 13.09 22.52
C GLU C 291 -28.16 13.97 22.98
N CYS C 292 -27.24 14.30 22.04
CA CYS C 292 -26.04 15.10 22.25
C CYS C 292 -26.01 16.29 21.34
N THR C 293 -25.67 17.42 21.93
CA THR C 293 -25.63 18.68 21.24
C THR C 293 -24.40 19.51 21.47
N ARG C 294 -23.93 20.12 20.41
CA ARG C 294 -22.90 21.14 20.46
C ARG C 294 -23.52 22.40 19.89
N PRO C 295 -24.15 23.25 20.73
CA PRO C 295 -24.98 24.38 20.37
C PRO C 295 -24.22 25.62 19.97
N ASN C 296 -23.33 25.48 19.00
CA ASN C 296 -22.57 26.61 18.49
C ASN C 296 -21.96 26.32 17.11
N ASN C 297 -21.62 27.39 16.35
CA ASN C 297 -20.99 27.36 15.03
C ASN C 297 -19.51 27.76 15.11
N LYS C 298 -18.58 26.82 14.81
CA LYS C 298 -17.14 27.13 14.79
C LYS C 298 -16.79 27.67 13.41
N THR C 299 -16.24 28.87 13.35
CA THR C 299 -15.90 29.41 12.05
C THR C 299 -14.53 28.85 11.76
N ARG C 300 -14.05 28.94 10.53
CA ARG C 300 -12.74 28.39 10.28
C ARG C 300 -11.77 29.32 9.63
N THR C 301 -10.53 29.14 10.02
CA THR C 301 -9.40 29.82 9.41
C THR C 301 -8.48 28.77 8.82
N SER C 302 -8.11 28.99 7.57
CA SER C 302 -7.23 28.06 6.88
C SER C 302 -5.84 28.60 6.84
N ILE C 303 -4.93 27.90 7.48
CA ILE C 303 -3.58 28.37 7.57
C ILE C 303 -2.71 27.54 6.65
N ARG C 304 -2.13 28.18 5.65
CA ARG C 304 -1.30 27.42 4.76
C ARG C 304 -0.06 27.04 5.53
N ILE C 305 0.32 25.78 5.48
CA ILE C 305 1.51 25.36 6.19
C ILE C 305 2.57 24.77 5.28
N GLY C 306 2.23 24.59 4.00
CA GLY C 306 3.21 24.05 3.09
C GLY C 306 2.74 24.07 1.64
N PRO C 307 3.54 23.54 0.72
CA PRO C 307 3.31 23.53 -0.71
C PRO C 307 2.19 22.60 -1.11
N GLY C 308 0.97 23.08 -0.87
CA GLY C 308 -0.27 22.35 -1.13
C GLY C 308 -0.93 21.86 0.15
N GLN C 309 -0.47 22.36 1.28
CA GLN C 309 -1.03 21.93 2.56
C GLN C 309 -1.54 23.07 3.42
N ALA C 310 -2.63 22.80 4.15
CA ALA C 310 -3.18 23.76 5.08
C ALA C 310 -3.74 23.07 6.29
N PHE C 311 -3.66 23.79 7.37
CA PHE C 311 -4.14 23.43 8.67
C PHE C 311 -5.41 24.14 8.97
N TYR C 312 -6.38 23.41 9.48
CA TYR C 312 -7.62 24.08 9.80
C TYR C 312 -7.76 24.28 11.27
N ALA C 313 -8.22 25.46 11.65
CA ALA C 313 -8.40 25.74 13.05
C ALA C 313 -9.57 26.67 13.27
N THR C 314 -10.08 26.65 14.48
CA THR C 314 -11.22 27.47 14.83
C THR C 314 -10.91 28.96 14.79
N GLY C 315 -11.80 29.69 14.16
CA GLY C 315 -11.72 31.12 14.10
C GLY C 315 -12.40 31.68 15.34
N GLN C 316 -13.72 31.70 15.30
CA GLN C 316 -14.57 32.20 16.37
C GLN C 316 -15.66 31.19 16.67
N VAL C 317 -16.18 31.23 17.88
CA VAL C 317 -17.32 30.35 18.17
C VAL C 317 -18.60 31.16 18.32
N ILE C 318 -19.56 30.95 17.45
CA ILE C 318 -20.78 31.76 17.57
C ILE C 318 -21.94 30.93 18.08
N GLY C 319 -22.54 31.33 19.19
CA GLY C 319 -23.62 30.52 19.76
C GLY C 319 -23.65 30.59 21.28
N ASP C 320 -23.91 29.44 21.91
CA ASP C 320 -23.98 29.37 23.36
C ASP C 320 -22.56 29.35 23.89
N ILE C 321 -22.42 29.30 25.20
CA ILE C 321 -21.16 29.25 25.88
C ILE C 321 -20.83 27.82 26.23
N ARG C 322 -21.85 27.01 26.48
CA ARG C 322 -21.59 25.63 26.86
C ARG C 322 -20.87 24.92 25.73
N GLU C 323 -19.78 24.21 26.03
CA GLU C 323 -19.05 23.58 24.95
C GLU C 323 -19.89 22.51 24.28
N ALA C 324 -20.56 21.73 25.09
CA ALA C 324 -21.41 20.65 24.64
C ALA C 324 -22.17 20.08 25.83
N TYR C 325 -23.25 19.38 25.53
CA TYR C 325 -23.96 18.61 26.55
C TYR C 325 -24.76 17.48 25.92
N CYS C 326 -25.12 16.46 26.73
CA CYS C 326 -26.00 15.34 26.32
C CYS C 326 -27.06 15.14 27.37
N ASN C 327 -28.23 14.67 26.97
CA ASN C 327 -29.23 14.37 27.99
C ASN C 327 -30.02 13.08 27.67
N ILE C 328 -30.41 12.40 28.78
CA ILE C 328 -31.16 11.13 28.85
C ILE C 328 -32.42 11.27 29.68
N SER C 329 -33.56 10.75 29.22
CA SER C 329 -34.78 10.87 30.00
C SER C 329 -34.57 10.24 31.37
N GLU C 330 -35.10 10.88 32.41
CA GLU C 330 -34.88 10.38 33.77
C GLU C 330 -35.60 9.11 34.09
N SER C 331 -36.83 8.95 33.63
CA SER C 331 -37.53 7.75 34.00
C SER C 331 -36.93 6.56 33.30
N THR C 332 -36.47 6.78 32.08
CA THR C 332 -35.92 5.70 31.33
C THR C 332 -34.66 5.24 31.98
N TRP C 333 -33.78 6.18 32.33
CA TRP C 333 -32.54 5.78 32.94
C TRP C 333 -32.76 5.09 34.26
N ASN C 334 -33.59 5.67 35.12
CA ASN C 334 -33.76 5.09 36.43
C ASN C 334 -34.33 3.69 36.33
N GLU C 335 -35.32 3.47 35.47
CA GLU C 335 -35.86 2.14 35.36
C GLU C 335 -34.86 1.18 34.78
N THR C 336 -34.07 1.63 33.81
CA THR C 336 -33.11 0.76 33.17
C THR C 336 -32.08 0.31 34.17
N LEU C 337 -31.60 1.22 35.00
CA LEU C 337 -30.60 0.84 35.94
C LEU C 337 -31.19 -0.14 36.94
N GLY C 338 -32.45 0.10 37.33
CA GLY C 338 -33.11 -0.82 38.25
C GLY C 338 -33.21 -2.22 37.66
N LYS C 339 -33.51 -2.32 36.37
CA LYS C 339 -33.61 -3.61 35.74
C LYS C 339 -32.26 -4.32 35.75
N VAL C 340 -31.19 -3.56 35.56
CA VAL C 340 -29.89 -4.17 35.57
C VAL C 340 -29.57 -4.71 36.94
N VAL C 341 -29.86 -3.98 38.01
CA VAL C 341 -29.56 -4.53 39.32
C VAL C 341 -30.41 -5.74 39.63
N LYS C 342 -31.63 -5.78 39.12
CA LYS C 342 -32.43 -6.95 39.36
C LYS C 342 -31.69 -8.19 38.89
N GLN C 343 -30.99 -8.09 37.75
CA GLN C 343 -30.26 -9.24 37.26
C GLN C 343 -28.92 -9.39 37.97
N LEU C 344 -28.29 -8.30 38.40
CA LEU C 344 -27.03 -8.43 39.11
C LEU C 344 -27.22 -9.18 40.41
N ARG C 345 -28.37 -9.00 41.03
CA ARG C 345 -28.68 -9.65 42.30
C ARG C 345 -28.72 -11.17 42.17
N LYS C 346 -28.78 -11.70 40.96
CA LYS C 346 -28.79 -13.14 40.77
C LYS C 346 -27.38 -13.70 40.92
N HIS C 347 -26.38 -12.82 40.85
CA HIS C 347 -24.99 -13.22 40.97
C HIS C 347 -24.47 -12.71 42.30
N PHE C 348 -25.11 -11.67 42.79
CA PHE C 348 -24.76 -11.01 44.02
C PHE C 348 -25.98 -10.88 44.91
N PRO C 349 -26.45 -11.97 45.53
CA PRO C 349 -27.71 -12.07 46.25
C PRO C 349 -27.69 -11.40 47.62
N HIS C 350 -27.55 -10.09 47.59
CA HIS C 350 -27.50 -9.24 48.75
C HIS C 350 -28.14 -7.91 48.38
N LYS C 351 -29.02 -7.38 49.24
CA LYS C 351 -29.73 -6.15 48.88
C LYS C 351 -28.95 -4.87 49.18
N ASN C 352 -27.81 -4.72 48.51
CA ASN C 352 -27.00 -3.50 48.61
C ASN C 352 -26.05 -3.34 47.42
N ILE C 353 -26.56 -2.82 46.32
CA ILE C 353 -25.72 -2.54 45.15
C ILE C 353 -25.53 -1.07 44.97
N THR C 354 -24.26 -0.67 44.87
CA THR C 354 -23.93 0.73 44.72
C THR C 354 -23.26 1.05 43.40
N PHE C 355 -23.73 2.11 42.78
CA PHE C 355 -23.10 2.60 41.57
C PHE C 355 -22.39 3.87 41.89
N GLN C 356 -21.17 3.95 41.41
CA GLN C 356 -20.38 5.13 41.58
C GLN C 356 -19.78 5.55 40.25
N PRO C 357 -19.39 6.82 40.10
CA PRO C 357 -18.70 7.37 38.98
C PRO C 357 -17.38 6.69 38.77
N SER C 358 -16.86 6.86 37.58
CA SER C 358 -15.61 6.24 37.18
C SER C 358 -14.44 6.72 38.00
N SER C 359 -13.41 5.90 38.00
CA SER C 359 -12.15 6.15 38.68
C SER C 359 -11.38 7.18 37.91
N GLY C 360 -10.31 7.71 38.48
CA GLY C 360 -9.56 8.73 37.77
C GLY C 360 -8.73 8.14 36.64
N GLY C 361 -8.24 9.01 35.77
CA GLY C 361 -7.45 8.60 34.63
C GLY C 361 -7.71 9.56 33.48
N ASP C 362 -7.28 9.17 32.30
CA ASP C 362 -7.42 9.98 31.10
C ASP C 362 -8.88 10.08 30.69
N LEU C 363 -9.25 11.14 29.97
CA LEU C 363 -10.65 11.30 29.59
C LEU C 363 -11.16 10.13 28.77
N GLU C 364 -10.28 9.53 27.98
CA GLU C 364 -10.64 8.42 27.14
C GLU C 364 -11.16 7.21 27.91
N VAL C 365 -10.88 7.13 29.21
CA VAL C 365 -11.38 6.04 30.01
C VAL C 365 -12.34 6.50 31.11
N THR C 366 -12.22 7.77 31.55
CA THR C 366 -13.08 8.23 32.64
C THR C 366 -14.38 8.82 32.17
N THR C 367 -14.45 9.23 30.91
CA THR C 367 -15.65 9.84 30.36
C THR C 367 -16.25 9.00 29.25
N HIS C 368 -17.44 9.39 28.84
CA HIS C 368 -18.09 8.73 27.74
C HIS C 368 -17.56 9.33 26.48
N SER C 369 -16.63 8.63 25.86
CA SER C 369 -16.00 9.12 24.66
C SER C 369 -16.70 8.59 23.43
N PHE C 370 -17.02 9.49 22.51
CA PHE C 370 -17.64 9.11 21.25
C PHE C 370 -17.48 10.12 20.12
N ASN C 371 -17.65 9.63 18.90
CA ASN C 371 -17.65 10.43 17.68
C ASN C 371 -19.08 10.86 17.28
N CYS C 372 -19.39 12.17 17.35
CA CYS C 372 -20.69 12.76 17.06
C CYS C 372 -20.58 13.70 15.86
N GLY C 373 -20.90 13.19 14.69
CA GLY C 373 -20.86 14.02 13.50
C GLY C 373 -19.45 14.41 13.10
N GLY C 374 -18.44 13.63 13.50
CA GLY C 374 -17.07 13.97 13.22
C GLY C 374 -16.43 14.68 14.40
N GLU C 375 -17.22 15.13 15.36
CA GLU C 375 -16.70 15.81 16.52
C GLU C 375 -16.36 14.82 17.63
N PHE C 376 -15.39 15.16 18.47
CA PHE C 376 -15.05 14.24 19.57
C PHE C 376 -15.44 14.72 20.95
N PHE C 377 -16.41 14.01 21.50
CA PHE C 377 -17.01 14.29 22.79
C PHE C 377 -16.49 13.42 23.88
N TYR C 378 -16.33 14.01 25.06
CA TYR C 378 -15.92 13.35 26.31
C TYR C 378 -16.88 13.75 27.44
N CYS C 379 -18.01 13.02 27.62
CA CYS C 379 -19.10 13.39 28.52
C CYS C 379 -18.97 12.81 29.92
N ASN C 380 -19.35 13.61 30.89
CA ASN C 380 -19.29 13.23 32.30
C ASN C 380 -20.54 12.46 32.71
N THR C 381 -20.40 11.15 33.00
CA THR C 381 -21.46 10.21 33.32
C THR C 381 -21.63 10.03 34.82
N SER C 382 -20.95 10.86 35.61
CA SER C 382 -21.06 10.75 37.07
C SER C 382 -22.47 10.99 37.54
N GLY C 383 -23.26 11.69 36.74
CA GLY C 383 -24.63 11.96 37.07
C GLY C 383 -25.53 10.75 36.81
N LEU C 384 -25.02 9.75 36.11
CA LEU C 384 -25.81 8.57 35.81
C LEU C 384 -25.49 7.45 36.77
N PHE C 385 -24.22 7.26 37.02
CA PHE C 385 -23.78 6.16 37.86
C PHE C 385 -23.59 6.60 39.28
N ASN C 386 -24.67 6.99 39.90
CA ASN C 386 -24.63 7.44 41.29
C ASN C 386 -25.90 7.05 42.01
N SER C 387 -25.91 5.86 42.58
CA SER C 387 -27.11 5.36 43.24
C SER C 387 -26.85 4.19 44.16
N THR C 388 -27.80 3.90 45.04
CA THR C 388 -27.74 2.70 45.85
C THR C 388 -29.05 1.96 45.65
N TRP C 389 -29.01 0.62 45.67
CA TRP C 389 -30.14 -0.27 45.47
C TRP C 389 -30.21 -1.33 46.56
N ASP C 405 -37.50 16.18 34.26
CA ASP C 405 -37.86 15.00 33.47
C ASP C 405 -36.66 14.31 32.77
N SER C 406 -35.47 14.95 32.72
CA SER C 406 -34.25 14.42 32.08
C SER C 406 -33.00 14.88 32.80
N ILE C 407 -31.93 14.12 32.59
CA ILE C 407 -30.65 14.45 33.15
C ILE C 407 -29.72 14.96 32.10
N THR C 408 -29.08 16.09 32.39
CA THR C 408 -28.13 16.65 31.43
C THR C 408 -26.72 16.51 31.96
N LEU C 409 -25.89 15.96 31.11
CA LEU C 409 -24.50 15.71 31.38
C LEU C 409 -23.67 16.72 30.62
N PRO C 410 -22.71 17.42 31.24
CA PRO C 410 -21.85 18.35 30.58
C PRO C 410 -20.91 17.50 29.76
N CYS C 411 -20.41 18.01 28.62
CA CYS C 411 -19.46 17.31 27.76
C CYS C 411 -18.29 18.18 27.36
N ARG C 412 -17.12 17.58 27.30
CA ARG C 412 -15.95 18.29 26.83
C ARG C 412 -15.65 17.96 25.40
N ILE C 413 -15.03 18.90 24.70
CA ILE C 413 -14.62 18.72 23.32
C ILE C 413 -13.10 18.72 23.19
N LYS C 414 -12.56 17.78 22.45
CA LYS C 414 -11.10 17.70 22.29
C LYS C 414 -10.74 17.49 20.82
N GLN C 415 -9.65 18.10 20.32
CA GLN C 415 -9.26 17.92 18.93
C GLN C 415 -8.09 17.00 18.63
N ILE C 416 -7.18 16.76 19.58
CA ILE C 416 -6.05 15.87 19.24
C ILE C 416 -6.37 14.54 19.85
N ILE C 417 -6.65 13.59 18.99
CA ILE C 417 -7.20 12.34 19.42
C ILE C 417 -6.24 11.18 19.27
N ASN C 418 -6.14 10.35 20.31
CA ASN C 418 -5.31 9.16 20.28
C ASN C 418 -6.24 7.95 20.34
N MET C 419 -6.83 7.61 19.21
CA MET C 419 -7.83 6.57 19.23
C MET C 419 -7.15 5.26 19.37
N TRP C 420 -7.75 4.37 20.13
CA TRP C 420 -7.19 3.06 20.40
C TRP C 420 -5.83 3.20 21.05
N GLN C 421 -5.63 4.26 21.83
CA GLN C 421 -4.36 4.48 22.45
C GLN C 421 -3.31 4.63 21.37
N GLU C 422 -2.61 3.56 21.02
CA GLU C 422 -1.52 3.50 20.01
C GLU C 422 -0.25 4.28 20.41
N VAL C 423 -0.42 5.46 21.00
CA VAL C 423 0.59 6.33 21.60
C VAL C 423 1.51 7.02 20.60
N GLY C 424 2.08 6.25 19.68
CA GLY C 424 3.03 6.75 18.70
C GLY C 424 2.37 7.57 17.59
N ARG C 425 1.05 7.60 17.56
CA ARG C 425 0.28 8.32 16.56
C ARG C 425 -0.83 9.13 17.20
N ALA C 426 -1.24 10.17 16.49
CA ALA C 426 -2.35 11.01 16.88
C ALA C 426 -3.01 11.57 15.66
N MET C 427 -4.27 11.92 15.79
CA MET C 427 -5.01 12.54 14.72
C MET C 427 -5.59 13.89 15.14
N TYR C 428 -5.55 14.87 14.24
CA TYR C 428 -6.17 16.16 14.55
C TYR C 428 -7.48 16.30 13.87
N ALA C 429 -8.50 16.53 14.68
CA ALA C 429 -9.84 16.67 14.19
C ALA C 429 -10.09 18.13 13.83
N PRO C 430 -10.30 18.47 12.54
CA PRO C 430 -10.52 19.80 12.08
C PRO C 430 -11.80 20.24 12.72
N PRO C 431 -12.02 21.52 12.95
CA PRO C 431 -13.23 22.06 13.47
C PRO C 431 -14.31 21.87 12.46
N ILE C 432 -15.51 21.67 12.93
CA ILE C 432 -16.66 21.51 12.08
C ILE C 432 -17.59 22.70 12.16
N GLN C 433 -17.85 23.28 11.00
CA GLN C 433 -18.73 24.44 10.87
C GLN C 433 -20.16 24.02 11.10
N GLY C 434 -20.97 24.92 11.63
CA GLY C 434 -22.37 24.60 11.89
C GLY C 434 -22.46 24.02 13.28
N ASN C 435 -23.70 23.86 13.80
CA ASN C 435 -23.95 23.25 15.11
C ASN C 435 -24.24 21.76 14.88
N ILE C 436 -23.92 20.91 15.89
CA ILE C 436 -24.10 19.45 15.79
C ILE C 436 -25.04 18.84 16.77
N THR C 437 -25.95 18.05 16.24
CA THR C 437 -26.84 17.26 17.06
C THR C 437 -26.76 15.80 16.62
N CYS C 438 -26.73 14.87 17.59
CA CYS C 438 -26.71 13.43 17.40
C CYS C 438 -27.76 12.79 18.29
N VAL C 439 -28.42 11.81 17.74
CA VAL C 439 -29.34 11.01 18.51
C VAL C 439 -28.86 9.60 18.39
N SER C 440 -28.81 8.90 19.49
CA SER C 440 -28.34 7.52 19.44
C SER C 440 -29.00 6.61 20.48
N ASN C 441 -28.85 5.29 20.25
CA ASN C 441 -29.36 4.21 21.09
C ASN C 441 -28.29 3.72 22.06
N ILE C 442 -28.55 3.75 23.40
CA ILE C 442 -27.60 3.14 24.35
C ILE C 442 -28.06 1.71 24.44
N THR C 443 -27.20 0.81 24.03
CA THR C 443 -27.49 -0.59 23.91
C THR C 443 -26.45 -1.39 24.61
N GLY C 444 -26.44 -1.34 25.91
CA GLY C 444 -25.45 -2.04 26.68
C GLY C 444 -24.50 -1.11 27.43
N LEU C 445 -24.19 -1.53 28.63
CA LEU C 445 -23.35 -0.77 29.53
C LEU C 445 -22.07 -1.52 29.81
N ILE C 446 -20.96 -0.82 29.94
CA ILE C 446 -19.77 -1.51 30.34
C ILE C 446 -19.47 -1.25 31.78
N LEU C 447 -19.48 -2.28 32.58
CA LEU C 447 -19.24 -2.13 33.99
C LEU C 447 -18.06 -2.91 34.45
N THR C 448 -17.42 -2.41 35.49
CA THR C 448 -16.41 -3.18 36.16
C THR C 448 -16.86 -3.25 37.60
N ARG C 449 -16.43 -4.27 38.32
CA ARG C 449 -16.83 -4.37 39.71
C ARG C 449 -15.63 -4.08 40.60
N ASP C 450 -15.86 -3.26 41.65
CA ASP C 450 -14.88 -2.82 42.64
C ASP C 450 -14.97 -3.69 43.89
N ASN C 455 -20.83 -8.84 49.21
CA ASN C 455 -22.20 -8.49 49.57
C ASN C 455 -22.52 -7.06 49.09
N THR C 456 -21.93 -6.04 49.76
CA THR C 456 -22.15 -4.61 49.49
C THR C 456 -21.25 -4.17 48.35
N GLU C 457 -21.55 -4.70 47.17
CA GLU C 457 -20.76 -4.51 45.96
C GLU C 457 -20.94 -3.14 45.34
N THR C 458 -19.86 -2.63 44.76
CA THR C 458 -19.88 -1.36 44.04
C THR C 458 -19.44 -1.55 42.60
N PHE C 459 -20.21 -0.97 41.70
CA PHE C 459 -19.94 -1.03 40.28
C PHE C 459 -19.61 0.34 39.74
N ARG C 460 -18.74 0.37 38.74
CA ARG C 460 -18.38 1.63 38.12
C ARG C 460 -18.45 1.51 36.61
N PRO C 461 -18.71 2.60 35.89
CA PRO C 461 -18.71 2.68 34.44
C PRO C 461 -17.30 2.77 33.93
N GLY C 462 -16.58 1.69 34.13
CA GLY C 462 -15.19 1.54 33.70
C GLY C 462 -15.19 0.76 32.41
N GLY C 463 -14.10 0.07 32.11
CA GLY C 463 -14.08 -0.68 30.87
C GLY C 463 -12.70 -1.13 30.48
N GLY C 464 -12.64 -1.87 29.38
CA GLY C 464 -11.41 -2.41 28.83
C GLY C 464 -11.06 -1.61 27.58
N ASP C 465 -10.40 -2.27 26.63
CA ASP C 465 -10.01 -1.57 25.43
C ASP C 465 -11.16 -1.73 24.44
N MET C 466 -10.96 -1.28 23.23
CA MET C 466 -12.03 -1.25 22.26
C MET C 466 -12.53 -2.61 21.82
N ARG C 467 -11.79 -3.67 22.11
CA ARG C 467 -12.21 -4.98 21.70
C ARG C 467 -13.53 -5.34 22.36
N ASP C 468 -13.78 -4.82 23.56
CA ASP C 468 -14.99 -5.15 24.28
C ASP C 468 -16.24 -4.69 23.53
N ASN C 469 -16.12 -3.65 22.69
CA ASN C 469 -17.30 -3.19 21.98
C ASN C 469 -17.72 -4.16 20.92
N TRP C 470 -16.78 -4.98 20.47
CA TRP C 470 -17.09 -5.87 19.40
C TRP C 470 -17.40 -7.22 19.98
N ARG C 471 -16.86 -7.50 21.17
CA ARG C 471 -17.19 -8.77 21.82
C ARG C 471 -18.66 -8.79 22.09
N SER C 472 -19.23 -7.64 22.39
CA SER C 472 -20.63 -7.51 22.67
C SER C 472 -21.53 -7.80 21.46
N GLU C 473 -20.99 -7.80 20.24
CA GLU C 473 -21.78 -8.07 19.04
C GLU C 473 -21.44 -9.40 18.36
N LEU C 474 -20.19 -9.78 18.41
CA LEU C 474 -19.69 -10.99 17.77
C LEU C 474 -19.81 -12.21 18.63
N TYR C 475 -20.41 -12.05 19.79
CA TYR C 475 -20.55 -13.11 20.78
C TYR C 475 -21.29 -14.32 20.30
N LYS C 476 -22.14 -14.18 19.30
CA LYS C 476 -22.88 -15.33 18.86
C LYS C 476 -22.22 -16.04 17.70
N TYR C 477 -21.07 -15.56 17.23
CA TYR C 477 -20.49 -16.22 16.06
C TYR C 477 -19.18 -16.94 16.31
N LYS C 478 -19.01 -18.08 15.66
CA LYS C 478 -17.75 -18.82 15.73
C LYS C 478 -17.31 -19.29 14.35
N VAL C 479 -16.00 -19.27 14.09
CA VAL C 479 -15.50 -19.75 12.80
C VAL C 479 -14.98 -21.16 12.85
N VAL C 480 -15.45 -21.99 11.91
CA VAL C 480 -14.99 -23.36 11.84
C VAL C 480 -14.56 -23.69 10.42
N LYS C 481 -13.72 -24.71 10.29
CA LYS C 481 -13.27 -25.20 8.99
C LYS C 481 -14.01 -26.47 8.67
N ILE C 482 -14.37 -26.62 7.40
CA ILE C 482 -15.08 -27.81 6.97
C ILE C 482 -14.10 -28.86 6.49
N GLU C 483 -14.26 -30.09 6.96
CA GLU C 483 -13.39 -31.21 6.61
C GLU C 483 -14.19 -32.33 5.95
N PRO C 484 -14.42 -32.29 4.63
CA PRO C 484 -15.31 -33.17 3.89
C PRO C 484 -14.87 -34.62 3.75
N LEU C 485 -13.62 -34.94 4.04
CA LEU C 485 -13.19 -36.33 3.92
C LEU C 485 -13.23 -37.10 5.21
N GLY C 486 -13.58 -38.36 5.11
CA GLY C 486 -13.52 -39.22 6.27
C GLY C 486 -13.71 -40.67 5.86
N VAL C 487 -13.50 -41.56 6.82
CA VAL C 487 -13.64 -42.97 6.55
C VAL C 487 -14.47 -43.64 7.62
N ALA C 488 -15.02 -44.79 7.27
CA ALA C 488 -15.78 -45.63 8.19
C ALA C 488 -15.77 -47.05 7.61
N PRO C 489 -15.97 -48.11 8.40
CA PRO C 489 -16.05 -49.47 7.93
C PRO C 489 -17.35 -49.76 7.22
N THR C 490 -17.28 -50.66 6.25
CA THR C 490 -18.42 -51.20 5.54
C THR C 490 -18.39 -52.69 5.33
N ALA C 491 -19.47 -53.19 4.79
CA ALA C 491 -19.54 -54.60 4.43
C ALA C 491 -18.90 -54.94 3.07
N CYS C 492 -18.82 -53.96 2.14
CA CYS C 492 -18.36 -54.11 0.77
C CYS C 492 -16.88 -53.81 0.56
N LYS C 493 -16.20 -54.76 -0.07
CA LYS C 493 -14.81 -54.62 -0.48
C LYS C 493 -14.83 -54.05 -1.88
N ARG C 494 -13.80 -53.30 -2.26
CA ARG C 494 -13.76 -52.81 -3.63
C ARG C 494 -13.85 -53.90 -4.64
N ARG C 495 -14.70 -53.70 -5.63
CA ARG C 495 -14.86 -54.62 -6.73
C ARG C 495 -13.79 -54.31 -7.74
N VAL C 496 -12.97 -55.28 -8.07
CA VAL C 496 -11.92 -55.05 -9.03
C VAL C 496 -12.16 -55.95 -10.24
N VAL C 497 -12.34 -55.33 -11.42
CA VAL C 497 -12.64 -56.01 -12.69
C VAL C 497 -11.33 -56.23 -13.43
N GLY D 10 -29.13 -28.05 4.82
CA GLY D 10 -28.51 -27.93 3.52
C GLY D 10 -27.02 -28.25 3.60
N PHE D 11 -26.15 -27.21 3.59
CA PHE D 11 -24.68 -27.29 3.57
C PHE D 11 -24.11 -28.22 4.64
N LEU D 12 -24.59 -28.07 5.87
CA LEU D 12 -24.25 -28.95 6.98
C LEU D 12 -25.53 -29.59 7.48
N GLY D 13 -26.47 -29.77 6.58
CA GLY D 13 -27.72 -30.35 6.99
C GLY D 13 -27.41 -31.72 7.45
N ALA D 14 -28.17 -32.18 8.42
CA ALA D 14 -28.03 -33.49 9.03
C ALA D 14 -26.70 -33.68 9.73
N ALA D 15 -26.00 -32.59 10.09
CA ALA D 15 -24.76 -32.75 10.83
C ALA D 15 -24.96 -33.50 12.15
N GLY D 16 -26.09 -33.33 12.80
CA GLY D 16 -26.33 -34.01 14.07
C GLY D 16 -27.03 -35.38 13.90
N SER D 17 -27.25 -35.79 12.68
CA SER D 17 -27.93 -37.04 12.38
C SER D 17 -26.93 -38.16 12.39
N THR D 18 -27.40 -39.40 12.38
CA THR D 18 -26.46 -40.49 12.42
C THR D 18 -25.75 -40.56 11.09
N MET D 19 -24.63 -41.27 11.07
CA MET D 19 -23.85 -41.32 9.86
C MET D 19 -24.60 -41.96 8.74
N GLY D 20 -25.40 -42.97 9.06
CA GLY D 20 -26.17 -43.62 8.03
C GLY D 20 -27.14 -42.61 7.47
N ALA D 21 -27.89 -41.94 8.33
CA ALA D 21 -28.89 -40.99 7.87
C ALA D 21 -28.27 -39.86 7.08
N ALA D 22 -27.10 -39.45 7.50
CA ALA D 22 -26.41 -38.32 6.93
C ALA D 22 -25.80 -38.65 5.59
N SER D 23 -25.83 -39.92 5.17
CA SER D 23 -25.23 -40.26 3.91
C SER D 23 -26.02 -39.61 2.78
N MET D 24 -27.27 -39.24 3.08
CA MET D 24 -28.17 -38.64 2.13
C MET D 24 -27.75 -37.25 1.69
N THR D 25 -26.88 -36.61 2.45
CA THR D 25 -26.46 -35.25 2.12
C THR D 25 -25.04 -35.22 1.57
N LEU D 26 -24.44 -36.37 1.28
CA LEU D 26 -23.07 -36.36 0.77
C LEU D 26 -22.99 -35.67 -0.59
N THR D 27 -24.07 -35.69 -1.34
CA THR D 27 -24.11 -35.04 -2.65
C THR D 27 -24.10 -33.49 -2.60
N VAL D 28 -24.30 -32.86 -1.40
CA VAL D 28 -24.34 -31.42 -1.18
C VAL D 28 -22.88 -30.91 -1.25
N ASP D 57 -4.86 -0.08 -0.40
CA ASP D 57 -5.25 -1.28 -1.14
C ASP D 57 -4.25 -2.45 -1.02
N THR D 58 -2.96 -2.18 -0.70
CA THR D 58 -1.89 -3.20 -0.64
C THR D 58 -2.14 -4.30 0.38
N HIS D 59 -2.59 -3.95 1.58
CA HIS D 59 -2.81 -4.98 2.58
C HIS D 59 -4.08 -5.75 2.28
N TRP D 60 -5.05 -5.08 1.68
CA TRP D 60 -6.29 -5.72 1.31
C TRP D 60 -5.96 -6.72 0.24
N GLY D 61 -5.05 -6.32 -0.66
CA GLY D 61 -4.59 -7.13 -1.76
C GLY D 61 -3.92 -8.39 -1.24
N ILE D 62 -3.03 -8.24 -0.25
CA ILE D 62 -2.38 -9.41 0.29
C ILE D 62 -3.38 -10.32 0.97
N LYS D 63 -4.32 -9.80 1.76
CA LYS D 63 -5.25 -10.71 2.37
C LYS D 63 -6.08 -11.47 1.35
N GLN D 64 -6.48 -10.77 0.28
CA GLN D 64 -7.28 -11.41 -0.74
C GLN D 64 -6.48 -12.47 -1.47
N LEU D 65 -5.21 -12.20 -1.75
CA LEU D 65 -4.39 -13.19 -2.40
C LEU D 65 -4.17 -14.36 -1.48
N GLN D 66 -3.97 -14.12 -0.19
CA GLN D 66 -3.76 -15.24 0.69
C GLN D 66 -5.00 -16.09 0.77
N ALA D 67 -6.17 -15.47 0.80
CA ALA D 67 -7.40 -16.25 0.87
C ALA D 67 -7.60 -17.08 -0.38
N ARG D 68 -7.27 -16.51 -1.53
CA ARG D 68 -7.46 -17.25 -2.77
C ARG D 68 -6.47 -18.38 -2.90
N VAL D 69 -5.22 -18.13 -2.54
CA VAL D 69 -4.22 -19.15 -2.65
C VAL D 69 -4.53 -20.27 -1.70
N LEU D 70 -4.94 -19.93 -0.49
CA LEU D 70 -5.24 -20.96 0.47
C LEU D 70 -6.40 -21.82 0.01
N ALA D 71 -7.45 -21.21 -0.56
CA ALA D 71 -8.57 -21.99 -1.02
C ALA D 71 -8.15 -22.97 -2.10
N VAL D 72 -7.27 -22.53 -2.99
CA VAL D 72 -6.80 -23.41 -4.04
C VAL D 72 -6.01 -24.54 -3.46
N GLU D 73 -5.12 -24.25 -2.52
CA GLU D 73 -4.32 -25.28 -1.94
C GLU D 73 -5.17 -26.33 -1.24
N HIS D 74 -6.23 -25.91 -0.56
CA HIS D 74 -7.06 -26.91 0.11
C HIS D 74 -7.79 -27.75 -0.91
N TYR D 75 -8.29 -27.13 -1.97
CA TYR D 75 -8.98 -27.88 -2.98
C TYR D 75 -8.08 -28.94 -3.56
N LEU D 76 -6.87 -28.53 -3.95
CA LEU D 76 -5.98 -29.46 -4.58
C LEU D 76 -5.54 -30.54 -3.64
N ARG D 77 -5.35 -30.25 -2.36
CA ARG D 77 -4.93 -31.31 -1.46
C ARG D 77 -5.99 -32.40 -1.40
N ASP D 78 -7.27 -32.02 -1.34
CA ASP D 78 -8.28 -33.06 -1.26
C ASP D 78 -8.41 -33.82 -2.55
N GLN D 79 -8.27 -33.12 -3.68
CA GLN D 79 -8.40 -33.85 -4.92
C GLN D 79 -7.23 -34.76 -5.13
N GLN D 80 -6.04 -34.33 -4.71
CA GLN D 80 -4.87 -35.14 -4.86
C GLN D 80 -5.02 -36.39 -4.05
N LEU D 81 -5.55 -36.27 -2.85
CA LEU D 81 -5.67 -37.40 -1.99
C LEU D 81 -6.71 -38.39 -2.53
N LEU D 82 -7.83 -37.91 -3.07
CA LEU D 82 -8.77 -38.86 -3.63
C LEU D 82 -8.17 -39.52 -4.85
N GLY D 83 -7.39 -38.77 -5.61
CA GLY D 83 -6.75 -39.32 -6.78
C GLY D 83 -5.78 -40.45 -6.42
N ILE D 84 -4.90 -40.19 -5.47
CA ILE D 84 -3.88 -41.17 -5.10
C ILE D 84 -4.48 -42.44 -4.52
N TRP D 85 -5.67 -42.36 -3.92
CA TRP D 85 -6.37 -43.52 -3.39
C TRP D 85 -7.23 -44.25 -4.41
N GLY D 86 -7.33 -43.71 -5.62
CA GLY D 86 -8.19 -44.29 -6.64
C GLY D 86 -9.71 -43.98 -6.48
N CYS D 87 -10.07 -42.86 -5.82
CA CYS D 87 -11.42 -42.43 -5.52
C CYS D 87 -11.77 -41.16 -6.29
N SER D 88 -11.02 -40.89 -7.35
CA SER D 88 -11.28 -39.68 -8.10
C SER D 88 -12.66 -39.68 -8.70
N GLY D 89 -13.35 -38.57 -8.50
CA GLY D 89 -14.68 -38.39 -9.05
C GLY D 89 -15.81 -39.03 -8.27
N LYS D 90 -15.52 -39.67 -7.14
CA LYS D 90 -16.58 -40.34 -6.41
C LYS D 90 -16.88 -39.75 -5.06
N LEU D 91 -18.12 -39.88 -4.62
CA LEU D 91 -18.47 -39.46 -3.28
C LEU D 91 -18.37 -40.65 -2.35
N ILE D 92 -18.68 -41.82 -2.89
CA ILE D 92 -18.61 -43.06 -2.14
C ILE D 92 -17.56 -43.89 -2.84
N CYS D 93 -16.52 -44.34 -2.12
CA CYS D 93 -15.43 -45.14 -2.67
C CYS D 93 -15.03 -46.23 -1.72
N THR D 94 -14.92 -47.44 -2.23
CA THR D 94 -14.50 -48.53 -1.39
C THR D 94 -13.11 -48.94 -1.82
N THR D 95 -12.38 -49.53 -0.89
CA THR D 95 -11.03 -50.01 -1.13
C THR D 95 -10.81 -51.44 -0.73
N ASN D 96 -9.56 -51.88 -0.89
CA ASN D 96 -9.15 -53.23 -0.54
C ASN D 96 -8.42 -53.31 0.79
N VAL D 97 -8.43 -52.23 1.52
CA VAL D 97 -7.83 -52.17 2.83
C VAL D 97 -8.90 -52.58 3.82
N PRO D 98 -8.67 -53.58 4.65
CA PRO D 98 -9.59 -54.05 5.66
C PRO D 98 -9.58 -53.08 6.79
N TRP D 99 -10.65 -53.03 7.52
CA TRP D 99 -10.72 -52.24 8.72
C TRP D 99 -10.03 -53.08 9.79
N ASN D 100 -9.13 -52.48 10.60
CA ASN D 100 -8.43 -53.16 11.69
C ASN D 100 -9.38 -53.27 12.90
N SER D 101 -9.23 -54.35 13.68
CA SER D 101 -10.03 -54.63 14.87
C SER D 101 -9.79 -53.66 16.00
N THR D 102 -8.70 -52.92 15.91
CA THR D 102 -8.32 -51.96 16.93
C THR D 102 -8.90 -50.58 16.65
N TRP D 103 -9.47 -50.40 15.48
CA TRP D 103 -9.98 -49.08 15.10
C TRP D 103 -11.40 -48.92 15.59
N SER D 104 -11.50 -48.72 16.90
CA SER D 104 -12.71 -48.59 17.73
C SER D 104 -13.39 -49.90 18.19
N ASN D 105 -13.16 -51.04 17.50
CA ASN D 105 -13.67 -52.40 17.78
C ASN D 105 -15.20 -52.45 17.97
N LYS D 106 -15.95 -51.68 17.14
CA LYS D 106 -17.42 -51.56 17.15
C LYS D 106 -18.03 -52.31 16.00
N THR D 107 -19.33 -52.56 16.10
CA THR D 107 -20.09 -53.21 15.05
C THR D 107 -20.77 -52.23 14.14
N LEU D 108 -21.00 -52.64 12.91
CA LEU D 108 -21.63 -51.76 11.93
C LEU D 108 -23.01 -51.37 12.39
N SER D 109 -23.68 -52.27 13.12
CA SER D 109 -25.03 -51.99 13.57
C SER D 109 -25.10 -50.85 14.59
N GLU D 110 -23.97 -50.47 15.18
CA GLU D 110 -23.95 -49.35 16.09
C GLU D 110 -23.24 -48.17 15.44
N ILE D 111 -22.26 -48.45 14.62
CA ILE D 111 -21.48 -47.38 14.02
C ILE D 111 -22.31 -46.53 13.10
N TRP D 112 -23.06 -47.16 12.22
CA TRP D 112 -23.82 -46.38 11.28
C TRP D 112 -25.13 -45.84 11.80
N ASP D 113 -25.72 -46.56 12.74
CA ASP D 113 -27.01 -46.18 13.29
C ASP D 113 -27.02 -45.40 14.60
N ASN D 114 -25.99 -45.54 15.46
CA ASN D 114 -26.04 -44.87 16.75
C ASN D 114 -24.94 -43.81 16.93
N MET D 115 -24.35 -43.34 15.84
CA MET D 115 -23.31 -42.31 15.89
C MET D 115 -23.45 -41.33 14.76
N THR D 116 -23.05 -40.08 15.01
CA THR D 116 -23.02 -39.01 14.02
C THR D 116 -21.64 -38.93 13.40
N TRP D 117 -21.47 -38.18 12.31
CA TRP D 117 -20.15 -38.08 11.73
C TRP D 117 -19.18 -37.31 12.61
N LEU D 118 -19.68 -36.37 13.39
CA LEU D 118 -18.80 -35.61 14.26
C LEU D 118 -18.24 -36.55 15.32
N GLN D 119 -19.09 -37.42 15.84
CA GLN D 119 -18.67 -38.34 16.88
C GLN D 119 -17.72 -39.36 16.34
N TRP D 120 -18.01 -39.85 15.15
CA TRP D 120 -17.19 -40.84 14.54
C TRP D 120 -15.82 -40.30 14.27
N ASP D 121 -15.76 -39.10 13.72
CA ASP D 121 -14.47 -38.54 13.42
C ASP D 121 -13.64 -38.44 14.67
N LYS D 122 -14.24 -38.06 15.79
CA LYS D 122 -13.46 -38.01 17.00
C LYS D 122 -13.03 -39.42 17.44
N GLU D 123 -13.94 -40.38 17.35
CA GLU D 123 -13.72 -41.74 17.83
C GLU D 123 -12.51 -42.42 17.19
N ILE D 124 -12.27 -42.15 15.92
CA ILE D 124 -11.13 -42.78 15.28
C ILE D 124 -10.07 -41.80 14.80
N SER D 125 -10.03 -40.60 15.35
CA SER D 125 -9.07 -39.62 14.84
C SER D 125 -7.59 -40.01 14.92
N ASN D 126 -7.18 -40.88 15.87
CA ASN D 126 -5.79 -41.30 16.07
C ASN D 126 -5.29 -42.29 15.00
N TYR D 127 -6.18 -42.77 14.09
CA TYR D 127 -5.86 -43.71 13.03
C TYR D 127 -5.88 -43.03 11.69
N THR D 128 -6.01 -41.70 11.67
CA THR D 128 -6.14 -41.01 10.40
C THR D 128 -4.98 -41.24 9.46
N GLN D 129 -3.76 -41.11 9.97
CA GLN D 129 -2.64 -41.24 9.07
C GLN D 129 -2.36 -42.69 8.72
N ILE D 130 -2.71 -43.58 9.63
CA ILE D 130 -2.47 -44.98 9.36
C ILE D 130 -3.36 -45.40 8.22
N ILE D 131 -4.62 -45.01 8.29
CA ILE D 131 -5.53 -45.40 7.25
C ILE D 131 -5.14 -44.78 5.95
N TYR D 132 -4.77 -43.50 5.96
CA TYR D 132 -4.41 -42.91 4.70
C TYR D 132 -3.22 -43.60 4.08
N GLY D 133 -2.23 -43.96 4.88
CA GLY D 133 -1.07 -44.63 4.32
C GLY D 133 -1.45 -45.97 3.70
N LEU D 134 -2.33 -46.71 4.35
CA LEU D 134 -2.74 -47.99 3.83
C LEU D 134 -3.49 -47.84 2.54
N LEU D 135 -4.32 -46.81 2.44
CA LEU D 135 -5.07 -46.61 1.21
C LEU D 135 -4.14 -46.32 0.06
N GLU D 136 -3.09 -45.53 0.30
CA GLU D 136 -2.13 -45.22 -0.75
C GLU D 136 -1.38 -46.45 -1.19
N GLU D 137 -1.02 -47.30 -0.23
CA GLU D 137 -0.27 -48.49 -0.56
C GLU D 137 -1.10 -49.44 -1.38
N SER D 138 -2.36 -49.60 -1.01
CA SER D 138 -3.18 -50.52 -1.76
C SER D 138 -3.35 -50.06 -3.18
N GLN D 139 -3.59 -48.77 -3.37
CA GLN D 139 -3.79 -48.29 -4.72
C GLN D 139 -2.55 -48.42 -5.55
N ASN D 140 -1.39 -48.19 -4.94
CA ASN D 140 -0.17 -48.28 -5.72
C ASN D 140 0.10 -49.72 -6.10
N GLN D 141 -0.21 -50.66 -5.21
CA GLN D 141 0.00 -52.05 -5.55
C GLN D 141 -0.93 -52.47 -6.68
N GLN D 142 -2.17 -51.97 -6.66
CA GLN D 142 -3.08 -52.31 -7.73
C GLN D 142 -2.53 -51.81 -9.04
N GLU D 143 -2.03 -50.57 -9.05
CA GLU D 143 -1.50 -50.03 -10.29
C GLU D 143 -0.30 -50.82 -10.76
N LYS D 144 0.56 -51.24 -9.85
CA LYS D 144 1.69 -52.05 -10.27
C LYS D 144 1.24 -53.38 -10.90
N ASN D 145 0.21 -54.07 -10.31
CA ASN D 145 -0.33 -55.34 -10.81
C ASN D 145 -0.83 -55.22 -12.27
N GLU D 146 -1.44 -54.06 -12.61
CA GLU D 146 -2.01 -53.74 -13.92
C GLU D 146 -0.99 -53.62 -15.04
N THR D 147 0.29 -53.43 -14.71
CA THR D 147 1.30 -53.30 -15.75
C THR D 147 2.33 -54.40 -15.65
N ASP D 148 1.98 -55.50 -14.99
CA ASP D 148 2.94 -56.58 -14.83
C ASP D 148 3.24 -57.21 -16.18
N ASN D 149 4.38 -57.89 -16.27
CA ASN D 149 4.79 -58.56 -17.50
C ASN D 149 3.99 -59.83 -17.61
N LEU D 150 3.61 -60.35 -16.44
CA LEU D 150 2.79 -61.53 -16.34
C LEU D 150 1.39 -61.01 -16.53
N THR D 151 0.46 -61.86 -16.96
CA THR D 151 -0.90 -61.40 -17.22
C THR D 151 -0.83 -60.09 -18.06
N CYS D 152 -1.76 -59.12 -17.86
CA CYS D 152 -1.85 -57.82 -18.57
C CYS D 152 -2.14 -58.02 -20.06
N ASP D 153 -1.17 -58.57 -20.78
CA ASP D 153 -1.30 -58.85 -22.19
C ASP D 153 -2.62 -59.61 -22.42
N GLU E 37 -36.98 -36.22 -28.73
CA GLU E 37 -36.58 -37.61 -28.53
C GLU E 37 -35.20 -37.94 -29.18
N ASN E 38 -34.84 -37.23 -30.27
CA ASN E 38 -33.58 -37.36 -31.01
C ASN E 38 -32.77 -36.08 -30.95
N LEU E 39 -33.07 -35.23 -29.99
CA LEU E 39 -32.33 -33.99 -29.83
C LEU E 39 -31.73 -33.97 -28.43
N TRP E 40 -30.43 -34.18 -28.33
CA TRP E 40 -29.74 -34.29 -27.04
C TRP E 40 -28.53 -33.39 -26.91
N VAL E 41 -28.21 -32.99 -25.69
CA VAL E 41 -27.07 -32.14 -25.40
C VAL E 41 -25.72 -32.87 -25.35
N THR E 42 -24.72 -32.27 -26.01
CA THR E 42 -23.35 -32.75 -25.94
C THR E 42 -22.47 -31.62 -25.45
N VAL E 43 -21.62 -31.91 -24.49
CA VAL E 43 -20.73 -30.92 -23.91
C VAL E 43 -19.38 -30.93 -24.56
N TYR E 44 -18.89 -29.76 -24.97
CA TYR E 44 -17.58 -29.65 -25.61
C TYR E 44 -16.63 -28.72 -24.88
N TYR E 45 -15.36 -29.10 -24.82
CA TYR E 45 -14.36 -28.24 -24.23
C TYR E 45 -13.22 -27.85 -25.18
N GLY E 46 -12.96 -26.55 -25.23
CA GLY E 46 -11.87 -25.98 -26.03
C GLY E 46 -12.34 -25.35 -27.34
N VAL E 47 -13.64 -25.11 -27.47
CA VAL E 47 -14.17 -24.57 -28.70
C VAL E 47 -13.71 -23.12 -28.84
N PRO E 48 -13.17 -22.69 -29.99
CA PRO E 48 -12.69 -21.33 -30.21
C PRO E 48 -13.76 -20.26 -30.16
N VAL E 49 -14.10 -19.89 -28.94
CA VAL E 49 -15.09 -18.86 -28.65
C VAL E 49 -14.43 -17.80 -27.80
N TRP E 50 -14.71 -16.54 -28.08
CA TRP E 50 -14.12 -15.49 -27.29
C TRP E 50 -15.11 -14.38 -27.02
N LYS E 51 -14.85 -13.65 -25.95
CA LYS E 51 -15.65 -12.50 -25.57
C LYS E 51 -14.83 -11.27 -25.26
N ASP E 52 -15.41 -10.10 -25.47
CA ASP E 52 -14.71 -8.88 -25.14
C ASP E 52 -14.36 -8.90 -23.68
N ALA E 53 -13.14 -8.52 -23.33
CA ALA E 53 -12.80 -8.55 -21.93
C ALA E 53 -11.75 -7.56 -21.54
N GLU E 54 -11.74 -7.19 -20.28
CA GLU E 54 -10.73 -6.27 -19.79
C GLU E 54 -9.86 -6.94 -18.75
N THR E 55 -8.60 -7.05 -19.07
CA THR E 55 -7.62 -7.64 -18.18
C THR E 55 -6.36 -6.84 -18.18
N THR E 56 -5.40 -7.29 -17.42
CA THR E 56 -4.13 -6.62 -17.34
C THR E 56 -3.15 -7.26 -18.30
N LEU E 57 -2.56 -6.47 -19.17
CA LEU E 57 -1.57 -6.99 -20.11
C LEU E 57 -0.21 -6.69 -19.55
N PHE E 58 0.80 -7.40 -20.00
CA PHE E 58 2.12 -7.11 -19.50
C PHE E 58 3.03 -6.65 -20.64
N CYS E 59 4.12 -5.94 -20.28
CA CYS E 59 5.13 -5.45 -21.22
C CYS E 59 6.08 -6.56 -21.67
N ALA E 60 6.56 -6.39 -22.89
CA ALA E 60 7.68 -7.16 -23.37
C ALA E 60 8.53 -6.24 -24.28
N SER E 61 9.87 -6.36 -24.23
CA SER E 61 10.84 -5.56 -24.98
C SER E 61 12.01 -6.43 -25.43
N HIS E 71 19.98 1.16 -17.79
CA HIS E 71 20.38 2.53 -18.14
C HIS E 71 19.19 3.50 -18.44
N ASN E 72 17.95 2.97 -18.59
CA ASN E 72 16.72 3.75 -18.82
C ASN E 72 15.60 3.11 -18.03
N VAL E 73 14.56 3.90 -17.78
CA VAL E 73 13.45 3.41 -16.96
C VAL E 73 12.59 2.37 -17.65
N TRP E 74 12.41 2.52 -18.94
CA TRP E 74 11.55 1.62 -19.61
C TRP E 74 12.10 0.23 -19.67
N ALA E 75 13.38 0.11 -19.94
CA ALA E 75 14.03 -1.17 -20.00
C ALA E 75 14.08 -1.80 -18.63
N THR E 76 14.23 -0.98 -17.60
CA THR E 76 14.31 -1.51 -16.25
C THR E 76 12.99 -2.13 -15.82
N HIS E 77 11.88 -1.45 -16.09
CA HIS E 77 10.56 -1.96 -15.70
C HIS E 77 9.97 -2.97 -16.70
N CYS E 78 9.88 -2.59 -18.00
CA CYS E 78 9.34 -3.38 -19.10
C CYS E 78 10.53 -4.15 -19.67
N CYS E 79 11.04 -5.01 -18.78
CA CYS E 79 12.26 -5.81 -18.92
C CYS E 79 12.08 -7.23 -19.43
N VAL E 80 10.85 -7.66 -19.55
CA VAL E 80 10.52 -8.98 -20.01
C VAL E 80 10.82 -9.05 -21.50
N PRO E 81 11.55 -10.06 -22.02
CA PRO E 81 11.88 -10.21 -23.43
C PRO E 81 10.67 -10.58 -24.23
N THR E 82 10.70 -10.29 -25.53
CA THR E 82 9.63 -10.68 -26.42
C THR E 82 9.91 -12.03 -26.99
N ASP E 83 8.87 -12.66 -27.53
CA ASP E 83 9.06 -13.88 -28.27
C ASP E 83 9.65 -13.47 -29.61
N PRO E 84 10.81 -13.97 -30.03
CA PRO E 84 11.38 -13.65 -31.30
C PRO E 84 10.51 -14.34 -32.30
N ASN E 85 10.37 -13.77 -33.48
CA ASN E 85 9.60 -14.44 -34.52
C ASN E 85 8.27 -14.98 -34.00
N PRO E 86 7.41 -14.16 -33.37
CA PRO E 86 6.16 -14.60 -32.81
C PRO E 86 5.31 -15.04 -33.96
N GLN E 87 4.50 -16.09 -33.78
CA GLN E 87 3.67 -16.51 -34.89
C GLN E 87 2.30 -15.92 -34.86
N GLU E 88 2.00 -15.19 -35.90
CA GLU E 88 0.71 -14.58 -36.11
C GLU E 88 -0.19 -15.55 -36.84
N ILE E 89 -1.45 -15.63 -36.46
CA ILE E 89 -2.32 -16.53 -37.19
C ILE E 89 -3.48 -15.76 -37.75
N VAL E 90 -4.12 -16.29 -38.77
CA VAL E 90 -5.24 -15.60 -39.40
C VAL E 90 -6.53 -16.32 -39.19
N LEU E 91 -7.58 -15.60 -38.87
CA LEU E 91 -8.85 -16.24 -38.68
C LEU E 91 -9.62 -16.14 -39.98
N GLU E 92 -9.79 -17.25 -40.65
CA GLU E 92 -10.44 -17.21 -41.94
C GLU E 92 -11.93 -16.95 -41.74
N ASN E 93 -12.52 -16.10 -42.60
CA ASN E 93 -13.95 -15.77 -42.65
C ASN E 93 -14.50 -15.25 -41.30
N VAL E 94 -13.71 -14.43 -40.56
CA VAL E 94 -14.08 -13.83 -39.26
C VAL E 94 -14.12 -12.32 -39.30
N THR E 95 -15.27 -11.79 -38.90
CA THR E 95 -15.49 -10.36 -38.80
C THR E 95 -15.70 -10.01 -37.35
N GLU E 96 -15.04 -8.95 -36.92
CA GLU E 96 -15.14 -8.53 -35.52
C GLU E 96 -15.19 -7.01 -35.40
N ASN E 97 -15.80 -6.54 -34.31
CA ASN E 97 -15.94 -5.12 -34.00
C ASN E 97 -14.86 -4.55 -33.11
N PHE E 98 -14.25 -3.50 -33.61
CA PHE E 98 -13.21 -2.82 -32.87
C PHE E 98 -13.72 -1.41 -32.61
N ASN E 99 -13.31 -0.82 -31.49
CA ASN E 99 -13.70 0.56 -31.19
C ASN E 99 -12.54 1.21 -30.48
N MET E 100 -11.82 2.03 -31.21
CA MET E 100 -10.60 2.58 -30.66
C MET E 100 -10.84 3.57 -29.55
N TRP E 101 -12.02 4.14 -29.45
CA TRP E 101 -12.21 5.15 -28.42
C TRP E 101 -12.77 4.56 -27.15
N LYS E 102 -13.02 3.25 -27.17
CA LYS E 102 -13.56 2.54 -26.03
C LYS E 102 -12.60 1.42 -25.66
N ASN E 103 -11.41 1.48 -26.22
CA ASN E 103 -10.40 0.46 -26.05
C ASN E 103 -9.60 0.70 -24.79
N ASN E 104 -9.81 -0.12 -23.78
CA ASN E 104 -9.23 0.10 -22.46
C ASN E 104 -7.72 -0.10 -22.41
N MET E 105 -7.12 -0.56 -23.49
CA MET E 105 -5.68 -0.69 -23.49
C MET E 105 -5.03 0.65 -23.45
N VAL E 106 -5.71 1.69 -23.93
CA VAL E 106 -5.09 2.97 -23.94
C VAL E 106 -5.07 3.49 -22.52
N GLU E 107 -6.11 3.17 -21.77
CA GLU E 107 -6.24 3.60 -20.40
C GLU E 107 -5.19 2.89 -19.59
N GLN E 108 -4.98 1.61 -19.89
CA GLN E 108 -3.96 0.86 -19.21
C GLN E 108 -2.60 1.44 -19.48
N MET E 109 -2.32 1.77 -20.75
CA MET E 109 -1.02 2.30 -21.06
C MET E 109 -0.79 3.57 -20.31
N HIS E 110 -1.81 4.42 -20.22
CA HIS E 110 -1.64 5.68 -19.53
C HIS E 110 -1.29 5.42 -18.08
N GLU E 111 -2.02 4.52 -17.42
CA GLU E 111 -1.74 4.25 -16.03
C GLU E 111 -0.36 3.69 -15.80
N ASP E 112 0.12 2.83 -16.69
CA ASP E 112 1.45 2.28 -16.52
C ASP E 112 2.52 3.32 -16.73
N ILE E 113 2.28 4.28 -17.62
CA ILE E 113 3.25 5.35 -17.81
C ILE E 113 3.35 6.16 -16.54
N ILE E 114 2.21 6.48 -15.93
CA ILE E 114 2.27 7.25 -14.72
C ILE E 114 3.01 6.46 -13.65
N SER E 115 2.69 5.18 -13.53
CA SER E 115 3.31 4.35 -12.53
C SER E 115 4.81 4.29 -12.69
N LEU E 116 5.29 4.12 -13.91
CA LEU E 116 6.71 4.05 -14.10
C LEU E 116 7.40 5.35 -13.78
N TRP E 117 6.83 6.47 -14.20
CA TRP E 117 7.48 7.72 -13.91
C TRP E 117 7.47 7.99 -12.43
N ASP E 118 6.43 7.56 -11.73
CA ASP E 118 6.40 7.73 -10.30
C ASP E 118 7.49 6.93 -9.63
N GLN E 119 7.65 5.66 -10.01
CA GLN E 119 8.69 4.88 -9.35
C GLN E 119 10.05 5.41 -9.69
N SER E 120 10.21 5.87 -10.92
CA SER E 120 11.48 6.34 -11.40
C SER E 120 11.91 7.62 -10.73
N LEU E 121 10.99 8.56 -10.54
CA LEU E 121 11.33 9.84 -9.96
C LEU E 121 11.37 9.81 -8.45
N LYS E 122 10.60 8.95 -7.82
CA LYS E 122 10.58 8.90 -6.38
C LYS E 122 11.95 8.92 -5.69
N PRO E 123 12.90 8.01 -5.95
CA PRO E 123 14.19 7.96 -5.26
C PRO E 123 15.24 8.95 -5.79
N CYS E 124 14.93 10.27 -5.72
CA CYS E 124 15.80 11.35 -6.20
C CYS E 124 15.61 12.64 -5.39
N VAL E 125 16.50 13.58 -5.63
CA VAL E 125 16.56 14.82 -4.89
C VAL E 125 15.41 15.77 -5.12
N LYS E 126 14.82 16.21 -4.03
CA LYS E 126 13.71 17.14 -4.03
C LYS E 126 14.26 18.54 -4.01
N LEU E 127 13.50 19.49 -4.53
CA LEU E 127 13.96 20.87 -4.53
C LEU E 127 13.27 21.78 -3.57
N THR E 128 12.59 21.24 -2.58
CA THR E 128 11.94 22.07 -1.59
C THR E 128 12.89 23.17 -1.07
N PRO E 129 14.17 22.88 -0.71
CA PRO E 129 15.13 23.83 -0.19
C PRO E 129 15.43 25.01 -1.10
N LEU E 130 15.10 24.91 -2.40
CA LEU E 130 15.33 26.04 -3.29
C LEU E 130 14.20 27.08 -3.32
N CYS E 131 13.03 26.82 -2.65
CA CYS E 131 11.91 27.75 -2.71
C CYS E 131 12.10 28.84 -1.66
N VAL E 132 12.98 29.73 -2.03
CA VAL E 132 13.44 30.86 -1.26
C VAL E 132 13.29 32.08 -2.13
N THR E 133 13.39 33.24 -1.54
CA THR E 133 13.26 34.43 -2.34
C THR E 133 14.43 34.49 -3.33
N LEU E 134 14.13 34.74 -4.59
CA LEU E 134 15.14 34.82 -5.61
C LEU E 134 15.36 36.28 -6.04
N ASN E 135 16.61 36.78 -5.96
CA ASN E 135 17.01 38.13 -6.34
C ASN E 135 17.50 38.07 -7.80
N CYS E 136 16.63 38.50 -8.77
CA CYS E 136 16.87 38.26 -10.21
C CYS E 136 17.09 39.54 -11.00
N THR E 137 17.99 39.43 -11.97
CA THR E 137 18.31 40.45 -12.95
C THR E 137 18.53 39.76 -14.30
N ASN E 138 18.27 40.42 -15.46
CA ASN E 138 18.47 39.81 -16.79
C ASN E 138 19.91 39.98 -17.28
N ALA E 139 20.87 39.47 -16.48
CA ALA E 139 22.30 39.43 -16.75
C ALA E 139 22.58 38.29 -17.68
N THR E 140 23.60 38.42 -18.49
CA THR E 140 23.95 37.39 -19.43
C THR E 140 25.34 36.85 -19.17
N ALA E 141 25.63 35.66 -19.70
CA ALA E 141 26.96 35.09 -19.57
C ALA E 141 27.88 35.45 -20.72
N SER E 142 27.34 35.42 -21.95
CA SER E 142 28.17 35.68 -23.14
C SER E 142 27.69 36.86 -23.98
N ASN E 143 26.46 37.29 -23.77
CA ASN E 143 25.89 38.35 -24.58
C ASN E 143 26.31 39.71 -24.06
N SER E 144 26.91 40.52 -24.92
CA SER E 144 27.34 41.87 -24.53
C SER E 144 26.12 42.76 -24.22
N SER E 145 24.96 42.31 -24.69
CA SER E 145 23.66 42.93 -24.51
C SER E 145 22.70 42.01 -23.74
N ILE E 146 21.40 42.20 -23.95
CA ILE E 146 20.38 41.48 -23.21
C ILE E 146 19.68 40.43 -24.08
N ILE E 147 19.56 39.21 -23.55
CA ILE E 147 18.94 38.06 -24.24
C ILE E 147 17.45 37.89 -23.96
N GLU E 148 16.94 38.66 -23.02
CA GLU E 148 15.53 38.64 -22.64
C GLU E 148 15.01 37.26 -22.27
N GLY E 149 15.77 36.58 -21.42
CA GLY E 149 15.47 35.26 -20.92
C GLY E 149 16.65 34.82 -20.09
N MET E 150 16.60 33.63 -19.53
CA MET E 150 17.69 33.11 -18.72
C MET E 150 18.20 34.10 -17.71
N LYS E 151 17.33 34.51 -16.80
CA LYS E 151 17.69 35.53 -15.84
C LYS E 151 18.64 34.96 -14.80
N ASN E 152 19.54 35.82 -14.28
CA ASN E 152 20.54 35.51 -13.26
C ASN E 152 19.95 35.79 -11.87
N CYS E 153 19.64 34.71 -11.12
CA CYS E 153 18.99 34.78 -9.82
C CYS E 153 19.93 34.31 -8.73
N SER E 154 19.99 35.10 -7.67
CA SER E 154 20.80 34.74 -6.52
C SER E 154 19.89 34.39 -5.36
N PHE E 155 20.36 33.50 -4.52
CA PHE E 155 19.59 33.12 -3.35
C PHE E 155 20.43 32.55 -2.20
N ASN E 156 19.90 32.58 -0.95
CA ASN E 156 20.53 32.05 0.26
C ASN E 156 20.07 30.63 0.57
N ILE E 157 20.94 29.61 0.37
CA ILE E 157 20.61 28.18 0.56
C ILE E 157 21.61 27.47 1.47
N THR E 158 21.12 26.49 2.23
CA THR E 158 22.00 25.75 3.11
C THR E 158 22.85 24.81 2.31
N THR E 159 23.94 24.34 2.91
CA THR E 159 24.84 23.47 2.17
C THR E 159 24.79 22.04 2.67
N GLU E 160 25.97 21.45 2.95
CA GLU E 160 26.01 20.08 3.45
C GLU E 160 25.80 20.13 4.96
N LEU E 161 25.95 21.33 5.51
CA LEU E 161 25.75 21.54 6.93
C LEU E 161 24.50 22.37 7.13
N ARG E 162 23.72 21.96 8.10
CA ARG E 162 22.45 22.58 8.39
C ARG E 162 22.56 23.93 9.05
N ASP E 163 23.71 24.23 9.59
CA ASP E 163 23.95 25.48 10.23
C ASP E 163 24.72 26.45 9.35
N LYS E 164 24.88 26.12 8.05
CA LYS E 164 25.61 26.99 7.16
C LYS E 164 24.77 27.33 5.95
N ARG E 165 24.61 28.63 5.72
CA ARG E 165 23.78 29.10 4.62
C ARG E 165 24.54 30.15 3.84
N GLU E 166 24.51 30.04 2.52
CA GLU E 166 25.26 30.96 1.68
C GLU E 166 24.59 31.32 0.37
N LYS E 167 25.03 32.42 -0.21
CA LYS E 167 24.50 32.87 -1.48
C LYS E 167 25.05 32.07 -2.67
N LYS E 168 24.14 31.59 -3.50
CA LYS E 168 24.41 30.85 -4.71
C LYS E 168 23.74 31.51 -5.88
N ASN E 169 24.27 31.25 -7.08
CA ASN E 169 23.68 31.79 -8.29
C ASN E 169 23.32 30.72 -9.31
N ALA E 170 22.26 30.96 -10.06
CA ALA E 170 21.85 30.07 -11.15
C ALA E 170 21.05 30.85 -12.20
N LEU E 171 21.03 30.36 -13.44
CA LEU E 171 20.20 31.02 -14.43
C LEU E 171 18.89 30.28 -14.62
N PHE E 172 17.81 31.03 -14.84
CA PHE E 172 16.49 30.43 -15.07
C PHE E 172 15.68 30.98 -16.24
N TYR E 173 14.88 30.11 -16.82
CA TYR E 173 13.99 30.50 -17.90
C TYR E 173 12.84 31.29 -17.33
N LYS E 174 12.34 32.25 -18.07
CA LYS E 174 11.20 33.03 -17.60
C LYS E 174 9.98 32.18 -17.35
N LEU E 175 9.82 31.12 -18.12
CA LEU E 175 8.68 30.25 -17.99
C LEU E 175 8.66 29.52 -16.66
N ASP E 176 9.81 29.46 -15.99
CA ASP E 176 9.94 28.79 -14.72
C ASP E 176 9.94 29.75 -13.52
N ILE E 177 9.80 31.05 -13.77
CA ILE E 177 9.92 32.04 -12.70
C ILE E 177 8.68 32.92 -12.47
N VAL E 178 8.28 33.05 -11.20
CA VAL E 178 7.14 33.86 -10.83
C VAL E 178 7.48 35.09 -10.01
N GLN E 179 7.03 36.24 -10.47
CA GLN E 179 7.29 37.50 -9.79
C GLN E 179 6.46 37.59 -8.53
N LEU E 180 7.09 38.00 -7.43
CA LEU E 180 6.37 38.11 -6.16
C LEU E 180 5.42 39.31 -6.05
N ASP E 181 5.76 40.43 -6.67
CA ASP E 181 4.88 41.61 -6.58
C ASP E 181 5.05 42.53 -7.80
N GLY E 182 4.27 43.61 -7.85
CA GLY E 182 4.41 44.49 -8.99
C GLY E 182 5.74 45.21 -8.96
N ASN E 183 6.42 45.19 -10.09
CA ASN E 183 7.72 45.82 -10.30
C ASN E 183 8.80 45.30 -9.36
N SER E 184 8.56 44.15 -8.75
CA SER E 184 9.51 43.56 -7.85
C SER E 184 10.67 42.87 -8.54
N SER E 185 11.83 42.98 -7.90
CA SER E 185 13.05 42.31 -8.31
C SER E 185 13.13 40.92 -7.72
N GLN E 186 12.17 40.61 -6.84
CA GLN E 186 12.14 39.35 -6.14
C GLN E 186 11.14 38.37 -6.77
N TYR E 187 11.60 37.13 -6.91
CA TYR E 187 10.88 36.05 -7.55
C TYR E 187 10.86 34.74 -6.77
N ARG E 188 9.95 33.83 -7.14
CA ARG E 188 9.92 32.48 -6.59
C ARG E 188 9.88 31.49 -7.75
N LEU E 189 10.20 30.24 -7.49
CA LEU E 189 10.07 29.24 -8.55
C LEU E 189 8.61 28.98 -8.84
N ILE E 190 8.31 28.83 -10.12
CA ILE E 190 6.97 28.50 -10.55
C ILE E 190 6.67 27.13 -10.03
N ASN E 191 5.42 26.91 -9.69
CA ASN E 191 4.94 25.65 -9.13
C ASN E 191 5.41 25.33 -7.70
N CYS E 192 5.99 26.31 -6.95
CA CYS E 192 6.28 26.15 -5.53
C CYS E 192 4.98 26.46 -4.79
N ASN E 193 4.36 27.56 -5.14
CA ASN E 193 3.16 27.88 -4.39
C ASN E 193 2.08 26.84 -4.74
N THR E 194 1.59 26.12 -3.70
CA THR E 194 0.59 25.02 -3.75
C THR E 194 1.14 23.68 -4.27
N SER E 195 2.42 23.59 -4.63
CA SER E 195 2.91 22.34 -5.22
C SER E 195 4.39 22.00 -4.97
N ALA E 196 4.71 20.70 -5.03
CA ALA E 196 6.08 20.22 -4.83
C ALA E 196 6.89 20.20 -6.12
N ILE E 197 8.22 20.39 -6.00
CA ILE E 197 9.09 20.28 -7.16
C ILE E 197 10.21 19.26 -6.86
N THR E 198 10.40 18.27 -7.74
CA THR E 198 11.45 17.25 -7.57
C THR E 198 12.34 17.18 -8.81
N GLN E 199 13.64 16.95 -8.65
CA GLN E 199 14.47 16.86 -9.86
C GLN E 199 14.27 15.56 -10.58
N ALA E 200 14.37 15.63 -11.89
CA ALA E 200 14.40 14.43 -12.69
C ALA E 200 15.70 13.75 -12.33
N CYS E 201 15.71 12.41 -12.37
CA CYS E 201 16.86 11.59 -12.03
C CYS E 201 17.88 11.61 -13.20
N PRO E 202 19.06 12.24 -13.04
CA PRO E 202 20.06 12.43 -14.09
C PRO E 202 20.77 11.13 -14.42
N LYS E 203 20.61 10.19 -13.52
CA LYS E 203 21.22 8.88 -13.58
C LYS E 203 20.54 7.92 -14.55
N VAL E 204 19.29 8.20 -14.91
CA VAL E 204 18.56 7.27 -15.76
C VAL E 204 17.86 8.00 -16.88
N SER E 205 17.89 7.44 -18.09
CA SER E 205 17.16 8.11 -19.15
C SER E 205 15.71 7.64 -19.24
N PHE E 206 14.93 8.40 -19.99
CA PHE E 206 13.53 8.08 -20.25
C PHE E 206 13.35 8.03 -21.75
N GLU E 207 13.76 6.92 -22.32
CA GLU E 207 13.80 6.77 -23.76
C GLU E 207 12.56 6.10 -24.31
N PRO E 208 12.10 6.49 -25.50
CA PRO E 208 10.96 5.92 -26.18
C PRO E 208 11.30 4.60 -26.84
N ILE E 209 11.63 3.61 -26.04
CA ILE E 209 11.99 2.31 -26.59
C ILE E 209 10.66 1.68 -26.97
N PRO E 210 10.55 0.92 -28.05
CA PRO E 210 9.30 0.27 -28.42
C PRO E 210 9.00 -0.78 -27.39
N ILE E 211 7.74 -0.86 -26.99
CA ILE E 211 7.26 -1.86 -26.04
C ILE E 211 6.07 -2.58 -26.60
N HIS E 212 6.04 -3.88 -26.47
CA HIS E 212 4.94 -4.68 -26.95
C HIS E 212 4.04 -5.06 -25.78
N TYR E 213 2.73 -5.06 -25.95
CA TYR E 213 1.89 -5.55 -24.87
C TYR E 213 1.43 -6.96 -25.16
N CYS E 214 1.56 -7.86 -24.17
CA CYS E 214 1.30 -9.30 -24.29
C CYS E 214 0.17 -9.75 -23.38
N ALA E 215 -0.63 -10.68 -23.91
CA ALA E 215 -1.76 -11.23 -23.18
C ALA E 215 -1.33 -12.22 -22.10
N PRO E 216 -2.03 -12.26 -20.96
CA PRO E 216 -1.91 -13.24 -19.91
C PRO E 216 -2.59 -14.51 -20.37
N ALA E 217 -2.32 -15.62 -19.71
CA ALA E 217 -2.99 -16.85 -20.09
C ALA E 217 -4.49 -16.69 -19.99
N GLY E 218 -5.18 -17.26 -20.98
CA GLY E 218 -6.64 -17.23 -21.04
C GLY E 218 -7.13 -16.11 -21.96
N PHE E 219 -6.21 -15.26 -22.38
CA PHE E 219 -6.53 -14.14 -23.24
C PHE E 219 -5.77 -14.13 -24.54
N ALA E 220 -6.35 -13.44 -25.51
CA ALA E 220 -5.74 -13.30 -26.81
C ALA E 220 -5.92 -11.91 -27.33
N ILE E 221 -5.00 -11.44 -28.17
CA ILE E 221 -5.15 -10.13 -28.75
C ILE E 221 -5.53 -10.23 -30.21
N LEU E 222 -6.66 -9.66 -30.55
CA LEU E 222 -7.10 -9.72 -31.92
C LEU E 222 -6.58 -8.49 -32.59
N LYS E 223 -6.25 -8.60 -33.85
CA LYS E 223 -5.79 -7.47 -34.60
C LYS E 223 -6.57 -7.29 -35.91
N CYS E 224 -6.90 -6.04 -36.25
CA CYS E 224 -7.55 -5.67 -37.50
C CYS E 224 -6.49 -5.40 -38.56
N ASN E 225 -6.59 -6.13 -39.65
CA ASN E 225 -5.65 -5.99 -40.77
C ASN E 225 -6.23 -5.28 -42.01
N ASN E 226 -7.34 -4.53 -41.82
CA ASN E 226 -7.97 -3.72 -42.86
C ASN E 226 -7.26 -2.36 -42.86
N LYS E 227 -6.51 -2.10 -43.94
CA LYS E 227 -5.64 -0.94 -44.11
C LYS E 227 -6.36 0.39 -44.07
N THR E 228 -7.65 0.41 -44.35
CA THR E 228 -8.40 1.66 -44.34
C THR E 228 -9.40 1.73 -43.20
N PHE E 229 -9.25 0.83 -42.24
CA PHE E 229 -10.12 0.77 -41.09
C PHE E 229 -10.05 2.00 -40.21
N THR E 230 -11.24 2.46 -39.81
CA THR E 230 -11.44 3.64 -39.02
C THR E 230 -11.43 3.50 -37.51
N GLY E 231 -11.61 2.29 -36.98
CA GLY E 231 -11.66 2.17 -35.53
C GLY E 231 -13.04 2.46 -34.98
N THR E 232 -14.04 2.55 -35.87
CA THR E 232 -15.44 2.86 -35.51
C THR E 232 -16.44 1.73 -35.77
N GLY E 233 -15.98 0.52 -36.06
CA GLY E 233 -16.93 -0.54 -36.43
C GLY E 233 -16.26 -1.87 -36.80
N PRO E 234 -16.94 -2.73 -37.57
CA PRO E 234 -16.50 -4.06 -37.95
C PRO E 234 -15.32 -4.00 -38.91
N CYS E 235 -14.43 -5.00 -38.77
CA CYS E 235 -13.26 -5.27 -39.56
C CYS E 235 -13.45 -6.69 -40.07
N ASN E 236 -13.36 -6.88 -41.38
CA ASN E 236 -13.61 -8.20 -41.97
C ASN E 236 -12.37 -9.06 -42.28
N ASN E 237 -11.19 -8.68 -41.76
CA ASN E 237 -9.93 -9.39 -41.89
C ASN E 237 -9.19 -9.29 -40.54
N VAL E 238 -9.32 -10.35 -39.70
CA VAL E 238 -8.83 -10.39 -38.33
C VAL E 238 -7.79 -11.48 -38.10
N SER E 239 -6.67 -11.08 -37.52
CA SER E 239 -5.60 -12.02 -37.19
C SER E 239 -5.44 -12.02 -35.69
N THR E 240 -4.75 -13.02 -35.15
CA THR E 240 -4.56 -13.10 -33.71
C THR E 240 -3.09 -13.23 -33.34
N VAL E 241 -2.71 -12.47 -32.33
CA VAL E 241 -1.35 -12.50 -31.84
C VAL E 241 -1.30 -12.66 -30.32
N GLN E 242 -0.16 -13.12 -29.80
CA GLN E 242 -0.03 -13.07 -28.34
C GLN E 242 0.46 -11.71 -27.80
N CYS E 243 1.11 -10.87 -28.66
CA CYS E 243 1.69 -9.57 -28.32
C CYS E 243 1.40 -8.59 -29.45
N THR E 244 1.22 -7.33 -29.09
CA THR E 244 1.01 -6.26 -30.07
C THR E 244 2.35 -5.92 -30.66
N HIS E 245 2.37 -5.12 -31.71
CA HIS E 245 3.63 -4.67 -32.24
C HIS E 245 4.20 -3.71 -31.23
N GLY E 246 5.44 -3.30 -31.40
CA GLY E 246 5.97 -2.40 -30.41
C GLY E 246 5.46 -1.01 -30.65
N ILE E 247 5.15 -0.33 -29.57
CA ILE E 247 4.75 1.06 -29.57
C ILE E 247 5.75 1.86 -28.77
N LYS E 248 6.25 2.93 -29.35
CA LYS E 248 7.17 3.76 -28.64
C LYS E 248 6.35 4.74 -27.81
N PRO E 249 6.56 4.87 -26.50
CA PRO E 249 5.83 5.76 -25.62
C PRO E 249 6.29 7.20 -25.79
N VAL E 250 6.06 7.73 -26.97
CA VAL E 250 6.45 9.07 -27.33
C VAL E 250 5.36 10.02 -26.89
N VAL E 251 5.77 11.08 -26.25
CA VAL E 251 4.84 12.08 -25.79
C VAL E 251 4.93 13.34 -26.58
N SER E 252 3.78 13.80 -27.02
CA SER E 252 3.64 15.03 -27.77
C SER E 252 2.30 15.65 -27.41
N THR E 253 2.14 16.90 -27.78
CA THR E 253 0.96 17.69 -27.48
C THR E 253 0.13 18.21 -28.63
N GLN E 254 0.66 18.17 -29.83
CA GLN E 254 -0.06 18.76 -30.95
C GLN E 254 0.06 17.88 -32.17
N LEU E 255 1.30 17.49 -32.45
CA LEU E 255 1.60 16.71 -33.62
C LEU E 255 2.02 15.36 -33.12
N LEU E 256 1.69 14.31 -33.86
CA LEU E 256 2.03 12.94 -33.51
C LEU E 256 3.34 12.53 -34.13
N LEU E 257 4.28 12.11 -33.30
CA LEU E 257 5.61 11.75 -33.78
C LEU E 257 6.01 10.29 -33.57
N ASN E 258 6.88 9.79 -34.49
CA ASN E 258 7.65 8.53 -34.48
C ASN E 258 6.80 7.25 -34.38
N GLY E 259 5.55 7.26 -34.86
CA GLY E 259 4.65 6.11 -34.91
C GLY E 259 4.74 5.47 -36.29
N SER E 260 3.88 4.52 -36.54
CA SER E 260 3.84 3.87 -37.84
C SER E 260 3.10 4.76 -38.81
N LEU E 261 3.25 4.50 -40.10
CA LEU E 261 2.50 5.24 -41.10
C LEU E 261 1.32 4.45 -41.59
N ALA E 262 0.31 5.16 -42.03
CA ALA E 262 -0.86 4.53 -42.58
C ALA E 262 -0.51 3.82 -43.86
N GLU E 263 -1.12 2.66 -44.07
CA GLU E 263 -0.94 1.99 -45.34
C GLU E 263 -2.02 2.55 -46.23
N GLY E 264 -1.79 2.60 -47.52
CA GLY E 264 -2.84 3.15 -48.36
C GLY E 264 -2.82 4.65 -48.16
N GLU E 265 -3.95 5.30 -48.32
CA GLU E 265 -4.06 6.75 -48.25
C GLU E 265 -4.18 7.28 -46.82
N ILE E 266 -4.26 8.61 -46.68
CA ILE E 266 -4.33 9.20 -45.34
C ILE E 266 -5.64 8.82 -44.70
N ILE E 267 -5.56 8.38 -43.45
CA ILE E 267 -6.76 7.93 -42.79
C ILE E 267 -7.19 8.90 -41.73
N ILE E 268 -8.42 9.33 -41.84
CA ILE E 268 -8.97 10.26 -40.90
C ILE E 268 -9.89 9.52 -39.94
N ARG E 269 -9.53 9.54 -38.65
CA ARG E 269 -10.27 8.75 -37.68
C ARG E 269 -10.88 9.57 -36.57
N SER E 270 -12.17 9.36 -36.36
CA SER E 270 -12.86 10.08 -35.31
C SER E 270 -13.99 9.29 -34.78
N GLU E 271 -14.25 9.49 -33.50
CA GLU E 271 -15.37 8.89 -32.84
C GLU E 271 -16.65 9.37 -33.51
N ASN E 272 -16.65 10.61 -34.03
CA ASN E 272 -17.86 11.15 -34.65
C ASN E 272 -17.70 11.85 -36.01
N ILE E 273 -16.55 12.53 -36.27
CA ILE E 273 -16.34 13.36 -37.48
C ILE E 273 -17.16 14.65 -37.50
N THR E 274 -18.47 14.52 -37.45
CA THR E 274 -19.38 15.66 -37.48
C THR E 274 -19.31 16.56 -36.24
N ASP E 275 -19.23 15.95 -35.07
CA ASP E 275 -19.22 16.65 -33.80
C ASP E 275 -17.98 17.51 -33.57
N ASN E 276 -18.19 18.79 -33.28
CA ASN E 276 -17.10 19.76 -33.08
C ASN E 276 -16.42 19.54 -31.74
N GLY E 277 -17.01 18.68 -30.92
CA GLY E 277 -16.46 18.34 -29.62
C GLY E 277 -15.49 17.16 -29.71
N LYS E 278 -15.30 16.61 -30.91
CA LYS E 278 -14.41 15.47 -31.05
C LYS E 278 -13.15 15.80 -31.84
N THR E 279 -12.06 15.22 -31.39
CA THR E 279 -10.76 15.31 -32.04
C THR E 279 -10.76 14.41 -33.24
N ILE E 280 -10.21 14.87 -34.35
CA ILE E 280 -10.09 14.00 -35.49
C ILE E 280 -8.64 13.64 -35.67
N LEU E 281 -8.30 12.38 -35.55
CA LEU E 281 -6.90 12.07 -35.68
C LEU E 281 -6.60 11.92 -37.14
N VAL E 282 -5.48 12.46 -37.56
CA VAL E 282 -5.11 12.28 -38.95
C VAL E 282 -3.88 11.47 -39.01
N HIS E 283 -3.96 10.32 -39.65
CA HIS E 283 -2.84 9.42 -39.73
C HIS E 283 -2.27 9.43 -41.14
N LEU E 284 -1.07 9.96 -41.26
CA LEU E 284 -0.45 10.14 -42.55
C LEU E 284 0.12 8.82 -43.05
N ASN E 285 0.15 8.63 -44.39
CA ASN E 285 0.78 7.48 -45.07
C ASN E 285 2.23 7.75 -45.51
N GLU E 286 2.71 9.00 -45.31
CA GLU E 286 4.04 9.50 -45.66
C GLU E 286 4.50 10.32 -44.47
N SER E 287 5.76 10.22 -44.11
CA SER E 287 6.28 10.99 -43.00
C SER E 287 6.81 12.34 -43.45
N VAL E 288 6.90 13.26 -42.50
CA VAL E 288 7.56 14.54 -42.78
C VAL E 288 8.65 14.73 -41.75
N LYS E 289 9.87 15.00 -42.21
CA LYS E 289 10.95 15.18 -41.25
C LYS E 289 10.91 16.53 -40.58
N ILE E 290 11.07 16.54 -39.26
CA ILE E 290 11.19 17.76 -38.50
C ILE E 290 12.54 17.75 -37.80
N GLU E 291 13.35 18.79 -38.02
CA GLU E 291 14.64 18.86 -37.33
C GLU E 291 14.69 20.03 -36.36
N CYS E 292 14.86 19.75 -35.04
CA CYS E 292 14.82 20.76 -33.98
C CYS E 292 16.18 20.87 -33.31
N THR E 293 16.49 22.09 -32.91
CA THR E 293 17.73 22.29 -32.23
C THR E 293 17.76 23.41 -31.24
N ARG E 294 18.68 23.24 -30.33
CA ARG E 294 19.04 24.17 -29.30
C ARG E 294 20.53 24.41 -29.56
N PRO E 295 20.88 25.41 -30.40
CA PRO E 295 22.20 25.63 -30.95
C PRO E 295 23.27 26.10 -29.98
N ASN E 296 22.87 26.55 -28.81
CA ASN E 296 23.83 27.14 -27.87
C ASN E 296 24.54 26.10 -27.01
N ASN E 297 25.76 26.46 -26.53
CA ASN E 297 26.61 25.64 -25.67
C ASN E 297 26.40 26.01 -24.19
N LYS E 298 25.71 25.14 -23.44
CA LYS E 298 25.38 25.38 -22.03
C LYS E 298 26.39 24.69 -21.11
N THR E 299 26.68 25.31 -19.97
CA THR E 299 27.47 24.63 -18.96
C THR E 299 26.66 24.51 -17.69
N ARG E 300 27.24 23.83 -16.72
CA ARG E 300 26.52 23.59 -15.47
C ARG E 300 27.29 23.88 -14.23
N THR E 301 26.54 24.14 -13.19
CA THR E 301 27.13 24.24 -11.88
C THR E 301 26.37 23.34 -10.94
N SER E 302 26.84 23.25 -9.72
CA SER E 302 26.17 22.36 -8.79
C SER E 302 26.09 22.91 -7.40
N ILE E 303 24.88 22.92 -6.89
CA ILE E 303 24.62 23.40 -5.56
C ILE E 303 24.29 22.25 -4.65
N ARG E 304 25.17 21.98 -3.71
CA ARG E 304 24.92 20.85 -2.84
C ARG E 304 23.83 21.20 -1.87
N ILE E 305 22.87 20.31 -1.71
CA ILE E 305 21.78 20.54 -0.79
C ILE E 305 21.57 19.33 0.10
N GLY E 306 22.01 19.36 1.35
CA GLY E 306 21.81 18.22 2.23
C GLY E 306 22.96 17.20 2.13
N PRO E 307 22.95 16.18 3.02
CA PRO E 307 23.98 15.15 3.25
C PRO E 307 24.50 14.40 2.04
N GLY E 308 23.67 14.14 1.05
CA GLY E 308 24.16 13.41 -0.11
C GLY E 308 23.39 13.83 -1.34
N GLN E 309 22.96 15.07 -1.37
CA GLN E 309 22.11 15.54 -2.44
C GLN E 309 22.60 16.83 -3.09
N ALA E 310 22.25 17.05 -4.36
CA ALA E 310 22.64 18.28 -5.04
C ALA E 310 21.67 18.66 -6.15
N PHE E 311 21.63 19.95 -6.41
CA PHE E 311 20.87 20.57 -7.48
C PHE E 311 21.69 20.91 -8.71
N TYR E 312 21.18 20.48 -9.85
CA TYR E 312 21.85 20.79 -11.09
C TYR E 312 21.31 22.08 -11.65
N ALA E 313 22.18 23.08 -11.65
CA ALA E 313 21.79 24.41 -12.02
C ALA E 313 22.41 24.84 -13.32
N THR E 314 21.68 25.66 -14.05
CA THR E 314 22.24 26.19 -15.27
C THR E 314 23.26 27.28 -15.02
N GLY E 315 24.42 27.15 -15.68
CA GLY E 315 25.48 28.13 -15.60
C GLY E 315 25.54 28.91 -16.91
N GLN E 316 26.72 29.34 -17.28
CA GLN E 316 26.91 30.15 -18.46
C GLN E 316 26.43 29.51 -19.78
N VAL E 317 25.85 30.35 -20.64
CA VAL E 317 25.42 29.92 -21.96
C VAL E 317 26.10 30.74 -23.05
N ILE E 318 26.80 30.04 -23.95
CA ILE E 318 27.51 30.66 -25.05
C ILE E 318 26.89 30.31 -26.40
N GLY E 319 26.52 31.32 -27.18
CA GLY E 319 25.89 31.03 -28.45
C GLY E 319 25.02 32.17 -28.98
N ASP E 320 24.03 31.81 -29.79
CA ASP E 320 23.18 32.75 -30.48
C ASP E 320 22.01 33.21 -29.63
N ILE E 321 21.20 34.08 -30.19
CA ILE E 321 20.04 34.58 -29.49
C ILE E 321 18.88 33.61 -29.47
N ARG E 322 18.58 32.94 -30.58
CA ARG E 322 17.46 32.03 -30.54
C ARG E 322 17.74 30.92 -29.56
N GLU E 323 16.80 30.67 -28.66
CA GLU E 323 16.98 29.61 -27.70
C GLU E 323 16.82 28.26 -28.39
N ALA E 324 15.85 28.18 -29.27
CA ALA E 324 15.56 26.98 -29.99
C ALA E 324 14.76 27.30 -31.24
N TYR E 325 14.83 26.40 -32.19
CA TYR E 325 14.02 26.50 -33.40
C TYR E 325 13.88 25.12 -34.09
N CYS E 326 12.87 24.98 -35.01
CA CYS E 326 12.65 23.75 -35.81
C CYS E 326 12.55 24.02 -37.32
N ASN E 327 13.24 23.17 -38.08
CA ASN E 327 13.36 23.14 -39.54
C ASN E 327 12.32 22.19 -40.18
N ILE E 328 11.36 22.75 -40.95
CA ILE E 328 10.31 22.00 -41.69
C ILE E 328 10.36 22.41 -43.16
N SER E 329 10.45 21.46 -44.09
CA SER E 329 10.50 21.89 -45.50
C SER E 329 9.14 22.34 -45.99
N GLU E 330 9.11 23.27 -46.97
CA GLU E 330 7.84 23.75 -47.49
C GLU E 330 7.16 22.85 -48.45
N SER E 331 7.90 22.20 -49.33
CA SER E 331 7.21 21.43 -50.33
C SER E 331 6.54 20.24 -49.71
N THR E 332 7.18 19.66 -48.72
CA THR E 332 6.59 18.50 -48.12
C THR E 332 5.42 18.91 -47.29
N TRP E 333 5.54 19.98 -46.52
CA TRP E 333 4.42 20.38 -45.70
C TRP E 333 3.22 20.76 -46.56
N ASN E 334 3.45 21.51 -47.65
CA ASN E 334 2.32 21.92 -48.46
C ASN E 334 1.66 20.74 -49.11
N GLU E 335 2.44 19.76 -49.58
CA GLU E 335 1.85 18.60 -50.20
C GLU E 335 1.09 17.80 -49.17
N THR E 336 1.65 17.70 -47.97
CA THR E 336 1.03 16.93 -46.93
C THR E 336 -0.30 17.52 -46.61
N LEU E 337 -0.39 18.84 -46.48
CA LEU E 337 -1.70 19.40 -46.21
C LEU E 337 -2.64 19.19 -47.35
N GLY E 338 -2.18 19.33 -48.59
CA GLY E 338 -3.12 19.14 -49.69
C GLY E 338 -3.71 17.74 -49.67
N LYS E 339 -2.89 16.76 -49.33
CA LYS E 339 -3.33 15.38 -49.25
C LYS E 339 -4.36 15.20 -48.12
N VAL E 340 -4.12 15.87 -46.99
CA VAL E 340 -5.06 15.82 -45.88
C VAL E 340 -6.37 16.41 -46.31
N VAL E 341 -6.31 17.52 -47.03
CA VAL E 341 -7.49 18.20 -47.49
C VAL E 341 -8.27 17.31 -48.45
N LYS E 342 -7.59 16.63 -49.36
CA LYS E 342 -8.33 15.77 -50.27
C LYS E 342 -9.18 14.79 -49.48
N GLN E 343 -8.65 14.29 -48.38
CA GLN E 343 -9.40 13.36 -47.57
C GLN E 343 -10.45 14.05 -46.68
N LEU E 344 -10.17 15.26 -46.19
CA LEU E 344 -11.16 15.95 -45.37
C LEU E 344 -12.40 16.23 -46.19
N ARG E 345 -12.22 16.49 -47.46
CA ARG E 345 -13.31 16.79 -48.37
C ARG E 345 -14.29 15.64 -48.52
N LYS E 346 -13.93 14.43 -48.11
CA LYS E 346 -14.87 13.33 -48.24
C LYS E 346 -15.78 13.26 -47.03
N HIS E 347 -15.46 14.05 -46.00
CA HIS E 347 -16.23 14.13 -44.79
C HIS E 347 -16.91 15.49 -44.77
N PHE E 348 -16.24 16.45 -45.37
CA PHE E 348 -16.71 17.82 -45.42
C PHE E 348 -16.64 18.33 -46.86
N PRO E 349 -17.45 17.80 -47.78
CA PRO E 349 -17.47 18.11 -49.20
C PRO E 349 -18.11 19.45 -49.51
N HIS E 350 -17.74 20.01 -50.66
CA HIS E 350 -18.34 21.20 -51.26
C HIS E 350 -18.32 22.45 -50.39
N LYS E 351 -17.23 22.66 -49.70
CA LYS E 351 -17.06 23.82 -48.87
C LYS E 351 -15.59 24.14 -48.77
N ASN E 352 -15.25 25.35 -48.33
CA ASN E 352 -13.85 25.68 -48.19
C ASN E 352 -13.40 25.39 -46.78
N ILE E 353 -12.12 25.14 -46.62
CA ILE E 353 -11.64 24.99 -45.25
C ILE E 353 -10.41 25.83 -45.02
N THR E 354 -10.22 26.17 -43.75
CA THR E 354 -9.06 26.94 -43.30
C THR E 354 -8.35 26.31 -42.13
N PHE E 355 -7.04 26.36 -42.18
CA PHE E 355 -6.21 25.93 -41.06
C PHE E 355 -5.73 27.17 -40.35
N GLN E 356 -5.93 27.18 -39.06
CA GLN E 356 -5.53 28.30 -38.23
C GLN E 356 -4.78 27.82 -37.00
N PRO E 357 -3.97 28.67 -36.36
CA PRO E 357 -3.30 28.45 -35.10
C PRO E 357 -4.27 28.15 -33.98
N SER E 358 -3.80 27.49 -32.94
CA SER E 358 -4.66 27.13 -31.84
C SER E 358 -5.18 28.37 -31.13
N SER E 359 -6.29 28.20 -30.41
CA SER E 359 -6.97 29.31 -29.74
C SER E 359 -6.38 29.85 -28.45
N GLY E 360 -5.58 29.07 -27.73
CA GLY E 360 -5.06 29.59 -26.48
C GLY E 360 -4.94 28.54 -25.39
N GLY E 361 -4.51 28.98 -24.21
CA GLY E 361 -4.26 28.09 -23.09
C GLY E 361 -2.76 28.11 -22.82
N ASP E 362 -2.29 27.26 -21.92
CA ASP E 362 -0.86 27.29 -21.60
C ASP E 362 -0.12 26.50 -22.66
N LEU E 363 1.19 26.42 -22.55
CA LEU E 363 1.98 25.81 -23.61
C LEU E 363 1.62 24.37 -23.88
N GLU E 364 1.25 23.62 -22.86
CA GLU E 364 0.96 22.22 -23.05
C GLU E 364 -0.23 21.97 -24.00
N VAL E 365 -1.06 22.98 -24.25
CA VAL E 365 -2.17 22.86 -25.15
C VAL E 365 -2.12 23.83 -26.33
N THR E 366 -1.01 24.59 -26.47
CA THR E 366 -0.93 25.54 -27.58
C THR E 366 0.26 25.35 -28.48
N THR E 367 1.29 24.69 -27.97
CA THR E 367 2.53 24.48 -28.70
C THR E 367 2.84 23.02 -28.83
N HIS E 368 3.82 22.73 -29.67
CA HIS E 368 4.24 21.37 -29.91
C HIS E 368 5.38 21.01 -28.98
N SER E 369 5.08 20.10 -28.06
CA SER E 369 6.04 19.68 -27.07
C SER E 369 6.89 18.50 -27.52
N PHE E 370 8.19 18.60 -27.30
CA PHE E 370 9.12 17.52 -27.61
C PHE E 370 9.98 17.21 -26.40
N ASN E 371 10.31 15.95 -26.27
CA ASN E 371 11.27 15.55 -25.26
C ASN E 371 12.54 15.08 -25.95
N CYS E 372 13.56 15.95 -26.04
CA CYS E 372 14.85 15.72 -26.70
C CYS E 372 15.91 15.67 -25.61
N GLY E 373 15.46 15.41 -24.40
CA GLY E 373 16.29 15.39 -23.23
C GLY E 373 15.63 16.32 -22.24
N GLY E 374 16.28 16.63 -21.13
CA GLY E 374 15.70 17.51 -20.10
C GLY E 374 15.42 18.92 -20.66
N GLU E 375 15.99 19.22 -21.78
CA GLU E 375 15.80 20.48 -22.43
C GLU E 375 14.53 20.38 -23.25
N PHE E 376 13.40 20.45 -22.56
CA PHE E 376 12.09 20.28 -23.18
C PHE E 376 11.71 21.46 -24.04
N PHE E 377 11.21 21.13 -25.23
CA PHE E 377 10.85 22.10 -26.23
C PHE E 377 9.36 22.32 -26.31
N TYR E 378 8.96 23.57 -26.42
CA TYR E 378 7.58 24.03 -26.60
C TYR E 378 7.55 24.98 -27.80
N CYS E 379 7.35 24.40 -29.01
CA CYS E 379 7.54 25.08 -30.31
C CYS E 379 6.25 25.66 -30.88
N ASN E 380 6.37 26.86 -31.43
CA ASN E 380 5.25 27.60 -31.99
C ASN E 380 5.00 27.23 -33.46
N THR E 381 3.90 26.49 -33.70
CA THR E 381 3.46 25.93 -34.98
C THR E 381 2.42 26.81 -35.63
N SER E 382 2.24 28.01 -35.11
CA SER E 382 1.24 28.92 -35.68
C SER E 382 1.57 29.24 -37.13
N GLY E 383 2.86 29.22 -37.48
CA GLY E 383 3.26 29.52 -38.85
C GLY E 383 3.22 28.28 -39.73
N LEU E 384 2.81 27.15 -39.16
CA LEU E 384 2.74 25.90 -39.85
C LEU E 384 1.28 25.70 -40.26
N PHE E 385 0.38 25.89 -39.30
CA PHE E 385 -1.06 25.75 -39.56
C PHE E 385 -1.72 27.06 -39.93
N ASN E 386 -1.33 27.59 -41.09
CA ASN E 386 -1.83 28.86 -41.64
C ASN E 386 -2.02 28.74 -43.15
N SER E 387 -3.22 28.29 -43.58
CA SER E 387 -3.56 28.08 -45.01
C SER E 387 -5.05 28.06 -45.27
N THR E 388 -5.41 28.34 -46.51
CA THR E 388 -6.80 28.23 -46.94
C THR E 388 -6.85 27.32 -48.16
N TRP E 389 -7.96 26.54 -48.31
CA TRP E 389 -8.14 25.59 -49.40
C TRP E 389 -9.56 25.70 -49.94
N ASP E 405 12.61 27.32 -49.87
CA ASP E 405 12.17 25.93 -49.88
C ASP E 405 11.85 25.34 -48.48
N SER E 406 12.09 26.09 -47.38
CA SER E 406 11.86 25.65 -45.99
C SER E 406 11.46 26.78 -45.06
N ILE E 407 10.87 26.40 -43.92
CA ILE E 407 10.46 27.34 -42.88
C ILE E 407 11.04 26.99 -41.54
N THR E 408 11.04 27.97 -40.64
CA THR E 408 11.51 27.76 -39.30
C THR E 408 10.47 28.14 -38.27
N LEU E 409 10.28 27.29 -37.29
CA LEU E 409 9.39 27.60 -36.21
C LEU E 409 10.26 28.06 -35.05
N PRO E 410 9.94 29.17 -34.36
CA PRO E 410 10.65 29.61 -33.18
C PRO E 410 10.23 28.64 -32.11
N CYS E 411 11.10 28.36 -31.11
CA CYS E 411 10.77 27.43 -30.03
C CYS E 411 11.40 27.85 -28.69
N ARG E 412 10.65 27.63 -27.61
CA ARG E 412 11.16 27.94 -26.28
C ARG E 412 11.45 26.71 -25.44
N ILE E 413 12.26 26.91 -24.41
CA ILE E 413 12.64 25.85 -23.49
C ILE E 413 12.12 26.11 -22.09
N LYS E 414 11.63 25.06 -21.45
CA LYS E 414 11.10 25.14 -20.08
C LYS E 414 11.68 24.01 -19.22
N GLN E 415 12.05 24.28 -17.95
CA GLN E 415 12.57 23.22 -17.07
C GLN E 415 11.62 22.69 -15.99
N ILE E 416 10.64 23.46 -15.51
CA ILE E 416 9.80 22.92 -14.44
C ILE E 416 8.47 22.53 -15.05
N ILE E 417 8.25 21.23 -15.14
CA ILE E 417 7.14 20.69 -15.90
C ILE E 417 6.09 19.90 -15.16
N ASN E 418 4.83 20.31 -15.36
CA ASN E 418 3.69 19.62 -14.79
C ASN E 418 3.23 18.56 -15.77
N MET E 419 4.04 17.54 -15.90
CA MET E 419 3.80 16.53 -16.90
C MET E 419 2.53 15.81 -16.49
N TRP E 420 1.73 15.40 -17.47
CA TRP E 420 0.47 14.67 -17.28
C TRP E 420 -0.58 15.49 -16.55
N GLN E 421 -0.35 16.79 -16.39
CA GLN E 421 -1.24 17.69 -15.68
C GLN E 421 -1.31 17.37 -14.20
N GLU E 422 -0.31 16.64 -13.70
CA GLU E 422 -0.24 16.39 -12.28
C GLU E 422 0.49 17.55 -11.64
N VAL E 423 -0.23 18.65 -11.54
CA VAL E 423 0.31 19.93 -11.13
C VAL E 423 0.81 19.97 -9.70
N GLY E 424 0.42 19.01 -8.88
CA GLY E 424 0.88 18.94 -7.50
C GLY E 424 2.31 18.39 -7.38
N ARG E 425 2.85 17.85 -8.48
CA ARG E 425 4.19 17.30 -8.49
C ARG E 425 4.97 17.71 -9.74
N ALA E 426 5.61 18.87 -9.71
CA ALA E 426 6.31 19.32 -10.90
C ALA E 426 7.67 18.66 -10.97
N MET E 427 8.12 18.38 -12.17
CA MET E 427 9.45 17.83 -12.32
C MET E 427 10.43 18.87 -12.80
N TYR E 428 11.62 18.91 -12.22
CA TYR E 428 12.64 19.80 -12.71
C TYR E 428 13.56 19.06 -13.63
N ALA E 429 13.69 19.54 -14.83
CA ALA E 429 14.54 18.90 -15.79
C ALA E 429 15.93 19.52 -15.76
N PRO E 430 16.99 18.79 -15.40
CA PRO E 430 18.34 19.26 -15.33
C PRO E 430 18.75 19.72 -16.70
N PRO E 431 19.63 20.69 -16.79
CA PRO E 431 20.19 21.24 -18.01
C PRO E 431 21.13 20.27 -18.68
N ILE E 432 21.27 20.41 -19.99
CA ILE E 432 22.21 19.60 -20.75
C ILE E 432 23.36 20.40 -21.31
N GLN E 433 24.56 19.95 -20.99
CA GLN E 433 25.75 20.65 -21.44
C GLN E 433 25.97 20.49 -22.91
N GLY E 434 26.53 21.53 -23.52
CA GLY E 434 26.76 21.49 -24.95
C GLY E 434 25.47 21.90 -25.64
N ASN E 435 25.33 21.56 -26.93
CA ASN E 435 24.20 21.90 -27.80
C ASN E 435 23.39 20.61 -28.09
N ILE E 436 22.11 20.77 -28.52
CA ILE E 436 21.22 19.65 -28.92
C ILE E 436 20.63 19.69 -30.30
N THR E 437 20.76 18.58 -31.02
CA THR E 437 20.12 18.40 -32.31
C THR E 437 19.30 17.12 -32.18
N CYS E 438 18.00 17.16 -32.56
CA CYS E 438 17.08 16.02 -32.54
C CYS E 438 16.19 16.09 -33.76
N VAL E 439 15.85 14.91 -34.29
CA VAL E 439 14.97 14.87 -35.43
C VAL E 439 13.86 13.91 -35.18
N SER E 440 12.77 14.10 -35.87
CA SER E 440 11.68 13.17 -35.73
C SER E 440 10.85 13.05 -37.01
N ASN E 441 10.10 11.92 -37.11
CA ASN E 441 9.19 11.60 -38.20
C ASN E 441 7.76 11.90 -37.78
N ILE E 442 7.10 12.95 -38.37
CA ILE E 442 5.71 13.26 -38.02
C ILE E 442 4.85 12.24 -38.73
N THR E 443 3.91 11.67 -38.01
CA THR E 443 3.00 10.69 -38.57
C THR E 443 1.59 11.19 -38.57
N GLY E 444 1.31 12.25 -37.83
CA GLY E 444 -0.06 12.69 -37.78
C GLY E 444 -0.33 13.93 -36.97
N LEU E 445 -1.62 14.25 -36.91
CA LEU E 445 -2.14 15.43 -36.23
C LEU E 445 -3.20 15.06 -35.20
N ILE E 446 -3.38 15.89 -34.16
CA ILE E 446 -4.53 15.68 -33.26
C ILE E 446 -5.48 16.88 -33.42
N LEU E 447 -5.68 17.24 -34.67
CA LEU E 447 -6.46 18.36 -35.19
C LEU E 447 -7.95 18.32 -34.80
N THR E 448 -8.51 19.47 -34.38
CA THR E 448 -9.93 19.54 -34.00
C THR E 448 -10.68 20.66 -34.76
N ARG E 449 -11.90 20.35 -35.19
CA ARG E 449 -12.76 21.31 -35.89
C ARG E 449 -13.55 22.26 -34.99
N ASP E 450 -13.78 23.50 -35.48
CA ASP E 450 -14.63 24.58 -34.93
C ASP E 450 -14.87 24.50 -33.41
N ASN E 455 -20.08 27.73 -47.25
CA ASN E 455 -19.53 28.16 -45.98
C ASN E 455 -18.06 27.70 -45.92
N THR E 456 -17.35 28.04 -44.81
CA THR E 456 -15.96 27.67 -44.53
C THR E 456 -15.83 27.07 -43.12
N GLU E 457 -15.13 25.94 -43.00
CA GLU E 457 -14.89 25.33 -41.67
C GLU E 457 -13.45 25.52 -41.22
N THR E 458 -13.23 25.65 -39.90
CA THR E 458 -11.87 25.84 -39.40
C THR E 458 -11.29 24.67 -38.63
N PHE E 459 -10.07 24.35 -38.99
CA PHE E 459 -9.29 23.30 -38.39
C PHE E 459 -8.18 23.88 -37.52
N ARG E 460 -8.23 23.57 -36.23
CA ARG E 460 -7.27 24.10 -35.26
C ARG E 460 -6.41 22.99 -34.68
N PRO E 461 -5.07 23.11 -34.70
CA PRO E 461 -4.13 22.14 -34.20
C PRO E 461 -4.09 22.29 -32.71
N GLY E 462 -5.18 21.98 -32.08
CA GLY E 462 -5.27 22.19 -30.66
C GLY E 462 -4.64 21.02 -29.94
N GLY E 463 -4.71 21.06 -28.62
CA GLY E 463 -4.12 20.00 -27.84
C GLY E 463 -5.15 18.91 -27.66
N GLY E 464 -4.84 17.97 -26.79
CA GLY E 464 -5.71 16.83 -26.56
C GLY E 464 -5.15 16.02 -25.43
N ASP E 465 -5.69 14.83 -25.25
CA ASP E 465 -5.26 13.99 -24.15
C ASP E 465 -4.00 13.25 -24.53
N MET E 466 -3.25 12.80 -23.54
CA MET E 466 -2.07 12.00 -23.86
C MET E 466 -2.48 10.69 -24.45
N ARG E 467 -3.65 10.22 -24.09
CA ARG E 467 -4.15 8.97 -24.60
C ARG E 467 -4.43 9.06 -26.10
N ASP E 468 -4.56 10.26 -26.64
CA ASP E 468 -4.85 10.43 -28.04
C ASP E 468 -3.63 10.03 -28.84
N ASN E 469 -2.47 10.02 -28.18
CA ASN E 469 -1.23 9.71 -28.85
C ASN E 469 -1.00 8.23 -28.91
N TRP E 470 -1.82 7.46 -28.22
CA TRP E 470 -1.61 6.03 -28.18
C TRP E 470 -2.75 5.33 -28.88
N ARG E 471 -3.92 5.97 -28.92
CA ARG E 471 -5.04 5.37 -29.61
C ARG E 471 -4.70 5.20 -31.07
N SER E 472 -3.90 6.11 -31.60
CA SER E 472 -3.51 6.09 -32.98
C SER E 472 -2.76 4.83 -33.38
N GLU E 473 -2.16 4.11 -32.43
CA GLU E 473 -1.50 2.85 -32.75
C GLU E 473 -2.25 1.64 -32.19
N LEU E 474 -2.99 1.84 -31.09
CA LEU E 474 -3.72 0.74 -30.46
C LEU E 474 -5.06 0.47 -31.09
N TYR E 475 -5.51 1.34 -32.00
CA TYR E 475 -6.79 1.20 -32.65
C TYR E 475 -7.02 -0.13 -33.35
N LYS E 476 -5.96 -0.81 -33.74
CA LYS E 476 -6.14 -2.05 -34.45
C LYS E 476 -6.14 -3.25 -33.55
N TYR E 477 -5.95 -3.07 -32.24
CA TYR E 477 -5.90 -4.22 -31.37
C TYR E 477 -7.05 -4.30 -30.38
N LYS E 478 -7.48 -5.51 -30.08
CA LYS E 478 -8.53 -5.74 -29.09
C LYS E 478 -8.21 -6.90 -28.17
N VAL E 479 -8.58 -6.81 -26.90
CA VAL E 479 -8.35 -7.93 -26.00
C VAL E 479 -9.60 -8.74 -25.74
N VAL E 480 -9.49 -10.05 -25.96
CA VAL E 480 -10.64 -10.91 -25.71
C VAL E 480 -10.27 -12.08 -24.81
N LYS E 481 -11.26 -12.55 -24.09
CA LYS E 481 -11.13 -13.69 -23.20
C LYS E 481 -11.55 -14.95 -23.90
N ILE E 482 -10.77 -15.99 -23.75
CA ILE E 482 -11.11 -17.26 -24.35
C ILE E 482 -12.13 -17.97 -23.48
N GLU E 483 -13.22 -18.44 -24.09
CA GLU E 483 -14.30 -19.12 -23.40
C GLU E 483 -14.52 -20.52 -23.99
N PRO E 484 -13.76 -21.54 -23.57
CA PRO E 484 -13.68 -22.86 -24.16
C PRO E 484 -14.92 -23.75 -24.01
N LEU E 485 -15.84 -23.43 -23.10
CA LEU E 485 -17.00 -24.32 -22.94
C LEU E 485 -18.22 -23.93 -23.70
N GLY E 486 -18.93 -24.95 -24.15
CA GLY E 486 -20.22 -24.77 -24.80
C GLY E 486 -20.84 -26.12 -25.05
N VAL E 487 -22.03 -26.10 -25.63
CA VAL E 487 -22.75 -27.33 -25.91
C VAL E 487 -23.24 -27.33 -27.32
N ALA E 488 -23.60 -28.47 -27.83
CA ALA E 488 -24.24 -28.51 -29.15
C ALA E 488 -25.22 -29.67 -29.17
N PRO E 489 -26.27 -29.61 -29.98
CA PRO E 489 -27.19 -30.69 -30.23
C PRO E 489 -26.59 -31.88 -30.93
N THR E 490 -27.06 -33.04 -30.55
CA THR E 490 -26.79 -34.33 -31.15
C THR E 490 -28.05 -35.14 -31.05
N ALA E 491 -27.96 -36.44 -31.27
CA ALA E 491 -29.14 -37.29 -31.16
C ALA E 491 -28.94 -38.54 -30.28
N CYS E 492 -28.06 -38.46 -29.25
CA CYS E 492 -27.68 -39.56 -28.36
C CYS E 492 -27.79 -39.18 -26.88
N LYS E 493 -28.09 -40.21 -26.10
CA LYS E 493 -28.07 -40.16 -24.65
C LYS E 493 -26.72 -40.71 -24.17
N ARG E 494 -26.41 -40.52 -22.91
CA ARG E 494 -25.15 -40.98 -22.38
C ARG E 494 -25.04 -42.49 -22.36
N ARG E 495 -23.92 -43.02 -22.82
CA ARG E 495 -23.77 -44.47 -22.88
C ARG E 495 -23.24 -45.14 -21.61
N VAL E 496 -24.08 -45.12 -20.59
CA VAL E 496 -23.77 -45.75 -19.29
C VAL E 496 -24.76 -46.84 -18.82
N VAL E 497 -25.62 -47.35 -19.74
CA VAL E 497 -26.64 -48.37 -19.50
C VAL E 497 -26.51 -49.34 -20.67
N GLY F 10 -1.57 -22.04 -31.71
CA GLY F 10 -2.66 -21.51 -32.49
C GLY F 10 -3.94 -21.39 -31.67
N PHE F 11 -3.95 -20.44 -30.68
CA PHE F 11 -5.09 -20.19 -29.80
C PHE F 11 -6.12 -19.43 -30.56
N LEU F 12 -7.30 -20.03 -30.60
CA LEU F 12 -8.43 -19.57 -31.37
C LEU F 12 -8.14 -19.69 -32.85
N GLY F 13 -7.17 -20.52 -33.23
CA GLY F 13 -6.90 -20.71 -34.62
C GLY F 13 -7.99 -21.58 -35.14
N ALA F 14 -8.12 -21.65 -36.47
CA ALA F 14 -9.16 -22.43 -37.12
C ALA F 14 -10.53 -22.02 -36.61
N ALA F 15 -10.71 -20.72 -36.43
CA ALA F 15 -11.99 -20.21 -36.01
C ALA F 15 -12.88 -20.28 -37.21
N GLY F 16 -14.17 -20.43 -37.00
CA GLY F 16 -15.11 -20.46 -38.11
C GLY F 16 -15.27 -21.88 -38.65
N SER F 17 -16.01 -22.00 -39.75
CA SER F 17 -16.36 -23.28 -40.36
C SER F 17 -17.29 -24.06 -39.47
N THR F 18 -17.53 -25.30 -39.83
CA THR F 18 -18.46 -26.18 -39.14
C THR F 18 -18.10 -26.43 -37.70
N MET F 19 -19.09 -26.75 -36.89
CA MET F 19 -18.77 -27.05 -35.50
C MET F 19 -17.81 -28.22 -35.40
N GLY F 20 -17.89 -29.14 -36.36
CA GLY F 20 -17.04 -30.32 -36.37
C GLY F 20 -15.60 -29.98 -36.74
N ALA F 21 -15.35 -28.72 -37.09
CA ALA F 21 -14.06 -28.20 -37.47
C ALA F 21 -13.19 -28.18 -36.25
N ALA F 22 -13.82 -28.30 -35.08
CA ALA F 22 -13.11 -28.32 -33.84
C ALA F 22 -12.10 -29.43 -33.90
N SER F 23 -12.44 -30.54 -34.58
CA SER F 23 -11.49 -31.61 -34.75
C SER F 23 -10.73 -31.89 -33.50
N MET F 24 -9.41 -31.91 -33.65
CA MET F 24 -8.49 -32.08 -32.55
C MET F 24 -7.63 -30.85 -32.33
N THR F 25 -8.22 -29.67 -32.49
CA THR F 25 -7.50 -28.41 -32.27
C THR F 25 -7.70 -28.06 -30.81
N LEU F 26 -8.49 -28.88 -30.16
CA LEU F 26 -8.91 -28.74 -28.80
C LEU F 26 -7.81 -29.27 -27.89
N THR F 27 -6.70 -28.55 -27.86
CA THR F 27 -5.52 -28.97 -27.09
C THR F 27 -5.26 -28.25 -25.75
N VAL F 28 -5.89 -27.07 -25.51
CA VAL F 28 -5.73 -26.27 -24.29
C VAL F 28 -7.11 -25.70 -24.00
N ASP F 57 8.24 -1.98 -7.29
CA ASP F 57 8.14 -3.44 -7.29
C ASP F 57 6.83 -3.97 -6.65
N THR F 58 6.30 -3.27 -5.60
CA THR F 58 5.12 -3.71 -4.83
C THR F 58 3.85 -3.79 -5.64
N HIS F 59 3.54 -2.75 -6.41
CA HIS F 59 2.29 -2.76 -7.15
C HIS F 59 2.39 -3.72 -8.29
N TRP F 60 3.59 -3.82 -8.85
CA TRP F 60 3.83 -4.72 -9.94
C TRP F 60 3.62 -6.15 -9.45
N GLY F 61 4.19 -6.47 -8.27
CA GLY F 61 4.07 -7.79 -7.71
C GLY F 61 2.61 -8.15 -7.46
N ILE F 62 1.80 -7.18 -7.03
CA ILE F 62 0.40 -7.48 -6.81
C ILE F 62 -0.29 -7.74 -8.13
N LYS F 63 -0.04 -6.92 -9.16
CA LYS F 63 -0.70 -7.17 -10.43
C LYS F 63 -0.35 -8.54 -10.97
N GLN F 64 0.91 -8.95 -10.82
CA GLN F 64 1.32 -10.23 -11.36
C GLN F 64 0.75 -11.39 -10.56
N LEU F 65 0.70 -11.27 -9.24
CA LEU F 65 0.11 -12.34 -8.48
C LEU F 65 -1.35 -12.46 -8.79
N GLN F 66 -2.04 -11.33 -8.95
CA GLN F 66 -3.44 -11.47 -9.26
C GLN F 66 -3.64 -12.09 -10.61
N ALA F 67 -2.82 -11.73 -11.59
CA ALA F 67 -3.02 -12.32 -12.90
C ALA F 67 -2.81 -13.83 -12.86
N ARG F 68 -1.79 -14.29 -12.15
CA ARG F 68 -1.54 -15.72 -12.13
C ARG F 68 -2.58 -16.46 -11.33
N VAL F 69 -3.01 -15.90 -10.20
CA VAL F 69 -3.97 -16.57 -9.39
C VAL F 69 -5.27 -16.69 -10.13
N LEU F 70 -5.70 -15.62 -10.79
CA LEU F 70 -6.93 -15.71 -11.52
C LEU F 70 -6.83 -16.70 -12.65
N ALA F 71 -5.69 -16.77 -13.35
CA ALA F 71 -5.64 -17.76 -14.42
C ALA F 71 -5.88 -19.15 -13.83
N VAL F 72 -5.32 -19.41 -12.64
CA VAL F 72 -5.54 -20.68 -12.00
C VAL F 72 -6.98 -20.85 -11.60
N GLU F 73 -7.61 -19.83 -11.03
CA GLU F 73 -8.98 -19.97 -10.63
C GLU F 73 -9.89 -20.23 -11.80
N HIS F 74 -9.65 -19.60 -12.93
CA HIS F 74 -10.52 -19.81 -14.06
C HIS F 74 -10.37 -21.23 -14.55
N TYR F 75 -9.13 -21.73 -14.60
CA TYR F 75 -8.91 -23.09 -15.00
C TYR F 75 -9.65 -24.06 -14.12
N LEU F 76 -9.48 -23.88 -12.80
CA LEU F 76 -10.10 -24.80 -11.90
C LEU F 76 -11.60 -24.72 -11.93
N ARG F 77 -12.19 -23.53 -12.09
CA ARG F 77 -13.64 -23.52 -12.12
C ARG F 77 -14.16 -24.27 -13.32
N ASP F 78 -13.49 -24.20 -14.47
CA ASP F 78 -13.98 -24.98 -15.59
C ASP F 78 -13.83 -26.46 -15.30
N GLN F 79 -12.74 -26.85 -14.64
CA GLN F 79 -12.60 -28.26 -14.35
C GLN F 79 -13.63 -28.73 -13.34
N GLN F 80 -14.00 -27.89 -12.38
CA GLN F 80 -14.99 -28.28 -11.41
C GLN F 80 -16.33 -28.43 -12.08
N LEU F 81 -16.63 -27.54 -13.01
CA LEU F 81 -17.89 -27.57 -13.69
C LEU F 81 -17.97 -28.82 -14.57
N LEU F 82 -16.89 -29.14 -15.24
CA LEU F 82 -16.93 -30.34 -16.03
C LEU F 82 -17.11 -31.54 -15.13
N GLY F 83 -16.43 -31.56 -13.98
CA GLY F 83 -16.54 -32.67 -13.06
C GLY F 83 -17.98 -32.86 -12.58
N ILE F 84 -18.65 -31.78 -12.17
CA ILE F 84 -20.02 -31.92 -11.69
C ILE F 84 -20.97 -32.42 -12.77
N TRP F 85 -20.66 -32.16 -14.02
CA TRP F 85 -21.48 -32.64 -15.11
C TRP F 85 -21.14 -34.06 -15.53
N GLY F 86 -20.12 -34.65 -14.91
CA GLY F 86 -19.66 -35.99 -15.26
C GLY F 86 -18.50 -36.09 -16.28
N CYS F 87 -17.87 -34.95 -16.66
CA CYS F 87 -16.77 -34.89 -17.62
C CYS F 87 -15.44 -34.77 -16.90
N SER F 88 -14.66 -35.82 -16.97
CA SER F 88 -13.38 -35.83 -16.32
C SER F 88 -12.38 -36.43 -17.27
N GLY F 89 -11.44 -35.61 -17.74
CA GLY F 89 -10.48 -36.08 -18.72
C GLY F 89 -11.08 -36.24 -20.11
N LYS F 90 -12.14 -35.48 -20.41
CA LYS F 90 -12.79 -35.62 -21.71
C LYS F 90 -12.97 -34.30 -22.42
N LEU F 91 -12.87 -34.34 -23.74
CA LEU F 91 -13.16 -33.16 -24.53
C LEU F 91 -14.61 -33.10 -24.90
N ILE F 92 -15.18 -34.28 -25.12
CA ILE F 92 -16.55 -34.36 -25.56
C ILE F 92 -17.34 -35.32 -24.67
N CYS F 93 -18.50 -34.90 -24.10
CA CYS F 93 -19.35 -35.76 -23.26
C CYS F 93 -20.78 -35.79 -23.78
N THR F 94 -21.33 -36.97 -23.81
CA THR F 94 -22.71 -37.12 -24.20
C THR F 94 -23.48 -37.23 -22.91
N THR F 95 -24.52 -36.42 -22.76
CA THR F 95 -25.32 -36.43 -21.54
C THR F 95 -26.75 -36.89 -21.79
N ASN F 96 -27.56 -36.84 -20.73
CA ASN F 96 -28.96 -37.26 -20.73
C ASN F 96 -29.94 -36.10 -20.67
N VAL F 97 -29.50 -34.94 -21.09
CA VAL F 97 -30.34 -33.76 -21.13
C VAL F 97 -30.78 -33.52 -22.56
N PRO F 98 -32.09 -33.52 -22.86
CA PRO F 98 -32.68 -33.30 -24.16
C PRO F 98 -32.68 -31.83 -24.52
N TRP F 99 -32.85 -31.51 -25.78
CA TRP F 99 -33.10 -30.12 -26.15
C TRP F 99 -34.57 -29.76 -26.09
N ASN F 100 -34.83 -28.53 -25.63
CA ASN F 100 -36.12 -27.88 -25.56
C ASN F 100 -36.26 -26.97 -26.78
N SER F 101 -37.49 -26.88 -27.37
CA SER F 101 -37.86 -26.00 -28.50
C SER F 101 -37.80 -24.54 -28.07
N THR F 102 -37.82 -24.38 -26.76
CA THR F 102 -37.72 -23.13 -26.05
C THR F 102 -36.33 -22.55 -26.25
N TRP F 103 -35.31 -23.42 -26.25
CA TRP F 103 -33.94 -22.99 -26.37
C TRP F 103 -33.65 -22.85 -27.84
N SER F 104 -34.04 -23.88 -28.58
CA SER F 104 -33.86 -23.89 -30.00
C SER F 104 -34.87 -24.75 -30.72
N ASN F 105 -35.53 -24.15 -31.71
CA ASN F 105 -36.49 -24.87 -32.52
C ASN F 105 -35.91 -25.18 -33.88
N LYS F 106 -34.60 -25.12 -33.99
CA LYS F 106 -33.91 -25.42 -35.22
C LYS F 106 -33.55 -26.88 -35.22
N THR F 107 -33.39 -27.46 -36.40
CA THR F 107 -33.02 -28.86 -36.45
C THR F 107 -31.53 -29.13 -36.58
N LEU F 108 -31.21 -30.42 -36.65
CA LEU F 108 -29.83 -30.89 -36.67
C LEU F 108 -29.16 -30.65 -38.00
N SER F 109 -29.96 -30.28 -38.99
CA SER F 109 -29.48 -29.96 -40.33
C SER F 109 -29.18 -28.46 -40.43
N GLU F 110 -29.52 -27.69 -39.39
CA GLU F 110 -29.28 -26.25 -39.40
C GLU F 110 -28.10 -25.91 -38.51
N ILE F 111 -27.97 -26.67 -37.44
CA ILE F 111 -26.93 -26.49 -36.46
C ILE F 111 -25.81 -27.41 -36.89
N TRP F 112 -24.55 -27.02 -36.70
CA TRP F 112 -23.36 -27.79 -37.09
C TRP F 112 -22.98 -27.56 -38.53
N ASP F 113 -23.96 -27.69 -39.41
CA ASP F 113 -23.77 -27.46 -40.84
C ASP F 113 -23.53 -26.00 -41.19
N ASN F 114 -23.83 -25.09 -40.27
CA ASN F 114 -23.54 -23.68 -40.51
C ASN F 114 -22.05 -23.53 -40.35
N MET F 115 -21.44 -22.63 -41.09
CA MET F 115 -20.00 -22.45 -40.96
C MET F 115 -19.60 -21.56 -39.77
N THR F 116 -20.12 -21.91 -38.60
CA THR F 116 -19.86 -21.20 -37.37
C THR F 116 -20.39 -21.90 -36.14
N TRP F 117 -20.21 -21.21 -35.03
CA TRP F 117 -20.73 -21.57 -33.73
C TRP F 117 -20.85 -20.33 -32.93
N LEU F 118 -20.15 -19.30 -33.37
CA LEU F 118 -20.06 -18.12 -32.55
C LEU F 118 -21.39 -17.40 -32.44
N GLN F 119 -22.12 -17.33 -33.54
CA GLN F 119 -23.39 -16.67 -33.56
C GLN F 119 -24.41 -17.51 -32.85
N TRP F 120 -24.27 -18.81 -33.00
CA TRP F 120 -25.17 -19.75 -32.41
C TRP F 120 -25.07 -19.67 -30.89
N ASP F 121 -23.84 -19.60 -30.38
CA ASP F 121 -23.64 -19.48 -28.93
C ASP F 121 -24.32 -18.21 -28.46
N LYS F 122 -24.26 -17.17 -29.27
CA LYS F 122 -24.93 -15.93 -28.91
C LYS F 122 -26.46 -16.13 -28.95
N GLU F 123 -26.97 -16.85 -29.95
CA GLU F 123 -28.42 -17.05 -30.07
C GLU F 123 -29.02 -17.75 -28.87
N ILE F 124 -28.29 -18.67 -28.28
CA ILE F 124 -28.80 -19.38 -27.11
C ILE F 124 -28.09 -18.99 -25.83
N SER F 125 -27.46 -17.82 -25.81
CA SER F 125 -26.70 -17.45 -24.62
C SER F 125 -27.57 -17.31 -23.40
N ASN F 126 -28.82 -16.96 -23.60
CA ASN F 126 -29.73 -16.74 -22.51
C ASN F 126 -30.29 -18.00 -21.91
N TYR F 127 -29.88 -19.15 -22.42
CA TYR F 127 -30.32 -20.40 -21.86
C TYR F 127 -29.13 -21.14 -21.25
N THR F 128 -27.97 -20.49 -21.21
CA THR F 128 -26.76 -21.18 -20.76
C THR F 128 -26.93 -21.79 -19.40
N GLN F 129 -27.51 -21.02 -18.50
CA GLN F 129 -27.70 -21.41 -17.12
C GLN F 129 -28.77 -22.49 -16.95
N ILE F 130 -29.59 -22.68 -17.97
CA ILE F 130 -30.62 -23.67 -17.91
C ILE F 130 -29.99 -24.96 -18.27
N ILE F 131 -29.23 -24.94 -19.35
CA ILE F 131 -28.60 -26.14 -19.78
C ILE F 131 -27.62 -26.56 -18.71
N TYR F 132 -26.84 -25.63 -18.18
CA TYR F 132 -25.89 -26.00 -17.17
C TYR F 132 -26.58 -26.55 -15.93
N GLY F 133 -27.68 -25.95 -15.51
CA GLY F 133 -28.37 -26.48 -14.34
C GLY F 133 -28.86 -27.89 -14.60
N LEU F 134 -29.38 -28.13 -15.80
CA LEU F 134 -29.89 -29.44 -16.14
C LEU F 134 -28.78 -30.47 -16.20
N LEU F 135 -27.61 -30.06 -16.68
CA LEU F 135 -26.50 -30.99 -16.72
C LEU F 135 -26.15 -31.43 -15.32
N GLU F 136 -26.18 -30.48 -14.36
CA GLU F 136 -25.88 -30.85 -12.98
C GLU F 136 -26.95 -31.79 -12.43
N GLU F 137 -28.22 -31.53 -12.75
CA GLU F 137 -29.29 -32.37 -12.24
C GLU F 137 -29.19 -33.77 -12.78
N SER F 138 -28.82 -33.88 -14.06
CA SER F 138 -28.69 -35.17 -14.67
C SER F 138 -27.59 -35.96 -14.00
N GLN F 139 -26.45 -35.32 -13.75
CA GLN F 139 -25.39 -36.05 -13.10
C GLN F 139 -25.78 -36.41 -11.69
N ASN F 140 -26.52 -35.55 -11.01
CA ASN F 140 -26.90 -35.87 -9.66
C ASN F 140 -27.81 -37.09 -9.64
N GLN F 141 -28.70 -37.22 -10.62
CA GLN F 141 -29.54 -38.39 -10.65
C GLN F 141 -28.71 -39.62 -10.94
N GLN F 142 -27.73 -39.51 -11.83
CA GLN F 142 -26.90 -40.66 -12.13
C GLN F 142 -26.13 -41.08 -10.90
N GLU F 143 -25.63 -40.10 -10.14
CA GLU F 143 -24.86 -40.42 -8.96
C GLU F 143 -25.74 -41.10 -7.95
N LYS F 144 -26.98 -40.63 -7.82
CA LYS F 144 -27.86 -41.24 -6.86
C LYS F 144 -28.17 -42.68 -7.26
N ASN F 145 -28.40 -42.91 -8.57
CA ASN F 145 -28.75 -44.25 -9.00
C ASN F 145 -27.59 -45.19 -8.76
N GLU F 146 -26.36 -44.71 -8.98
CA GLU F 146 -25.19 -45.55 -8.74
C GLU F 146 -24.97 -45.78 -7.25
N THR F 147 -25.20 -44.75 -6.45
CA THR F 147 -24.99 -44.80 -5.02
C THR F 147 -25.82 -45.87 -4.37
N ASP F 148 -27.07 -45.97 -4.79
CA ASP F 148 -27.99 -46.93 -4.20
C ASP F 148 -27.88 -48.32 -4.80
N ASN F 149 -27.03 -48.49 -5.79
CA ASN F 149 -26.83 -49.75 -6.47
C ASN F 149 -25.35 -50.00 -6.59
N LEU F 150 -24.68 -49.90 -5.46
CA LEU F 150 -23.24 -50.05 -5.40
C LEU F 150 -22.84 -51.45 -5.76
N THR F 151 -21.84 -51.58 -6.62
CA THR F 151 -21.34 -52.90 -6.96
C THR F 151 -20.27 -53.20 -5.92
N CYS F 152 -20.39 -54.36 -5.25
CA CYS F 152 -19.51 -54.82 -4.19
C CYS F 152 -18.79 -56.07 -4.66
N ASP F 153 -17.58 -56.30 -4.18
CA ASP F 153 -16.91 -57.52 -4.57
C ASP F 153 -17.79 -58.70 -4.13
N GLU G 37 11.44 -57.33 -29.58
CA GLU G 37 11.31 -56.02 -28.96
C GLU G 37 9.98 -55.98 -28.17
N ASN G 38 8.85 -55.58 -28.85
CA ASN G 38 7.47 -55.50 -28.29
C ASN G 38 7.31 -54.66 -27.02
N LEU G 39 7.93 -53.49 -26.98
CA LEU G 39 7.78 -52.64 -25.82
C LEU G 39 7.06 -51.37 -26.18
N TRP G 40 6.33 -50.81 -25.23
CA TRP G 40 5.58 -49.56 -25.36
C TRP G 40 5.88 -48.63 -24.22
N VAL G 41 5.65 -47.36 -24.44
CA VAL G 41 5.93 -46.34 -23.43
C VAL G 41 4.96 -46.40 -22.25
N THR G 42 5.52 -46.38 -21.04
CA THR G 42 4.74 -46.30 -19.81
C THR G 42 5.10 -44.97 -19.16
N VAL G 43 4.09 -44.26 -18.72
CA VAL G 43 4.32 -42.98 -18.11
C VAL G 43 4.17 -43.08 -16.62
N TYR G 44 5.14 -42.57 -15.90
CA TYR G 44 5.12 -42.63 -14.45
C TYR G 44 5.09 -41.28 -13.78
N TYR G 45 4.30 -41.19 -12.74
CA TYR G 45 4.25 -39.99 -11.94
C TYR G 45 4.60 -40.31 -10.52
N GLY G 46 5.51 -39.53 -9.96
CA GLY G 46 5.99 -39.76 -8.61
C GLY G 46 7.40 -40.35 -8.65
N VAL G 47 8.08 -40.13 -9.76
CA VAL G 47 9.43 -40.64 -9.94
C VAL G 47 10.42 -39.84 -9.09
N PRO G 48 11.26 -40.49 -8.26
CA PRO G 48 12.19 -39.84 -7.34
C PRO G 48 13.44 -39.29 -7.98
N VAL G 49 13.27 -38.29 -8.84
CA VAL G 49 14.39 -37.63 -9.50
C VAL G 49 14.32 -36.13 -9.31
N TRP G 50 15.45 -35.46 -9.55
CA TRP G 50 15.53 -34.02 -9.38
C TRP G 50 16.55 -33.35 -10.28
N LYS G 51 16.43 -32.02 -10.36
CA LYS G 51 17.34 -31.18 -11.14
C LYS G 51 17.93 -30.06 -10.28
N ASP G 52 19.12 -29.57 -10.64
CA ASP G 52 19.68 -28.44 -9.90
C ASP G 52 18.72 -27.27 -10.00
N ALA G 53 18.51 -26.53 -8.92
CA ALA G 53 17.57 -25.42 -9.02
C ALA G 53 17.83 -24.27 -8.08
N GLU G 54 17.25 -23.14 -8.41
CA GLU G 54 17.27 -21.98 -7.54
C GLU G 54 15.84 -21.57 -7.24
N THR G 55 15.46 -21.58 -5.97
CA THR G 55 14.11 -21.19 -5.63
C THR G 55 14.10 -20.32 -4.42
N THR G 56 12.92 -19.91 -4.04
CA THR G 56 12.80 -19.08 -2.87
C THR G 56 12.77 -19.95 -1.64
N LEU G 57 13.65 -19.67 -0.71
CA LEU G 57 13.68 -20.44 0.52
C LEU G 57 13.04 -19.62 1.59
N PHE G 58 12.49 -20.26 2.60
CA PHE G 58 11.91 -19.48 3.67
C PHE G 58 12.70 -19.76 4.95
N CYS G 59 12.63 -18.83 5.90
CA CYS G 59 13.33 -18.91 7.18
C CYS G 59 12.42 -19.39 8.30
N ALA G 60 12.92 -20.35 9.06
CA ALA G 60 12.27 -20.81 10.26
C ALA G 60 13.15 -20.41 11.47
N SER G 61 12.50 -20.11 12.62
CA SER G 61 13.05 -19.74 13.92
C SER G 61 14.36 -20.50 14.27
N HIS G 71 11.60 -8.85 20.83
CA HIS G 71 12.55 -7.75 20.64
C HIS G 71 13.76 -8.09 19.70
N ASN G 72 13.97 -9.38 19.38
CA ASN G 72 15.03 -9.89 18.50
C ASN G 72 14.60 -9.87 17.06
N VAL G 73 15.37 -9.17 16.24
CA VAL G 73 15.02 -8.97 14.85
C VAL G 73 14.95 -10.25 14.03
N TRP G 74 15.79 -11.22 14.36
CA TRP G 74 15.83 -12.44 13.60
C TRP G 74 14.64 -13.26 13.94
N ALA G 75 14.32 -13.27 15.23
CA ALA G 75 13.20 -14.03 15.74
C ALA G 75 11.88 -13.45 15.26
N THR G 76 11.84 -12.13 15.15
CA THR G 76 10.66 -11.41 14.71
C THR G 76 10.38 -11.71 13.26
N HIS G 77 11.42 -11.66 12.43
CA HIS G 77 11.25 -11.95 11.02
C HIS G 77 10.98 -13.43 10.72
N CYS G 78 11.76 -14.36 11.33
CA CYS G 78 11.67 -15.80 11.14
C CYS G 78 10.64 -16.32 12.16
N CYS G 79 9.41 -15.87 11.93
CA CYS G 79 8.27 -16.14 12.78
C CYS G 79 7.76 -17.55 12.65
N VAL G 80 8.17 -18.20 11.58
CA VAL G 80 7.81 -19.56 11.26
C VAL G 80 8.55 -20.50 12.18
N PRO G 81 7.88 -21.41 12.89
CA PRO G 81 8.50 -22.32 13.82
C PRO G 81 9.33 -23.35 13.10
N THR G 82 10.33 -23.87 13.80
CA THR G 82 11.16 -24.93 13.28
C THR G 82 10.52 -26.26 13.53
N ASP G 83 11.05 -27.27 12.87
CA ASP G 83 10.64 -28.64 13.07
C ASP G 83 11.25 -29.12 14.38
N PRO G 84 10.48 -29.45 15.44
CA PRO G 84 10.99 -29.89 16.72
C PRO G 84 11.67 -31.26 16.63
N ASN G 85 11.40 -32.00 15.56
CA ASN G 85 11.97 -33.33 15.38
C ASN G 85 12.42 -33.52 13.95
N PRO G 86 13.50 -32.86 13.50
CA PRO G 86 13.93 -32.84 12.13
C PRO G 86 14.17 -34.24 11.63
N GLN G 87 13.76 -34.52 10.42
CA GLN G 87 13.98 -35.83 9.84
C GLN G 87 15.07 -35.77 8.82
N GLU G 88 15.75 -36.88 8.61
CA GLU G 88 16.76 -36.93 7.58
C GLU G 88 16.62 -38.24 6.85
N ILE G 89 16.84 -38.22 5.56
CA ILE G 89 16.76 -39.44 4.77
C ILE G 89 18.06 -39.72 4.11
N VAL G 90 18.62 -40.88 4.34
CA VAL G 90 19.89 -41.16 3.70
C VAL G 90 19.66 -41.73 2.32
N LEU G 91 20.25 -41.12 1.31
CA LEU G 91 20.02 -41.57 -0.03
C LEU G 91 21.00 -42.65 -0.38
N GLU G 92 20.69 -43.82 0.12
CA GLU G 92 21.57 -44.93 -0.04
C GLU G 92 21.76 -45.17 -1.54
N ASN G 93 23.02 -45.44 -1.94
CA ASN G 93 23.49 -45.71 -3.32
C ASN G 93 23.24 -44.53 -4.29
N VAL G 94 23.23 -43.27 -3.79
CA VAL G 94 23.10 -42.04 -4.57
C VAL G 94 24.28 -41.15 -4.37
N THR G 95 24.87 -40.68 -5.46
CA THR G 95 25.97 -39.75 -5.35
C THR G 95 25.50 -38.48 -6.02
N GLU G 96 26.11 -37.34 -5.69
CA GLU G 96 25.71 -36.08 -6.30
C GLU G 96 26.84 -35.04 -6.31
N ASN G 97 26.75 -34.08 -7.23
CA ASN G 97 27.71 -32.97 -7.33
C ASN G 97 27.32 -31.70 -6.60
N PHE G 98 28.21 -31.30 -5.71
CA PHE G 98 28.05 -30.11 -4.90
C PHE G 98 29.13 -29.09 -5.28
N ASN G 99 28.82 -27.80 -5.16
CA ASN G 99 29.82 -26.76 -5.43
C ASN G 99 29.55 -25.55 -4.57
N MET G 100 30.30 -25.41 -3.50
CA MET G 100 30.03 -24.34 -2.56
C MET G 100 30.26 -22.95 -3.11
N TRP G 101 31.01 -22.83 -4.18
CA TRP G 101 31.35 -21.51 -4.65
C TRP G 101 30.32 -20.98 -5.62
N LYS G 102 29.41 -21.85 -6.03
CA LYS G 102 28.38 -21.52 -7.00
C LYS G 102 27.02 -21.76 -6.40
N ASN G 103 27.01 -21.93 -5.10
CA ASN G 103 25.83 -22.27 -4.35
C ASN G 103 24.94 -21.08 -4.14
N ASN G 104 23.77 -21.10 -4.75
CA ASN G 104 22.85 -19.97 -4.74
C ASN G 104 22.20 -19.73 -3.39
N MET G 105 22.42 -20.63 -2.45
CA MET G 105 21.87 -20.45 -1.13
C MET G 105 22.61 -19.38 -0.40
N VAL G 106 23.90 -19.15 -0.76
CA VAL G 106 24.65 -18.16 -0.02
C VAL G 106 24.19 -16.81 -0.48
N GLU G 107 23.86 -16.71 -1.75
CA GLU G 107 23.43 -15.44 -2.26
C GLU G 107 22.12 -15.09 -1.63
N GLN G 108 21.25 -16.07 -1.48
CA GLN G 108 19.98 -15.77 -0.88
C GLN G 108 20.16 -15.41 0.57
N MET G 109 21.04 -16.11 1.30
CA MET G 109 21.22 -15.75 2.68
C MET G 109 21.73 -14.33 2.78
N HIS G 110 22.67 -13.97 1.91
CA HIS G 110 23.21 -12.64 1.92
C HIS G 110 22.11 -11.63 1.71
N GLU G 111 21.28 -11.85 0.70
CA GLU G 111 20.23 -10.90 0.39
C GLU G 111 19.19 -10.80 1.50
N ASP G 112 18.83 -11.93 2.12
CA ASP G 112 17.83 -11.86 3.17
C ASP G 112 18.36 -11.07 4.34
N ILE G 113 19.65 -11.23 4.64
CA ILE G 113 20.22 -10.49 5.73
C ILE G 113 20.26 -9.02 5.46
N ILE G 114 20.64 -8.62 4.25
CA ILE G 114 20.70 -7.20 3.98
C ILE G 114 19.30 -6.64 4.08
N SER G 115 18.32 -7.36 3.53
CA SER G 115 16.97 -6.89 3.57
C SER G 115 16.46 -6.75 4.97
N LEU G 116 16.72 -7.73 5.83
CA LEU G 116 16.23 -7.62 7.19
C LEU G 116 16.87 -6.48 7.91
N TRP G 117 18.17 -6.33 7.73
CA TRP G 117 18.91 -5.27 8.37
C TRP G 117 18.32 -3.93 8.01
N ASP G 118 18.12 -3.73 6.72
CA ASP G 118 17.62 -2.48 6.23
C ASP G 118 16.22 -2.24 6.72
N GLN G 119 15.38 -3.28 6.75
CA GLN G 119 14.01 -3.08 7.19
C GLN G 119 13.94 -2.77 8.68
N SER G 120 14.77 -3.42 9.48
CA SER G 120 14.78 -3.25 10.92
C SER G 120 15.07 -1.82 11.31
N LEU G 121 15.98 -1.20 10.58
CA LEU G 121 16.39 0.15 10.88
C LEU G 121 15.48 1.24 10.30
N LYS G 122 14.43 0.87 9.55
CA LYS G 122 13.61 1.93 8.97
C LYS G 122 12.80 2.72 10.01
N PRO G 123 11.98 2.11 10.88
CA PRO G 123 11.15 2.82 11.84
C PRO G 123 11.93 3.26 13.07
N CYS G 124 12.95 4.12 12.86
CA CYS G 124 13.90 4.59 13.88
C CYS G 124 14.29 6.04 13.63
N VAL G 125 15.02 6.58 14.57
CA VAL G 125 15.47 7.96 14.57
C VAL G 125 16.48 8.32 13.50
N LYS G 126 16.25 9.43 12.84
CA LYS G 126 17.17 9.90 11.82
C LYS G 126 18.15 10.84 12.51
N LEU G 127 19.42 10.78 12.15
CA LEU G 127 20.37 11.68 12.76
C LEU G 127 20.83 12.76 11.83
N THR G 128 20.10 12.95 10.76
CA THR G 128 20.46 13.94 9.78
C THR G 128 20.45 15.37 10.35
N PRO G 129 19.64 15.73 11.37
CA PRO G 129 19.66 17.02 12.01
C PRO G 129 21.01 17.28 12.70
N LEU G 130 21.87 16.24 12.85
CA LEU G 130 23.17 16.45 13.48
C LEU G 130 24.30 16.88 12.54
N CYS G 131 24.06 17.04 11.21
CA CYS G 131 25.11 17.46 10.28
C CYS G 131 25.35 18.97 10.42
N VAL G 132 25.97 19.31 11.55
CA VAL G 132 26.29 20.67 11.99
C VAL G 132 27.73 20.75 12.39
N THR G 133 28.25 21.96 12.52
CA THR G 133 29.62 22.11 12.97
C THR G 133 29.78 21.68 14.41
N LEU G 134 30.79 20.87 14.66
CA LEU G 134 31.13 20.37 15.99
C LEU G 134 32.43 21.05 16.47
N ASN G 135 32.62 21.26 17.81
CA ASN G 135 33.86 21.83 18.40
C ASN G 135 34.98 20.79 18.67
N CYS G 136 34.61 19.57 19.09
CA CYS G 136 35.41 18.38 19.42
C CYS G 136 36.76 18.68 20.11
N THR G 137 36.69 19.12 21.37
CA THR G 137 37.89 19.42 22.14
C THR G 137 38.29 18.17 22.94
N ASN G 138 39.50 18.13 23.57
CA ASN G 138 39.95 16.97 24.35
C ASN G 138 39.02 16.71 25.56
N ALA G 139 38.52 15.45 25.69
CA ALA G 139 37.61 14.98 26.75
C ALA G 139 38.37 14.57 28.00
N THR G 140 37.78 14.77 29.17
CA THR G 140 38.46 14.36 30.41
C THR G 140 37.67 13.31 31.16
N ALA G 141 38.35 12.22 31.54
CA ALA G 141 37.75 11.13 32.30
C ALA G 141 38.42 11.03 33.65
N SER G 142 37.72 11.41 34.70
CA SER G 142 38.31 11.44 36.03
C SER G 142 39.51 12.40 36.00
N ASN G 143 40.72 11.91 36.23
CA ASN G 143 41.89 12.78 36.21
C ASN G 143 42.70 12.66 34.93
N SER G 144 42.16 11.99 33.93
CA SER G 144 42.86 11.82 32.68
C SER G 144 42.45 12.88 31.69
N SER G 145 43.37 13.80 31.41
CA SER G 145 43.09 14.91 30.52
C SER G 145 43.18 14.51 29.06
N ILE G 146 43.93 13.45 28.77
CA ILE G 146 44.02 13.03 27.39
C ILE G 146 43.45 11.64 27.19
N ILE G 147 42.47 11.57 26.32
CA ILE G 147 41.87 10.32 25.93
C ILE G 147 42.14 10.29 24.45
N GLU G 148 42.92 9.35 24.00
CA GLU G 148 43.29 9.38 22.60
C GLU G 148 42.12 9.14 21.67
N GLY G 149 41.25 8.22 22.04
CA GLY G 149 40.13 7.83 21.20
C GLY G 149 38.91 8.77 21.14
N MET G 150 38.70 9.63 22.13
CA MET G 150 37.47 10.42 22.11
C MET G 150 37.61 11.90 22.35
N LYS G 151 36.74 12.65 21.70
CA LYS G 151 36.67 14.08 21.90
C LYS G 151 35.26 14.55 22.32
N ASN G 152 35.21 15.69 23.04
CA ASN G 152 34.04 16.37 23.58
C ASN G 152 33.55 17.45 22.60
N CYS G 153 32.48 17.15 21.85
CA CYS G 153 31.99 17.97 20.77
C CYS G 153 30.75 18.76 21.17
N SER G 154 30.84 20.09 21.13
CA SER G 154 29.66 20.88 21.41
C SER G 154 28.97 21.11 20.09
N PHE G 155 27.65 21.31 20.12
CA PHE G 155 26.90 21.58 18.90
C PHE G 155 25.53 22.30 19.08
N ASN G 156 25.03 22.93 17.97
CA ASN G 156 23.73 23.62 17.86
C ASN G 156 22.62 22.67 17.38
N ILE G 157 21.71 22.19 18.29
CA ILE G 157 20.64 21.22 17.94
C ILE G 157 19.20 21.66 18.17
N THR G 158 18.37 21.41 17.15
CA THR G 158 16.94 21.70 17.22
C THR G 158 16.23 20.61 18.01
N THR G 159 15.43 21.05 18.97
CA THR G 159 14.68 20.20 19.87
C THR G 159 13.32 19.96 19.27
N GLU G 160 12.34 19.62 20.09
CA GLU G 160 11.04 19.33 19.53
C GLU G 160 10.39 20.58 18.98
N LEU G 161 10.87 21.76 19.37
CA LEU G 161 10.27 22.98 18.86
C LEU G 161 11.10 23.75 17.88
N ARG G 162 10.40 24.40 16.96
CA ARG G 162 11.05 25.31 16.03
C ARG G 162 11.27 26.65 16.71
N ASP G 163 12.22 26.61 17.61
CA ASP G 163 12.61 27.67 18.52
C ASP G 163 14.11 27.63 18.68
N LYS G 164 14.65 28.51 19.50
CA LYS G 164 16.09 28.59 19.68
C LYS G 164 16.64 27.21 19.99
N ARG G 165 17.72 26.89 19.28
CA ARG G 165 18.41 25.62 19.40
C ARG G 165 19.13 25.56 20.73
N GLU G 166 19.28 24.37 21.27
CA GLU G 166 19.99 24.22 22.52
C GLU G 166 21.43 23.85 22.26
N LYS G 167 22.30 24.24 23.18
CA LYS G 167 23.69 23.87 23.06
C LYS G 167 23.92 22.58 23.81
N LYS G 168 24.35 21.56 23.09
CA LYS G 168 24.57 20.26 23.67
C LYS G 168 25.99 19.82 23.51
N ASN G 169 26.40 18.86 24.33
CA ASN G 169 27.72 18.29 24.24
C ASN G 169 27.61 16.78 24.25
N ALA G 170 28.47 16.14 23.49
CA ALA G 170 28.54 14.68 23.48
C ALA G 170 29.94 14.22 23.19
N LEU G 171 30.27 13.02 23.64
CA LEU G 171 31.57 12.52 23.31
C LEU G 171 31.44 11.64 22.09
N PHE G 172 32.42 11.74 21.21
CA PHE G 172 32.48 10.92 20.01
C PHE G 172 33.83 10.28 19.81
N TYR G 173 33.84 9.12 19.18
CA TYR G 173 35.10 8.53 18.84
C TYR G 173 35.66 9.28 17.67
N LYS G 174 36.94 9.56 17.70
CA LYS G 174 37.55 10.33 16.63
C LYS G 174 37.55 9.62 15.29
N LEU G 175 37.37 8.31 15.30
CA LEU G 175 37.35 7.57 14.06
C LEU G 175 36.14 7.95 13.22
N ASP G 176 35.10 8.48 13.86
CA ASP G 176 33.89 8.87 13.17
C ASP G 176 33.80 10.37 12.93
N ILE G 177 34.87 11.10 13.20
CA ILE G 177 34.85 12.56 13.08
C ILE G 177 35.84 13.06 12.05
N VAL G 178 35.37 13.94 11.19
CA VAL G 178 36.24 14.51 10.18
C VAL G 178 36.47 15.98 10.43
N GLN G 179 37.73 16.38 10.36
CA GLN G 179 38.07 17.78 10.57
C GLN G 179 37.71 18.55 9.32
N LEU G 180 37.04 19.69 9.49
CA LEU G 180 36.61 20.49 8.36
C LEU G 180 37.71 21.31 7.67
N ASP G 181 38.75 21.73 8.39
CA ASP G 181 39.83 22.45 7.72
C ASP G 181 41.14 22.25 8.47
N GLY G 182 42.22 22.80 7.97
CA GLY G 182 43.49 22.63 8.65
C GLY G 182 43.55 23.51 9.88
N ASN G 183 44.21 23.04 10.94
CA ASN G 183 44.38 23.85 12.14
C ASN G 183 43.05 24.44 12.60
N SER G 184 42.02 23.61 12.63
CA SER G 184 40.71 24.12 12.98
C SER G 184 39.92 23.27 13.95
N SER G 185 39.14 23.99 14.72
CA SER G 185 38.22 23.49 15.72
C SER G 185 36.91 23.02 15.13
N GLN G 186 36.70 23.25 13.84
CA GLN G 186 35.44 22.84 13.26
C GLN G 186 35.49 21.39 12.76
N TYR G 187 34.53 20.60 13.22
CA TYR G 187 34.42 19.18 12.88
C TYR G 187 33.05 18.76 12.39
N ARG G 188 33.00 17.64 11.68
CA ARG G 188 31.74 17.08 11.19
C ARG G 188 31.68 15.56 11.37
N LEU G 189 30.47 15.00 11.36
CA LEU G 189 30.39 13.55 11.44
C LEU G 189 30.95 13.01 10.12
N ILE G 190 31.65 11.90 10.19
CA ILE G 190 32.29 11.31 9.01
C ILE G 190 31.37 10.95 7.87
N ASN G 191 30.14 10.56 8.15
CA ASN G 191 29.24 10.19 7.06
C ASN G 191 28.31 11.28 6.52
N CYS G 192 28.48 12.56 6.93
CA CYS G 192 27.73 13.70 6.42
C CYS G 192 28.48 14.09 5.15
N ASN G 193 27.77 14.71 4.23
CA ASN G 193 28.32 15.07 2.92
C ASN G 193 28.62 13.81 2.10
N THR G 194 27.94 12.72 2.47
CA THR G 194 27.93 11.43 1.80
C THR G 194 26.51 10.91 1.70
N SER G 195 25.90 10.62 2.85
CA SER G 195 24.59 9.99 2.88
C SER G 195 23.85 10.21 4.20
N ALA G 196 22.60 9.76 4.27
CA ALA G 196 21.86 9.90 5.52
C ALA G 196 22.42 8.98 6.60
N ILE G 197 22.42 9.46 7.84
CA ILE G 197 22.86 8.66 8.97
C ILE G 197 21.65 8.43 9.83
N THR G 198 21.40 7.18 10.19
CA THR G 198 20.26 6.89 11.04
C THR G 198 20.73 6.20 12.30
N GLN G 199 19.90 6.21 13.34
CA GLN G 199 20.23 5.58 14.61
C GLN G 199 19.48 4.30 14.80
N ALA G 200 20.16 3.26 15.22
CA ALA G 200 19.44 2.03 15.49
C ALA G 200 18.56 2.24 16.70
N CYS G 201 17.35 1.63 16.73
CA CYS G 201 16.43 1.67 17.86
C CYS G 201 17.01 0.82 19.02
N PRO G 202 17.14 1.36 20.24
CA PRO G 202 17.64 0.66 21.42
C PRO G 202 16.82 -0.56 21.80
N LYS G 203 15.57 -0.61 21.33
CA LYS G 203 14.65 -1.69 21.63
C LYS G 203 14.89 -2.96 20.84
N VAL G 204 15.71 -2.90 19.77
CA VAL G 204 15.87 -4.10 18.96
C VAL G 204 17.22 -4.73 19.09
N SER G 205 17.19 -6.03 19.32
CA SER G 205 18.37 -6.82 19.41
C SER G 205 18.70 -7.43 18.08
N PHE G 206 19.97 -7.41 17.75
CA PHE G 206 20.45 -8.03 16.53
C PHE G 206 21.22 -9.29 16.82
N GLU G 207 21.12 -9.77 18.06
CA GLU G 207 21.87 -10.95 18.46
C GLU G 207 21.54 -12.13 17.55
N PRO G 208 22.51 -12.76 16.89
CA PRO G 208 22.32 -13.88 16.01
C PRO G 208 21.64 -15.03 16.71
N ILE G 209 20.70 -15.66 16.02
CA ILE G 209 20.02 -16.84 16.55
C ILE G 209 20.23 -17.80 15.41
N PRO G 210 20.14 -19.10 15.58
CA PRO G 210 20.28 -19.99 14.47
C PRO G 210 19.17 -19.72 13.48
N ILE G 211 19.51 -19.68 12.22
CA ILE G 211 18.56 -19.51 11.14
C ILE G 211 18.42 -20.77 10.35
N HIS G 212 17.20 -21.24 10.20
CA HIS G 212 17.00 -22.46 9.46
C HIS G 212 16.40 -22.17 8.10
N TYR G 213 17.11 -22.55 7.05
CA TYR G 213 16.54 -22.35 5.72
C TYR G 213 15.79 -23.59 5.34
N CYS G 214 14.53 -23.43 4.88
CA CYS G 214 13.60 -24.52 4.56
C CYS G 214 13.12 -24.48 3.12
N ALA G 215 13.02 -25.66 2.53
CA ALA G 215 12.53 -25.79 1.17
C ALA G 215 11.03 -25.60 1.09
N PRO G 216 10.49 -25.00 0.01
CA PRO G 216 9.09 -24.93 -0.33
C PRO G 216 8.63 -26.26 -0.90
N ALA G 217 7.33 -26.48 -0.95
CA ALA G 217 6.83 -27.71 -1.56
C ALA G 217 7.32 -27.78 -3.00
N GLY G 218 7.63 -29.00 -3.46
CA GLY G 218 8.13 -29.22 -4.81
C GLY G 218 9.67 -29.18 -4.88
N PHE G 219 10.30 -28.80 -3.77
CA PHE G 219 11.74 -28.69 -3.64
C PHE G 219 12.31 -29.43 -2.46
N ALA G 220 13.59 -29.72 -2.55
CA ALA G 220 14.26 -30.37 -1.44
C ALA G 220 15.67 -29.90 -1.31
N ILE G 221 16.21 -30.04 -0.11
CA ILE G 221 17.58 -29.69 0.12
C ILE G 221 18.40 -30.94 0.36
N LEU G 222 19.46 -31.08 -0.41
CA LEU G 222 20.31 -32.22 -0.26
C LEU G 222 21.44 -31.79 0.63
N LYS G 223 21.92 -32.69 1.45
CA LYS G 223 23.04 -32.42 2.33
C LYS G 223 24.17 -33.42 2.07
N CYS G 224 25.42 -32.93 1.98
CA CYS G 224 26.62 -33.74 1.80
C CYS G 224 27.16 -34.16 3.15
N ASN G 225 27.32 -35.47 3.34
CA ASN G 225 27.82 -36.01 4.59
C ASN G 225 29.27 -36.54 4.57
N ASN G 226 30.08 -36.12 3.57
CA ASN G 226 31.49 -36.46 3.43
C ASN G 226 32.32 -35.44 4.23
N LYS G 227 32.97 -35.91 5.31
CA LYS G 227 33.74 -35.12 6.29
C LYS G 227 34.92 -34.41 5.65
N THR G 228 35.35 -34.91 4.50
CA THR G 228 36.47 -34.36 3.78
C THR G 228 36.05 -33.87 2.40
N PHE G 229 34.77 -33.56 2.23
CA PHE G 229 34.23 -33.09 0.95
C PHE G 229 35.05 -31.98 0.29
N THR G 230 35.43 -31.00 1.08
CA THR G 230 36.26 -29.90 0.63
C THR G 230 35.70 -29.05 -0.52
N GLY G 231 34.49 -28.55 -0.36
CA GLY G 231 33.93 -27.56 -1.29
C GLY G 231 33.35 -28.01 -2.60
N THR G 232 34.13 -28.68 -3.42
CA THR G 232 33.59 -29.07 -4.72
C THR G 232 33.77 -30.49 -5.15
N GLY G 233 32.85 -30.90 -6.00
CA GLY G 233 32.90 -32.17 -6.69
C GLY G 233 31.85 -33.14 -6.16
N PRO G 234 31.91 -34.39 -6.59
CA PRO G 234 30.98 -35.42 -6.22
C PRO G 234 31.10 -35.64 -4.72
N CYS G 235 29.98 -35.94 -4.09
CA CYS G 235 29.82 -36.30 -2.70
C CYS G 235 29.17 -37.66 -2.77
N ASN G 236 29.82 -38.65 -2.19
CA ASN G 236 29.32 -40.02 -2.30
C ASN G 236 28.42 -40.55 -1.18
N ASN G 237 28.08 -39.69 -0.20
CA ASN G 237 27.22 -39.98 0.94
C ASN G 237 26.32 -38.74 1.12
N VAL G 238 25.08 -38.83 0.62
CA VAL G 238 24.11 -37.74 0.52
C VAL G 238 22.82 -38.10 1.24
N SER G 239 22.29 -37.14 1.97
CA SER G 239 21.03 -37.33 2.66
C SER G 239 20.15 -36.13 2.40
N THR G 240 18.86 -36.23 2.66
CA THR G 240 18.03 -35.05 2.43
C THR G 240 17.56 -34.50 3.73
N VAL G 241 17.27 -33.21 3.73
CA VAL G 241 16.73 -32.57 4.89
C VAL G 241 15.57 -31.70 4.49
N GLN G 242 14.65 -31.44 5.40
CA GLN G 242 13.63 -30.43 5.12
C GLN G 242 14.17 -28.98 5.20
N CYS G 243 15.09 -28.74 6.17
CA CYS G 243 15.66 -27.45 6.48
C CYS G 243 17.12 -27.65 6.87
N THR G 244 17.87 -26.56 6.89
CA THR G 244 19.26 -26.59 7.33
C THR G 244 19.28 -26.70 8.85
N HIS G 245 20.46 -26.98 9.41
CA HIS G 245 20.64 -27.21 10.84
C HIS G 245 20.54 -26.02 11.75
N GLY G 246 20.60 -24.85 11.17
CA GLY G 246 20.54 -23.61 11.92
C GLY G 246 21.88 -22.94 11.95
N ILE G 247 22.01 -21.87 11.19
CA ILE G 247 23.26 -21.14 11.10
C ILE G 247 23.13 -19.80 11.73
N LYS G 248 23.97 -19.46 12.69
CA LYS G 248 23.87 -18.13 13.23
C LYS G 248 24.51 -17.14 12.25
N PRO G 249 23.85 -16.05 11.88
CA PRO G 249 24.31 -15.03 10.97
C PRO G 249 25.30 -14.11 11.65
N VAL G 250 26.45 -14.66 11.97
CA VAL G 250 27.48 -13.91 12.65
C VAL G 250 28.34 -13.20 11.63
N VAL G 251 28.50 -11.91 11.84
CA VAL G 251 29.29 -11.03 11.02
C VAL G 251 30.67 -10.82 11.57
N SER G 252 31.68 -11.04 10.75
CA SER G 252 33.06 -10.86 11.11
C SER G 252 33.87 -10.66 9.86
N THR G 253 35.17 -10.42 10.00
CA THR G 253 36.03 -10.20 8.86
C THR G 253 37.13 -11.24 8.80
N GLN G 254 38.26 -10.95 9.40
CA GLN G 254 39.42 -11.83 9.29
C GLN G 254 39.28 -13.20 9.94
N LEU G 255 38.61 -13.27 11.07
CA LEU G 255 38.42 -14.53 11.75
C LEU G 255 36.95 -14.82 11.76
N LEU G 256 36.58 -16.08 11.62
CA LEU G 256 35.18 -16.43 11.67
C LEU G 256 34.83 -16.83 13.06
N LEU G 257 33.66 -16.39 13.50
CA LEU G 257 33.27 -16.70 14.84
C LEU G 257 31.98 -17.51 14.92
N ASN G 258 31.90 -18.36 15.96
CA ASN G 258 30.74 -19.15 16.43
C ASN G 258 30.12 -20.06 15.35
N GLY G 259 30.94 -20.70 14.49
CA GLY G 259 30.48 -21.64 13.47
C GLY G 259 30.63 -23.06 13.97
N SER G 260 30.40 -24.01 13.09
CA SER G 260 30.55 -25.41 13.43
C SER G 260 31.98 -25.79 13.10
N LEU G 261 32.58 -26.66 13.89
CA LEU G 261 33.94 -27.14 13.63
C LEU G 261 33.95 -28.29 12.66
N ALA G 262 35.06 -28.44 11.94
CA ALA G 262 35.21 -29.52 10.99
C ALA G 262 35.05 -30.86 11.67
N GLU G 263 34.36 -31.79 11.01
CA GLU G 263 34.17 -33.13 11.55
C GLU G 263 35.47 -33.92 11.64
N GLY G 264 36.31 -33.73 10.64
CA GLY G 264 37.59 -34.40 10.52
C GLY G 264 38.69 -33.43 10.88
N GLU G 265 39.81 -33.55 10.20
CA GLU G 265 40.98 -32.72 10.45
C GLU G 265 40.77 -31.36 9.80
N ILE G 266 41.74 -30.45 9.93
CA ILE G 266 41.52 -29.12 9.39
C ILE G 266 41.39 -29.17 7.88
N ILE G 267 40.36 -28.50 7.38
CA ILE G 267 40.06 -28.51 5.96
C ILE G 267 40.35 -27.19 5.31
N ILE G 268 41.16 -27.21 4.26
CA ILE G 268 41.46 -25.99 3.56
C ILE G 268 40.67 -25.96 2.27
N ARG G 269 39.76 -25.02 2.15
CA ARG G 269 38.91 -24.98 0.98
C ARG G 269 39.17 -23.78 0.10
N SER G 270 39.17 -24.01 -1.19
CA SER G 270 39.32 -22.93 -2.15
C SER G 270 38.66 -23.28 -3.42
N GLU G 271 38.14 -22.30 -4.11
CA GLU G 271 37.60 -22.54 -5.43
C GLU G 271 38.72 -23.03 -6.33
N ASN G 272 39.92 -22.49 -6.13
CA ASN G 272 41.08 -22.84 -6.90
C ASN G 272 42.33 -22.52 -6.06
N ILE G 273 43.10 -23.53 -5.71
CA ILE G 273 44.31 -23.33 -4.90
C ILE G 273 45.39 -22.54 -5.60
N THR G 274 45.63 -22.87 -6.88
CA THR G 274 46.65 -22.26 -7.73
C THR G 274 46.39 -20.78 -7.95
N ASP G 275 45.13 -20.42 -8.11
CA ASP G 275 44.70 -19.06 -8.34
C ASP G 275 44.77 -18.23 -7.05
N ASN G 276 45.59 -17.18 -7.03
CA ASN G 276 45.78 -16.39 -5.83
C ASN G 276 44.79 -15.24 -5.73
N GLY G 277 43.81 -15.23 -6.62
CA GLY G 277 42.76 -14.21 -6.63
C GLY G 277 41.52 -14.62 -5.83
N LYS G 278 41.56 -15.77 -5.17
CA LYS G 278 40.40 -16.26 -4.44
C LYS G 278 40.68 -16.46 -2.96
N THR G 279 39.63 -16.39 -2.16
CA THR G 279 39.71 -16.61 -0.73
C THR G 279 39.94 -18.06 -0.38
N ILE G 280 40.80 -18.30 0.59
CA ILE G 280 41.00 -19.63 1.11
C ILE G 280 40.30 -19.67 2.45
N LEU G 281 39.38 -20.59 2.59
CA LEU G 281 38.65 -20.70 3.83
C LEU G 281 39.24 -21.84 4.60
N VAL G 282 39.81 -21.53 5.76
CA VAL G 282 40.40 -22.60 6.53
C VAL G 282 39.46 -22.93 7.62
N HIS G 283 39.02 -24.16 7.65
CA HIS G 283 38.03 -24.59 8.60
C HIS G 283 38.66 -25.45 9.67
N LEU G 284 38.68 -24.92 10.87
CA LEU G 284 39.35 -25.57 11.96
C LEU G 284 38.49 -26.71 12.50
N ASN G 285 39.15 -27.77 13.06
CA ASN G 285 38.52 -28.91 13.73
C ASN G 285 38.43 -28.74 15.27
N GLU G 286 39.20 -27.78 15.84
CA GLU G 286 39.28 -27.42 17.25
C GLU G 286 39.17 -25.91 17.27
N SER G 287 38.40 -25.37 18.19
CA SER G 287 38.21 -23.93 18.29
C SER G 287 39.28 -23.23 19.09
N VAL G 288 39.34 -21.91 18.92
CA VAL G 288 40.22 -21.10 19.74
C VAL G 288 39.35 -20.14 20.54
N LYS G 289 39.49 -20.16 21.84
CA LYS G 289 38.67 -19.30 22.68
C LYS G 289 39.20 -17.88 22.65
N ILE G 290 38.34 -16.92 22.34
CA ILE G 290 38.75 -15.52 22.33
C ILE G 290 37.89 -14.66 23.23
N GLU G 291 38.54 -13.97 24.17
CA GLU G 291 37.82 -13.11 25.10
C GLU G 291 37.99 -11.66 24.72
N CYS G 292 36.89 -10.90 24.50
CA CYS G 292 36.95 -9.49 24.11
C CYS G 292 36.24 -8.64 25.15
N THR G 293 36.94 -7.56 25.53
CA THR G 293 36.48 -6.67 26.56
C THR G 293 36.65 -5.19 26.30
N ARG G 294 35.71 -4.42 26.83
CA ARG G 294 35.72 -2.97 26.87
C ARG G 294 35.57 -2.56 28.35
N PRO G 295 36.68 -2.47 29.11
CA PRO G 295 36.73 -2.34 30.56
C PRO G 295 36.50 -0.93 31.08
N ASN G 296 35.38 -0.35 30.69
CA ASN G 296 35.03 1.00 31.11
C ASN G 296 33.55 1.10 31.35
N ASN G 297 33.12 1.90 32.36
CA ASN G 297 31.71 2.12 32.68
C ASN G 297 31.24 3.41 32.01
N LYS G 298 30.54 3.28 30.85
CA LYS G 298 30.06 4.40 30.04
C LYS G 298 28.74 4.92 30.56
N THR G 299 28.64 6.25 30.60
CA THR G 299 27.44 6.96 31.02
C THR G 299 26.82 7.58 29.80
N ARG G 300 25.56 7.24 29.57
CA ARG G 300 24.82 7.71 28.41
C ARG G 300 23.88 8.85 28.71
N THR G 301 23.70 9.70 27.73
CA THR G 301 22.69 10.74 27.82
C THR G 301 21.71 10.61 26.69
N SER G 302 20.72 11.47 26.71
CA SER G 302 19.69 11.44 25.68
C SER G 302 19.30 12.84 25.29
N ILE G 303 19.48 13.12 24.02
CA ILE G 303 19.23 14.42 23.49
C ILE G 303 18.03 14.40 22.57
N ARG G 304 17.00 15.12 22.93
CA ARG G 304 15.84 15.08 22.07
C ARG G 304 16.22 15.76 20.78
N ILE G 305 15.91 15.11 19.66
CA ILE G 305 16.26 15.64 18.36
C ILE G 305 15.03 15.75 17.49
N GLY G 306 14.64 16.96 17.18
CA GLY G 306 13.44 17.10 16.38
C GLY G 306 12.18 16.72 17.17
N PRO G 307 11.01 16.70 16.51
CA PRO G 307 9.68 16.56 17.07
C PRO G 307 9.27 15.16 17.50
N GLY G 308 9.91 14.66 18.56
CA GLY G 308 9.57 13.37 19.14
C GLY G 308 10.68 12.32 19.08
N GLN G 309 11.71 12.57 18.30
CA GLN G 309 12.81 11.63 18.17
C GLN G 309 13.89 11.91 19.22
N ALA G 310 14.74 10.91 19.53
CA ALA G 310 15.81 11.12 20.48
C ALA G 310 17.11 10.48 20.05
N PHE G 311 18.17 11.25 20.22
CA PHE G 311 19.53 10.89 19.93
C PHE G 311 20.25 10.39 21.15
N TYR G 312 20.85 9.23 21.04
CA TYR G 312 21.59 8.73 22.18
C TYR G 312 23.03 9.07 22.02
N ALA G 313 23.62 9.55 23.09
CA ALA G 313 24.98 10.02 22.99
C ALA G 313 25.80 9.73 24.22
N THR G 314 27.11 9.68 24.07
CA THR G 314 27.96 9.41 25.21
C THR G 314 28.17 10.65 26.06
N GLY G 315 27.94 10.49 27.36
CA GLY G 315 28.12 11.54 28.34
C GLY G 315 29.55 11.54 28.90
N GLN G 316 29.91 10.42 29.51
CA GLN G 316 31.23 10.26 30.12
C GLN G 316 31.69 8.80 30.16
N VAL G 317 32.99 8.59 30.13
CA VAL G 317 33.51 7.23 30.26
C VAL G 317 34.51 7.10 31.40
N ILE G 318 34.20 6.27 32.41
CA ILE G 318 35.15 6.10 33.50
C ILE G 318 35.67 4.68 33.56
N GLY G 319 36.99 4.53 33.60
CA GLY G 319 37.53 3.18 33.64
C GLY G 319 38.96 3.10 33.18
N ASP G 320 39.32 1.92 32.69
CA ASP G 320 40.69 1.64 32.27
C ASP G 320 40.84 2.11 30.83
N ILE G 321 41.44 3.27 30.67
CA ILE G 321 41.42 3.86 29.36
C ILE G 321 42.55 3.30 28.49
N ARG G 322 42.28 2.09 28.01
CA ARG G 322 43.05 1.35 27.03
C ARG G 322 42.01 1.04 25.99
N GLU G 323 40.77 1.32 26.40
CA GLU G 323 39.51 1.20 25.67
C GLU G 323 39.07 -0.20 25.34
N ALA G 324 39.85 -0.96 24.60
CA ALA G 324 39.40 -2.31 24.30
C ALA G 324 40.56 -3.22 23.96
N TYR G 325 40.33 -4.50 24.19
CA TYR G 325 41.31 -5.51 23.83
C TYR G 325 40.65 -6.88 23.69
N CYS G 326 41.35 -7.83 23.00
CA CYS G 326 40.98 -9.24 22.95
C CYS G 326 42.15 -10.09 23.45
N ASN G 327 41.81 -11.11 24.23
CA ASN G 327 42.72 -12.03 24.90
C ASN G 327 42.67 -13.44 24.26
N ILE G 328 43.79 -13.88 23.63
CA ILE G 328 43.97 -15.17 22.94
C ILE G 328 45.12 -15.98 23.56
N SER G 329 44.89 -17.23 23.96
CA SER G 329 45.97 -18.00 24.58
C SER G 329 47.09 -18.19 23.58
N GLU G 330 48.35 -18.07 24.03
CA GLU G 330 49.45 -18.15 23.08
C GLU G 330 49.67 -19.54 22.55
N SER G 331 49.66 -20.53 23.44
CA SER G 331 49.93 -21.86 22.98
C SER G 331 48.82 -22.37 22.09
N THR G 332 47.61 -21.93 22.36
CA THR G 332 46.50 -22.39 21.55
C THR G 332 46.68 -21.85 20.16
N TRP G 333 47.02 -20.57 20.06
CA TRP G 333 47.22 -20.00 18.74
C TRP G 333 48.36 -20.71 17.99
N ASN G 334 49.51 -20.99 18.68
CA ASN G 334 50.67 -21.65 18.08
C ASN G 334 50.32 -23.07 17.57
N GLU G 335 49.52 -23.85 18.35
CA GLU G 335 49.10 -25.20 17.93
C GLU G 335 48.17 -25.11 16.74
N THR G 336 47.30 -24.12 16.76
CA THR G 336 46.35 -23.94 15.71
C THR G 336 47.09 -23.61 14.43
N LEU G 337 48.03 -22.68 14.51
CA LEU G 337 48.75 -22.31 13.32
C LEU G 337 49.59 -23.44 12.81
N GLY G 338 50.24 -24.17 13.70
CA GLY G 338 51.09 -25.26 13.27
C GLY G 338 50.28 -26.28 12.47
N LYS G 339 49.13 -26.66 13.00
CA LYS G 339 48.29 -27.62 12.32
C LYS G 339 47.81 -27.09 10.97
N VAL G 340 47.46 -25.80 10.90
CA VAL G 340 47.02 -25.27 9.62
C VAL G 340 48.12 -25.33 8.62
N VAL G 341 49.33 -24.96 9.01
CA VAL G 341 50.42 -24.96 8.09
C VAL G 341 50.72 -26.37 7.62
N LYS G 342 50.71 -27.35 8.50
CA LYS G 342 50.98 -28.70 8.02
C LYS G 342 49.99 -29.11 6.94
N GLN G 343 48.72 -28.71 7.09
CA GLN G 343 47.74 -29.00 6.05
C GLN G 343 47.95 -28.12 4.82
N LEU G 344 48.41 -26.90 5.04
CA LEU G 344 48.64 -25.95 3.97
C LEU G 344 49.72 -26.50 3.05
N ARG G 345 50.69 -27.17 3.65
CA ARG G 345 51.82 -27.73 2.94
C ARG G 345 51.42 -28.85 1.97
N LYS G 346 50.17 -29.32 2.04
CA LYS G 346 49.73 -30.35 1.12
C LYS G 346 49.27 -29.72 -0.17
N HIS G 347 49.10 -28.40 -0.15
CA HIS G 347 48.68 -27.64 -1.29
C HIS G 347 49.89 -26.87 -1.77
N PHE G 348 50.76 -26.57 -0.81
CA PHE G 348 51.97 -25.81 -1.01
C PHE G 348 53.21 -26.54 -0.44
N PRO G 349 53.78 -27.50 -1.16
CA PRO G 349 54.89 -28.36 -0.77
C PRO G 349 56.20 -27.62 -0.46
N HIS G 350 56.30 -26.35 -0.83
CA HIS G 350 57.50 -25.57 -0.58
C HIS G 350 57.58 -25.26 0.92
N LYS G 351 58.77 -25.33 1.48
CA LYS G 351 58.98 -25.07 2.90
C LYS G 351 59.11 -23.57 3.18
N ASN G 352 58.92 -23.18 4.45
CA ASN G 352 59.04 -21.81 4.95
C ASN G 352 58.07 -20.78 4.39
N ILE G 353 56.80 -21.16 4.38
CA ILE G 353 55.70 -20.28 4.00
C ILE G 353 55.52 -19.28 5.14
N THR G 354 55.46 -17.98 4.84
CA THR G 354 55.35 -16.98 5.91
C THR G 354 54.02 -16.25 6.01
N PHE G 355 53.51 -16.17 7.22
CA PHE G 355 52.33 -15.40 7.58
C PHE G 355 52.68 -14.01 8.02
N GLN G 356 52.00 -13.06 7.38
CA GLN G 356 52.11 -11.63 7.57
C GLN G 356 50.76 -10.97 7.87
N PRO G 357 50.71 -9.77 8.48
CA PRO G 357 49.55 -8.94 8.72
C PRO G 357 48.94 -8.45 7.43
N SER G 358 47.68 -8.01 7.47
CA SER G 358 47.09 -7.47 6.26
C SER G 358 47.95 -6.36 5.71
N SER G 359 48.05 -6.33 4.39
CA SER G 359 48.89 -5.39 3.68
C SER G 359 48.42 -3.95 3.73
N GLY G 360 47.17 -3.73 4.11
CA GLY G 360 46.68 -2.36 4.17
C GLY G 360 45.33 -2.22 3.52
N GLY G 361 44.81 -0.99 3.49
CA GLY G 361 43.48 -0.77 2.96
C GLY G 361 42.51 -0.37 4.06
N ASP G 362 41.23 -0.45 3.73
CA ASP G 362 40.14 0.00 4.59
C ASP G 362 40.09 -0.75 5.91
N LEU G 363 39.68 -0.06 6.98
CA LEU G 363 39.62 -0.63 8.31
C LEU G 363 38.80 -1.91 8.35
N GLU G 364 37.72 -1.94 7.60
CA GLU G 364 36.82 -3.08 7.54
C GLU G 364 37.47 -4.33 6.94
N VAL G 365 38.62 -4.17 6.31
CA VAL G 365 39.35 -5.25 5.69
C VAL G 365 40.59 -5.62 6.50
N THR G 366 41.34 -4.59 6.93
CA THR G 366 42.61 -4.79 7.60
C THR G 366 42.50 -5.14 9.04
N THR G 367 41.36 -4.88 9.63
CA THR G 367 41.16 -5.11 11.02
C THR G 367 40.07 -6.17 11.27
N HIS G 368 40.12 -6.81 12.43
CA HIS G 368 39.12 -7.82 12.77
C HIS G 368 37.90 -7.17 13.37
N SER G 369 36.77 -7.22 12.67
CA SER G 369 35.64 -6.54 13.24
C SER G 369 34.57 -7.49 13.67
N PHE G 370 33.85 -7.10 14.70
CA PHE G 370 32.73 -7.88 15.21
C PHE G 370 31.82 -7.10 16.14
N ASN G 371 30.62 -7.62 16.32
CA ASN G 371 29.67 -7.11 17.29
C ASN G 371 29.78 -7.87 18.61
N CYS G 372 30.18 -7.18 19.70
CA CYS G 372 30.38 -7.73 21.04
C CYS G 372 29.45 -7.01 22.01
N GLY G 373 28.33 -7.65 22.32
CA GLY G 373 27.38 -7.04 23.23
C GLY G 373 26.65 -5.84 22.66
N GLY G 374 26.58 -5.73 21.33
CA GLY G 374 25.96 -4.58 20.71
C GLY G 374 26.99 -3.53 20.33
N GLU G 375 28.22 -3.64 20.85
CA GLU G 375 29.24 -2.66 20.50
C GLU G 375 30.05 -3.13 19.31
N PHE G 376 30.61 -2.19 18.54
CA PHE G 376 31.40 -2.57 17.39
C PHE G 376 32.88 -2.36 17.51
N PHE G 377 33.57 -3.50 17.53
CA PHE G 377 35.00 -3.63 17.72
C PHE G 377 35.70 -3.79 16.41
N TYR G 378 36.86 -3.15 16.30
CA TYR G 378 37.81 -3.23 15.19
C TYR G 378 39.21 -3.50 15.75
N CYS G 379 39.60 -4.80 15.90
CA CYS G 379 40.80 -5.25 16.62
C CYS G 379 42.00 -5.51 15.71
N ASN G 380 43.18 -5.16 16.21
CA ASN G 380 44.44 -5.31 15.49
C ASN G 380 45.00 -6.74 15.64
N THR G 381 45.05 -7.48 14.53
CA THR G 381 45.45 -8.88 14.42
C THR G 381 46.87 -9.07 13.95
N SER G 382 47.67 -8.01 13.88
CA SER G 382 49.02 -8.21 13.38
C SER G 382 49.84 -9.16 14.23
N GLY G 383 49.53 -9.25 15.51
CA GLY G 383 50.26 -10.10 16.43
C GLY G 383 49.95 -11.58 16.23
N LEU G 384 48.97 -11.88 15.41
CA LEU G 384 48.60 -13.24 15.14
C LEU G 384 49.25 -13.79 13.88
N PHE G 385 49.82 -12.92 13.04
CA PHE G 385 50.34 -13.37 11.77
C PHE G 385 51.74 -12.85 11.49
N ASN G 386 52.77 -13.40 12.20
CA ASN G 386 54.17 -12.98 12.10
C ASN G 386 55.13 -14.18 12.24
N SER G 387 55.02 -15.20 11.34
CA SER G 387 55.86 -16.45 11.40
C SER G 387 55.81 -17.39 10.20
N THR G 388 56.67 -18.41 10.27
CA THR G 388 56.72 -19.54 9.32
C THR G 388 56.24 -20.90 9.88
N TRP G 389 55.78 -20.90 11.15
CA TRP G 389 55.29 -22.00 11.96
C TRP G 389 54.10 -22.71 11.30
N ASP G 405 51.16 -16.30 29.45
CA ASP G 405 50.41 -17.43 28.88
C ASP G 405 49.51 -17.04 27.68
N SER G 406 49.25 -15.73 27.46
CA SER G 406 48.37 -15.21 26.40
C SER G 406 48.93 -13.98 25.76
N ILE G 407 48.36 -13.68 24.61
CA ILE G 407 48.71 -12.50 23.86
C ILE G 407 47.45 -11.69 23.67
N THR G 408 47.61 -10.40 23.45
CA THR G 408 46.44 -9.60 23.26
C THR G 408 46.47 -8.77 22.02
N LEU G 409 45.27 -8.43 21.60
CA LEU G 409 45.07 -7.57 20.47
C LEU G 409 44.53 -6.25 20.97
N PRO G 410 45.17 -5.09 20.71
CA PRO G 410 44.66 -3.80 21.10
C PRO G 410 43.48 -3.65 20.17
N CYS G 411 42.40 -2.94 20.56
CA CYS G 411 41.21 -2.84 19.74
C CYS G 411 40.50 -1.47 19.82
N ARG G 412 39.99 -1.00 18.69
CA ARG G 412 39.28 0.28 18.66
C ARG G 412 37.77 0.13 18.50
N ILE G 413 37.05 1.20 18.85
CA ILE G 413 35.59 1.22 18.79
C ILE G 413 35.03 2.30 17.86
N LYS G 414 34.02 1.96 17.07
CA LYS G 414 33.36 2.94 16.20
C LYS G 414 31.87 2.96 16.43
N GLN G 415 31.21 4.08 16.16
CA GLN G 415 29.77 4.14 16.29
C GLN G 415 29.05 4.30 14.95
N ILE G 416 29.67 4.95 13.97
CA ILE G 416 28.97 5.11 12.69
C ILE G 416 29.49 4.10 11.71
N ILE G 417 28.62 3.19 11.31
CA ILE G 417 29.03 2.08 10.50
C ILE G 417 28.37 1.92 9.12
N ASN G 418 29.20 1.87 8.08
CA ASN G 418 28.70 1.63 6.73
C ASN G 418 28.67 0.14 6.51
N MET G 419 27.76 -0.50 7.19
CA MET G 419 27.75 -1.93 7.23
C MET G 419 27.41 -2.44 5.85
N TRP G 420 28.01 -3.57 5.49
CA TRP G 420 27.79 -4.25 4.23
C TRP G 420 28.39 -3.47 3.07
N GLN G 421 29.23 -2.48 3.41
CA GLN G 421 29.96 -1.67 2.47
C GLN G 421 29.05 -0.85 1.58
N GLU G 422 27.83 -0.59 2.05
CA GLU G 422 26.92 0.24 1.29
C GLU G 422 26.88 1.62 1.87
N VAL G 423 27.53 2.54 1.17
CA VAL G 423 27.73 3.90 1.62
C VAL G 423 26.46 4.73 1.69
N GLY G 424 25.41 4.31 0.96
CA GLY G 424 24.14 5.01 0.97
C GLY G 424 23.44 4.97 2.33
N ARG G 425 23.86 4.09 3.24
CA ARG G 425 23.26 4.07 4.55
C ARG G 425 24.38 4.08 5.56
N ALA G 426 24.09 4.56 6.75
CA ALA G 426 25.05 4.48 7.82
C ALA G 426 24.30 4.33 9.10
N MET G 427 24.72 3.40 9.91
CA MET G 427 24.06 3.21 11.18
C MET G 427 24.83 3.79 12.30
N TYR G 428 24.15 4.50 13.17
CA TYR G 428 24.78 4.96 14.37
C TYR G 428 24.42 4.00 15.45
N ALA G 429 25.44 3.40 16.04
CA ALA G 429 25.25 2.48 17.11
C ALA G 429 25.15 3.28 18.40
N PRO G 430 24.02 3.26 19.11
CA PRO G 430 23.85 4.00 20.32
C PRO G 430 24.89 3.49 21.26
N PRO G 431 25.40 4.29 22.18
CA PRO G 431 26.34 3.89 23.19
C PRO G 431 25.69 2.97 24.18
N ILE G 432 26.48 2.06 24.71
CA ILE G 432 26.04 1.11 25.71
C ILE G 432 26.66 1.41 27.05
N GLN G 433 25.80 1.55 28.04
CA GLN G 433 26.23 1.90 29.38
C GLN G 433 26.87 0.75 30.11
N GLY G 434 27.73 1.11 31.04
CA GLY G 434 28.43 0.12 31.85
C GLY G 434 29.56 -0.43 31.02
N ASN G 435 30.10 -1.63 31.39
CA ASN G 435 31.23 -2.28 30.74
C ASN G 435 30.77 -3.52 29.98
N ILE G 436 31.51 -3.89 28.89
CA ILE G 436 31.20 -5.06 28.02
C ILE G 436 32.26 -6.13 27.92
N THR G 437 31.80 -7.36 28.12
CA THR G 437 32.63 -8.54 27.90
C THR G 437 31.84 -9.54 27.06
N CYS G 438 32.56 -10.33 26.24
CA CYS G 438 32.01 -11.46 25.49
C CYS G 438 33.13 -12.47 25.23
N VAL G 439 32.74 -13.71 25.08
CA VAL G 439 33.68 -14.73 24.68
C VAL G 439 33.13 -15.40 23.47
N SER G 440 33.93 -15.45 22.43
CA SER G 440 33.52 -16.07 21.19
C SER G 440 34.43 -17.24 20.87
N ASN G 441 33.96 -18.11 19.96
CA ASN G 441 34.68 -19.28 19.46
C ASN G 441 35.22 -19.01 18.06
N ILE G 442 36.59 -19.01 17.87
CA ILE G 442 37.17 -18.81 16.53
C ILE G 442 37.10 -20.16 15.88
N THR G 443 36.35 -20.22 14.81
CA THR G 443 36.09 -21.46 14.12
C THR G 443 36.32 -21.25 12.64
N GLY G 444 37.57 -21.13 12.26
CA GLY G 444 37.94 -20.86 10.88
C GLY G 444 38.49 -19.47 10.64
N LEU G 445 39.33 -19.38 9.61
CA LEU G 445 40.02 -18.17 9.21
C LEU G 445 39.82 -17.79 7.75
N ILE G 446 39.84 -16.49 7.45
CA ILE G 446 39.79 -16.02 6.07
C ILE G 446 41.17 -15.61 5.64
N LEU G 447 41.77 -16.38 4.76
CA LEU G 447 43.14 -16.11 4.37
C LEU G 447 43.30 -15.99 2.89
N THR G 448 44.24 -15.17 2.46
CA THR G 448 44.58 -15.13 1.05
C THR G 448 46.06 -15.31 0.86
N ARG G 449 46.39 -15.91 -0.26
CA ARG G 449 47.76 -16.13 -0.66
C ARG G 449 48.20 -14.95 -1.51
N ASP G 450 49.47 -14.53 -1.37
CA ASP G 450 50.07 -13.45 -2.17
C ASP G 450 50.61 -14.04 -3.47
N ASN G 455 62.21 -16.88 -2.73
CA ASN G 455 60.77 -16.85 -2.55
C ASN G 455 60.25 -18.26 -2.20
N THR G 456 59.37 -18.33 -1.18
CA THR G 456 58.70 -19.54 -0.69
C THR G 456 57.25 -19.32 -1.06
N GLU G 457 56.52 -18.66 -0.19
CA GLU G 457 55.14 -18.24 -0.39
C GLU G 457 54.70 -17.49 0.85
N THR G 458 53.80 -16.53 0.68
CA THR G 458 53.28 -15.81 1.84
C THR G 458 51.76 -15.71 1.85
N PHE G 459 51.24 -15.58 3.07
CA PHE G 459 49.82 -15.44 3.36
C PHE G 459 49.52 -14.33 4.31
N ARG G 460 48.35 -13.73 4.13
CA ARG G 460 47.87 -12.66 4.99
C ARG G 460 46.40 -12.86 5.25
N PRO G 461 45.84 -12.31 6.34
CA PRO G 461 44.42 -12.27 6.55
C PRO G 461 43.83 -11.60 5.35
N GLY G 462 42.79 -12.19 4.82
CA GLY G 462 42.19 -11.64 3.62
C GLY G 462 40.95 -10.83 3.91
N GLY G 463 40.33 -10.33 2.85
CA GLY G 463 39.10 -9.58 2.93
C GLY G 463 38.01 -10.53 2.49
N GLY G 464 36.91 -10.01 1.97
CA GLY G 464 35.82 -10.86 1.54
C GLY G 464 34.62 -10.03 1.17
N ASP G 465 33.59 -10.68 0.66
CA ASP G 465 32.37 -10.03 0.24
C ASP G 465 31.19 -10.35 1.14
N MET G 466 31.47 -10.80 2.35
CA MET G 466 30.43 -11.19 3.28
C MET G 466 29.54 -12.29 2.76
N ARG G 467 30.15 -13.20 2.01
CA ARG G 467 29.44 -14.35 1.57
C ARG G 467 30.29 -15.45 2.13
N ASP G 468 31.59 -15.15 2.26
CA ASP G 468 32.57 -16.15 2.72
C ASP G 468 32.25 -16.70 4.09
N ASN G 469 31.69 -15.87 4.95
CA ASN G 469 31.38 -16.30 6.30
C ASN G 469 30.11 -17.12 6.38
N TRP G 470 29.41 -17.24 5.25
CA TRP G 470 28.20 -18.02 5.15
C TRP G 470 28.45 -19.22 4.26
N ARG G 471 29.36 -19.09 3.29
CA ARG G 471 29.70 -20.20 2.41
C ARG G 471 30.26 -21.31 3.29
N SER G 472 30.98 -20.90 4.32
CA SER G 472 31.61 -21.81 5.26
C SER G 472 30.62 -22.68 6.03
N GLU G 473 29.35 -22.31 6.05
CA GLU G 473 28.34 -23.12 6.71
C GLU G 473 27.41 -23.79 5.69
N LEU G 474 27.16 -23.11 4.57
CA LEU G 474 26.25 -23.62 3.55
C LEU G 474 26.91 -24.52 2.52
N TYR G 475 28.20 -24.71 2.58
CA TYR G 475 28.93 -25.53 1.63
C TYR G 475 28.41 -26.95 1.48
N LYS G 476 27.74 -27.48 2.49
CA LYS G 476 27.28 -28.84 2.39
C LYS G 476 25.83 -28.95 1.92
N TYR G 477 25.18 -27.83 1.61
CA TYR G 477 23.78 -27.92 1.19
C TYR G 477 23.54 -27.54 -0.26
N LYS G 478 22.61 -28.24 -0.89
CA LYS G 478 22.21 -27.94 -2.26
C LYS G 478 20.70 -27.94 -2.46
N VAL G 479 20.19 -27.03 -3.28
CA VAL G 479 18.76 -27.02 -3.57
C VAL G 479 18.45 -27.71 -4.88
N VAL G 480 17.50 -28.64 -4.85
CA VAL G 480 17.10 -29.31 -6.06
C VAL G 480 15.60 -29.26 -6.26
N LYS G 481 15.20 -29.21 -7.52
CA LYS G 481 13.80 -29.22 -7.92
C LYS G 481 13.36 -30.63 -8.16
N ILE G 482 12.20 -30.97 -7.66
CA ILE G 482 11.68 -32.30 -7.83
C ILE G 482 10.96 -32.39 -9.16
N GLU G 483 11.25 -33.44 -9.92
CA GLU G 483 10.63 -33.65 -11.23
C GLU G 483 9.92 -35.01 -11.32
N PRO G 484 8.68 -35.13 -10.82
CA PRO G 484 7.91 -36.34 -10.68
C PRO G 484 7.50 -37.06 -11.95
N LEU G 485 7.55 -36.40 -13.10
CA LEU G 485 7.09 -37.07 -14.30
C LEU G 485 8.23 -37.62 -15.14
N GLY G 486 8.06 -38.83 -15.66
CA GLY G 486 9.04 -39.42 -16.56
C GLY G 486 8.51 -40.69 -17.21
N VAL G 487 9.29 -41.26 -18.12
CA VAL G 487 8.83 -42.46 -18.82
C VAL G 487 9.86 -43.57 -18.82
N ALA G 488 9.39 -44.78 -19.10
CA ALA G 488 10.20 -45.98 -19.30
C ALA G 488 9.36 -46.95 -20.11
N PRO G 489 9.92 -47.89 -20.88
CA PRO G 489 9.19 -48.93 -21.58
C PRO G 489 8.64 -50.03 -20.70
N THR G 490 7.56 -50.64 -21.18
CA THR G 490 6.96 -51.85 -20.60
C THR G 490 6.56 -52.89 -21.60
N ALA G 491 6.24 -54.06 -21.07
CA ALA G 491 5.72 -55.19 -21.86
C ALA G 491 4.25 -55.01 -22.32
N CYS G 492 3.47 -54.20 -21.58
CA CYS G 492 2.05 -53.92 -21.79
C CYS G 492 1.83 -52.79 -22.80
N LYS G 493 0.66 -52.78 -23.40
CA LYS G 493 0.23 -51.73 -24.30
C LYS G 493 -1.09 -51.23 -23.75
N ARG G 494 -1.48 -49.98 -24.01
CA ARG G 494 -2.80 -49.51 -23.53
C ARG G 494 -3.95 -50.43 -23.89
N ARG G 495 -3.91 -51.00 -25.09
CA ARG G 495 -4.98 -51.83 -25.63
C ARG G 495 -6.27 -51.02 -25.75
N VAL G 496 -7.39 -51.59 -25.34
CA VAL G 496 -8.68 -50.89 -25.50
C VAL G 496 -9.25 -50.25 -24.24
N VAL G 497 -9.21 -50.97 -23.10
CA VAL G 497 -9.74 -50.58 -21.78
C VAL G 497 -11.27 -50.34 -21.90
N LEU H 9 12.87 -45.43 3.05
CA LEU H 9 11.51 -45.00 2.79
C LEU H 9 11.29 -43.59 3.40
N GLY H 10 10.79 -42.66 2.56
CA GLY H 10 10.51 -41.27 2.90
C GLY H 10 10.59 -40.50 1.61
N PHE H 11 10.50 -39.18 1.65
CA PHE H 11 10.58 -38.46 0.40
C PHE H 11 11.98 -38.65 -0.18
N LEU H 12 12.04 -39.12 -1.41
CA LEU H 12 13.28 -39.50 -2.10
C LEU H 12 13.98 -40.65 -1.38
N GLY H 13 13.26 -41.34 -0.54
CA GLY H 13 13.83 -42.48 0.08
C GLY H 13 13.95 -43.43 -1.06
N ALA H 14 14.95 -44.25 -1.02
CA ALA H 14 15.19 -45.23 -2.06
C ALA H 14 15.41 -44.59 -3.43
N ALA H 15 15.85 -43.34 -3.50
CA ALA H 15 16.13 -42.72 -4.79
C ALA H 15 17.20 -43.52 -5.55
N GLY H 16 18.12 -44.14 -4.84
CA GLY H 16 19.18 -44.91 -5.48
C GLY H 16 18.80 -46.37 -5.72
N SER H 17 17.56 -46.73 -5.41
CA SER H 17 17.11 -48.09 -5.56
C SER H 17 16.81 -48.32 -7.02
N THR H 18 16.56 -49.54 -7.41
CA THR H 18 16.37 -49.75 -8.82
C THR H 18 15.10 -49.13 -9.33
N MET H 19 15.04 -48.95 -10.63
CA MET H 19 13.90 -48.35 -11.27
C MET H 19 12.63 -49.05 -10.84
N GLY H 20 12.66 -50.39 -10.85
CA GLY H 20 11.54 -51.19 -10.42
C GLY H 20 11.24 -51.02 -8.95
N ALA H 21 12.24 -51.12 -8.09
CA ALA H 21 12.01 -51.03 -6.66
C ALA H 21 11.39 -49.69 -6.26
N ALA H 22 11.82 -48.65 -6.94
CA ALA H 22 11.42 -47.29 -6.70
C ALA H 22 9.98 -47.05 -7.06
N SER H 23 9.34 -47.97 -7.78
CA SER H 23 7.96 -47.77 -8.13
C SER H 23 7.09 -47.82 -6.89
N MET H 24 7.61 -48.37 -5.79
CA MET H 24 6.76 -48.45 -4.63
C MET H 24 6.79 -47.17 -3.80
N THR H 25 7.55 -46.18 -4.25
CA THR H 25 7.62 -44.92 -3.54
C THR H 25 6.93 -43.83 -4.35
N LEU H 26 6.21 -44.20 -5.42
CA LEU H 26 5.58 -43.17 -6.25
C LEU H 26 4.57 -42.37 -5.44
N THR H 27 3.94 -43.03 -4.48
CA THR H 27 2.95 -42.40 -3.64
C THR H 27 3.52 -41.43 -2.66
N VAL H 28 4.80 -41.51 -2.41
CA VAL H 28 5.39 -40.63 -1.45
C VAL H 28 5.76 -39.37 -2.16
N GLN H 29 6.37 -39.53 -3.32
CA GLN H 29 6.84 -38.38 -4.02
C GLN H 29 5.70 -37.48 -4.43
N ALA H 30 4.58 -38.11 -4.76
CA ALA H 30 3.40 -37.43 -5.22
C ALA H 30 2.78 -36.52 -4.18
N ARG H 31 3.07 -36.72 -2.90
CA ARG H 31 2.42 -35.93 -1.86
C ARG H 31 3.22 -34.75 -1.37
N ASN H 32 4.43 -34.61 -1.85
CA ASN H 32 5.33 -33.58 -1.35
C ASN H 32 5.49 -32.43 -2.32
N LEU H 33 4.53 -32.36 -3.22
CA LEU H 33 4.46 -31.36 -4.24
C LEU H 33 3.56 -30.22 -3.79
N LEU H 34 2.65 -30.52 -2.87
CA LEU H 34 1.75 -29.50 -2.36
C LEU H 34 2.13 -29.21 -0.92
N SER H 35 1.96 -27.96 -0.50
CA SER H 35 2.25 -27.56 0.87
C SER H 35 1.15 -28.03 1.83
N GLY H 36 1.43 -28.02 3.17
CA GLY H 36 0.48 -28.40 4.21
C GLY H 36 -0.66 -27.39 4.34
N ASP H 57 7.39 -8.41 6.35
CA ASP H 57 5.95 -8.67 6.37
C ASP H 57 5.18 -8.14 5.11
N THR H 58 5.85 -7.33 4.26
CA THR H 58 5.29 -6.70 3.05
C THR H 58 5.92 -7.34 1.82
N HIS H 59 7.10 -6.87 1.43
CA HIS H 59 7.80 -7.43 0.27
C HIS H 59 7.99 -8.93 0.51
N TRP H 60 8.28 -9.28 1.75
CA TRP H 60 8.43 -10.65 2.18
C TRP H 60 7.17 -11.44 1.92
N GLY H 61 6.01 -10.83 2.21
CA GLY H 61 4.73 -11.51 2.02
C GLY H 61 4.56 -11.84 0.56
N ILE H 62 5.03 -10.94 -0.31
CA ILE H 62 4.99 -11.20 -1.74
C ILE H 62 5.92 -12.35 -2.06
N LYS H 63 7.16 -12.36 -1.53
CA LYS H 63 8.03 -13.48 -1.87
C LYS H 63 7.37 -14.82 -1.53
N GLN H 64 6.68 -14.88 -0.39
CA GLN H 64 6.07 -16.15 -0.03
C GLN H 64 4.87 -16.48 -0.92
N LEU H 65 4.06 -15.49 -1.29
CA LEU H 65 2.95 -15.79 -2.17
C LEU H 65 3.45 -16.21 -3.52
N GLN H 66 4.53 -15.62 -4.00
CA GLN H 66 5.02 -16.00 -5.30
C GLN H 66 5.48 -17.44 -5.28
N ALA H 67 6.15 -17.85 -4.20
CA ALA H 67 6.59 -19.22 -4.10
C ALA H 67 5.43 -20.20 -4.07
N ARG H 68 4.36 -19.84 -3.37
CA ARG H 68 3.22 -20.72 -3.27
C ARG H 68 2.46 -20.82 -4.58
N VAL H 69 2.31 -19.70 -5.26
CA VAL H 69 1.61 -19.70 -6.52
C VAL H 69 2.37 -20.51 -7.53
N LEU H 70 3.69 -20.35 -7.55
CA LEU H 70 4.48 -21.09 -8.50
C LEU H 70 4.39 -22.58 -8.23
N ALA H 71 4.44 -22.99 -6.95
CA ALA H 71 4.35 -24.42 -6.70
C ALA H 71 3.02 -24.96 -7.23
N VAL H 72 1.96 -24.17 -7.09
CA VAL H 72 0.69 -24.60 -7.63
C VAL H 72 0.74 -24.66 -9.13
N GLU H 73 1.33 -23.65 -9.78
CA GLU H 73 1.39 -23.72 -11.22
C GLU H 73 2.15 -24.95 -11.66
N HIS H 74 3.24 -25.30 -11.01
CA HIS H 74 3.98 -26.46 -11.46
C HIS H 74 3.15 -27.69 -11.32
N TYR H 75 2.44 -27.81 -10.21
CA TYR H 75 1.61 -28.96 -10.01
C TYR H 75 0.58 -29.08 -11.11
N LEU H 76 -0.11 -27.98 -11.40
CA LEU H 76 -1.14 -28.03 -12.39
C LEU H 76 -0.59 -28.25 -13.78
N ARG H 77 0.58 -27.69 -14.11
CA ARG H 77 1.12 -27.92 -15.44
C ARG H 77 1.38 -29.39 -15.63
N ASP H 78 1.88 -30.06 -14.59
CA ASP H 78 2.13 -31.47 -14.72
C ASP H 78 0.84 -32.25 -14.81
N GLN H 79 -0.19 -31.83 -14.09
CA GLN H 79 -1.45 -32.56 -14.21
C GLN H 79 -2.05 -32.40 -15.58
N GLN H 80 -1.92 -31.21 -16.18
CA GLN H 80 -2.47 -31.00 -17.51
C GLN H 80 -1.68 -31.81 -18.52
N LEU H 81 -0.38 -31.89 -18.33
CA LEU H 81 0.48 -32.63 -19.22
C LEU H 81 0.20 -34.12 -19.11
N LEU H 82 -0.04 -34.59 -17.91
CA LEU H 82 -0.35 -36.00 -17.78
C LEU H 82 -1.74 -36.27 -18.38
N GLY H 83 -2.69 -35.38 -18.09
CA GLY H 83 -4.03 -35.50 -18.59
C GLY H 83 -4.16 -35.41 -20.11
N ILE H 84 -3.33 -34.61 -20.76
CA ILE H 84 -3.42 -34.46 -22.20
C ILE H 84 -3.15 -35.75 -22.94
N TRP H 85 -2.43 -36.69 -22.35
CA TRP H 85 -2.23 -37.93 -23.07
C TRP H 85 -3.09 -39.04 -22.49
N GLY H 86 -4.13 -38.66 -21.75
CA GLY H 86 -5.11 -39.59 -21.20
C GLY H 86 -4.76 -40.36 -19.92
N CYS H 87 -3.83 -39.85 -19.07
CA CYS H 87 -3.40 -40.54 -17.84
C CYS H 87 -3.86 -39.82 -16.57
N SER H 88 -4.87 -38.98 -16.69
CA SER H 88 -5.32 -38.29 -15.51
C SER H 88 -5.84 -39.30 -14.49
N GLY H 89 -5.50 -39.07 -13.23
CA GLY H 89 -5.97 -39.92 -12.14
C GLY H 89 -5.13 -41.16 -11.83
N LYS H 90 -4.01 -41.38 -12.53
CA LYS H 90 -3.21 -42.57 -12.22
C LYS H 90 -1.74 -42.25 -12.02
N LEU H 91 -1.04 -43.03 -11.19
CA LEU H 91 0.39 -42.80 -11.05
C LEU H 91 1.14 -43.57 -12.14
N ILE H 92 0.57 -44.68 -12.59
CA ILE H 92 1.17 -45.49 -13.63
C ILE H 92 0.17 -45.70 -14.76
N CYS H 93 0.55 -45.44 -16.03
CA CYS H 93 -0.32 -45.68 -17.20
C CYS H 93 0.47 -46.07 -18.44
N THR H 94 -0.21 -46.70 -19.37
CA THR H 94 0.40 -47.09 -20.61
C THR H 94 -0.25 -46.41 -21.77
N THR H 95 0.49 -46.37 -22.87
CA THR H 95 0.01 -45.81 -24.11
C THR H 95 0.19 -46.71 -25.31
N ASN H 96 -0.14 -46.16 -26.48
CA ASN H 96 -0.03 -46.86 -27.74
C ASN H 96 1.23 -46.50 -28.54
N VAL H 97 2.11 -45.73 -27.92
CA VAL H 97 3.38 -45.32 -28.52
C VAL H 97 4.38 -46.44 -28.27
N PRO H 98 5.00 -47.02 -29.30
CA PRO H 98 5.97 -48.09 -29.22
C PRO H 98 7.25 -47.52 -28.70
N TRP H 99 8.08 -48.34 -28.04
CA TRP H 99 9.40 -47.80 -27.63
C TRP H 99 10.42 -48.02 -28.75
N ASN H 100 10.82 -46.93 -29.43
CA ASN H 100 11.83 -47.02 -30.51
C ASN H 100 13.19 -47.31 -29.89
N SER H 101 13.94 -48.25 -30.46
CA SER H 101 15.24 -48.67 -29.84
C SER H 101 16.26 -47.53 -29.92
N THR H 102 16.03 -46.58 -30.82
CA THR H 102 16.94 -45.40 -30.88
C THR H 102 16.88 -44.67 -29.54
N TRP H 103 15.80 -44.86 -28.76
CA TRP H 103 15.67 -44.13 -27.53
C TRP H 103 16.56 -44.80 -26.53
N SER H 104 16.42 -46.12 -26.43
CA SER H 104 17.26 -46.91 -25.49
C SER H 104 17.22 -48.38 -25.89
N ASN H 105 18.23 -48.85 -26.61
CA ASN H 105 18.21 -50.25 -27.12
C ASN H 105 18.58 -51.20 -25.99
N LYS H 106 17.88 -51.11 -24.84
CA LYS H 106 18.10 -52.07 -23.73
C LYS H 106 16.75 -52.72 -23.43
N THR H 107 16.75 -53.97 -22.94
CA THR H 107 15.51 -54.64 -22.61
C THR H 107 15.02 -54.36 -21.21
N LEU H 108 13.87 -54.90 -20.89
CA LEU H 108 13.25 -54.61 -19.61
C LEU H 108 14.06 -55.14 -18.46
N SER H 109 14.67 -56.28 -18.67
CA SER H 109 15.47 -56.94 -17.65
C SER H 109 16.76 -56.20 -17.38
N GLU H 110 17.10 -55.25 -18.24
CA GLU H 110 18.32 -54.49 -18.09
C GLU H 110 18.05 -53.13 -17.47
N ILE H 111 16.90 -52.53 -17.78
CA ILE H 111 16.68 -51.20 -17.23
C ILE H 111 15.89 -51.20 -15.94
N TRP H 112 14.91 -52.09 -15.80
CA TRP H 112 14.08 -52.08 -14.62
C TRP H 112 14.84 -52.61 -13.39
N ASP H 113 15.87 -53.39 -13.69
CA ASP H 113 16.71 -54.03 -12.71
C ASP H 113 17.97 -53.23 -12.37
N ASN H 114 19.08 -53.43 -13.07
CA ASN H 114 20.28 -52.72 -12.65
C ASN H 114 20.45 -51.30 -13.20
N MET H 115 19.53 -50.43 -12.84
CA MET H 115 19.58 -49.01 -13.16
C MET H 115 18.58 -48.22 -12.32
N THR H 116 18.95 -47.00 -11.94
CA THR H 116 18.07 -46.12 -11.17
C THR H 116 17.34 -45.14 -12.05
N TRP H 117 16.35 -44.44 -11.49
CA TRP H 117 15.63 -43.43 -12.26
C TRP H 117 16.49 -42.23 -12.57
N LEU H 118 17.45 -41.93 -11.70
CA LEU H 118 18.32 -40.80 -11.95
C LEU H 118 19.22 -41.09 -13.15
N GLN H 119 19.70 -42.33 -13.23
CA GLN H 119 20.56 -42.72 -14.33
C GLN H 119 19.80 -42.77 -15.63
N TRP H 120 18.57 -43.27 -15.57
CA TRP H 120 17.71 -43.36 -16.71
C TRP H 120 17.35 -42.00 -17.24
N ASP H 121 17.04 -41.07 -16.34
CA ASP H 121 16.71 -39.73 -16.77
C ASP H 121 17.86 -39.18 -17.59
N LYS H 122 19.10 -39.43 -17.17
CA LYS H 122 20.20 -38.98 -17.96
C LYS H 122 20.32 -39.76 -19.28
N GLU H 123 20.11 -41.08 -19.23
CA GLU H 123 20.26 -41.92 -20.42
C GLU H 123 19.39 -41.52 -21.58
N ILE H 124 18.17 -41.10 -21.31
CA ILE H 124 17.28 -40.71 -22.39
C ILE H 124 16.94 -39.24 -22.35
N SER H 125 17.81 -38.44 -21.74
CA SER H 125 17.50 -36.99 -21.56
C SER H 125 17.29 -36.29 -22.90
N ASN H 126 17.92 -36.79 -23.97
CA ASN H 126 17.82 -36.10 -25.28
C ASN H 126 16.38 -36.10 -25.77
N TYR H 127 15.64 -37.18 -25.53
CA TYR H 127 14.26 -37.30 -26.07
C TYR H 127 13.29 -36.55 -25.18
N THR H 128 13.78 -35.67 -24.30
CA THR H 128 12.86 -34.89 -23.53
C THR H 128 12.02 -34.12 -24.54
N GLN H 129 10.72 -34.20 -24.35
CA GLN H 129 9.68 -33.62 -25.19
C GLN H 129 9.52 -34.29 -26.55
N ILE H 130 10.27 -35.34 -26.81
CA ILE H 130 10.10 -36.06 -28.04
C ILE H 130 9.04 -37.05 -27.73
N ILE H 131 9.24 -37.68 -26.58
CA ILE H 131 8.31 -38.68 -26.17
C ILE H 131 6.98 -38.01 -25.92
N TYR H 132 7.00 -36.83 -25.31
CA TYR H 132 5.76 -36.16 -24.99
C TYR H 132 5.04 -35.75 -26.25
N GLY H 133 5.75 -35.25 -27.26
CA GLY H 133 5.02 -34.90 -28.46
C GLY H 133 4.35 -36.15 -29.03
N LEU H 134 5.04 -37.29 -28.95
CA LEU H 134 4.46 -38.53 -29.44
C LEU H 134 3.28 -38.97 -28.59
N LEU H 135 3.36 -38.78 -27.27
CA LEU H 135 2.25 -39.17 -26.44
C LEU H 135 1.05 -38.32 -26.75
N GLU H 136 1.26 -37.03 -26.99
CA GLU H 136 0.14 -36.18 -27.31
C GLU H 136 -0.47 -36.62 -28.62
N GLU H 137 0.37 -36.97 -29.60
CA GLU H 137 -0.16 -37.36 -30.88
C GLU H 137 -0.92 -38.67 -30.82
N SER H 138 -0.43 -39.65 -30.08
CA SER H 138 -1.17 -40.89 -30.03
C SER H 138 -2.48 -40.68 -29.32
N GLN H 139 -2.49 -39.85 -28.27
CA GLN H 139 -3.77 -39.64 -27.63
C GLN H 139 -4.67 -38.86 -28.55
N ASN H 140 -4.13 -37.93 -29.33
CA ASN H 140 -5.00 -37.19 -30.19
C ASN H 140 -5.67 -38.13 -31.17
N GLN H 141 -4.93 -39.12 -31.65
CA GLN H 141 -5.53 -40.09 -32.55
C GLN H 141 -6.53 -40.97 -31.83
N GLN H 142 -6.24 -41.33 -30.57
CA GLN H 142 -7.17 -42.17 -29.84
C GLN H 142 -8.46 -41.43 -29.61
N GLU H 143 -8.38 -40.15 -29.29
CA GLU H 143 -9.58 -39.39 -29.06
C GLU H 143 -10.28 -39.14 -30.39
N LYS H 144 -9.52 -38.87 -31.44
CA LYS H 144 -10.14 -38.63 -32.73
C LYS H 144 -10.92 -39.86 -33.16
N ASN H 145 -10.37 -41.04 -32.90
CA ASN H 145 -10.99 -42.27 -33.32
C ASN H 145 -12.20 -42.67 -32.48
N GLU H 146 -12.44 -41.94 -31.39
CA GLU H 146 -13.58 -42.18 -30.52
C GLU H 146 -14.57 -41.04 -30.67
N THR H 147 -14.27 -40.10 -31.56
CA THR H 147 -15.13 -38.98 -31.75
C THR H 147 -15.87 -39.21 -33.04
N ASP H 148 -17.20 -39.22 -32.98
CA ASP H 148 -18.08 -39.51 -34.12
C ASP H 148 -17.97 -40.97 -34.60
N ASN H 149 -16.76 -41.39 -34.92
CA ASN H 149 -16.47 -42.74 -35.33
C ASN H 149 -16.87 -43.68 -34.23
N LEU H 150 -17.79 -44.58 -34.54
CA LEU H 150 -18.27 -45.55 -33.57
C LEU H 150 -18.70 -44.89 -32.27
N THR H 151 -19.27 -43.69 -32.34
CA THR H 151 -19.66 -43.08 -31.08
C THR H 151 -21.06 -43.55 -30.77
N CYS H 152 -21.59 -43.15 -29.58
CA CYS H 152 -22.94 -43.50 -29.09
C CYS H 152 -23.08 -45.02 -29.05
N ASP H 153 -21.98 -45.67 -28.67
CA ASP H 153 -21.90 -47.10 -28.61
C ASP H 153 -20.88 -47.47 -27.55
C1 NAG I . -33.47 -21.88 16.80
C2 NAG I . -34.82 -21.25 17.40
C3 NAG I . -35.78 -21.01 16.18
C4 NAG I . -35.11 -20.03 15.16
C5 NAG I . -33.74 -20.64 14.69
C6 NAG I . -32.91 -19.69 13.84
C7 NAG I . -35.22 -22.10 19.70
C8 NAG I . -35.73 -23.18 20.61
N2 NAG I . -35.40 -22.22 18.37
O3 NAG I . -37.02 -20.40 16.63
O4 NAG I . -35.94 -20.02 13.97
O5 NAG I . -32.89 -20.94 15.86
O6 NAG I . -31.93 -20.40 13.09
O7 NAG I . -34.65 -21.13 20.19
C1 NAG I . -36.60 -18.73 13.60
C2 NAG I . -36.85 -18.75 12.04
C3 NAG I . -37.55 -17.41 11.66
C4 NAG I . -38.89 -17.23 12.47
C5 NAG I . -38.54 -17.27 14.01
C6 NAG I . -39.79 -17.18 14.91
C7 NAG I . -35.09 -19.99 10.74
C8 NAG I . -33.74 -20.01 10.06
N2 NAG I . -35.55 -18.86 11.31
O3 NAG I . -37.79 -17.43 10.24
O4 NAG I . -39.48 -15.94 12.16
O5 NAG I . -37.83 -18.53 14.34
O6 NAG I . -39.43 -17.08 16.28
O7 NAG I . -35.76 -21.03 10.76
C1 NAG I . -40.70 -15.95 11.27
C2 NAG I . -41.13 -14.46 11.00
C3 NAG I . -42.40 -14.48 10.07
C4 NAG I . -42.08 -15.25 8.74
C5 NAG I . -41.64 -16.72 9.10
C6 NAG I . -41.21 -17.53 7.87
C7 NAG I . -41.18 -12.51 12.54
C8 NAG I . -41.52 -11.92 13.89
N2 NAG I . -41.43 -13.80 12.30
O3 NAG I . -42.80 -13.15 9.74
O4 NAG I . -43.25 -15.27 7.92
O5 NAG I . -40.46 -16.66 10.02
O6 NAG I . -42.28 -17.72 6.96
O7 NAG I . -40.68 -11.77 11.68
C1 NAG J . -26.75 6.17 15.66
C2 NAG J . -25.49 7.02 15.17
C3 NAG J . -25.98 8.46 14.80
C4 NAG J . -27.08 8.37 13.68
C5 NAG J . -28.27 7.51 14.22
C6 NAG J . -29.38 7.30 13.19
C7 NAG J . -23.53 6.22 16.46
C8 NAG J . -22.63 6.32 17.65
N2 NAG J . -24.50 7.13 16.28
O3 NAG J . -24.86 9.23 14.32
O4 NAG J . -27.59 9.69 13.36
O5 NAG J . -27.77 6.16 14.61
O6 NAG J . -30.45 6.53 13.72
O7 NAG J . -23.34 5.30 15.64
C1 NAG J . -27.22 10.23 12.01
C2 NAG J . -28.19 11.41 11.65
C3 NAG J . -27.83 11.89 10.20
C4 NAG J . -26.33 12.35 10.14
C5 NAG J . -25.42 11.15 10.59
C6 NAG J . -23.94 11.51 10.72
C7 NAG J . -30.50 11.44 12.57
C8 NAG J . -31.89 10.87 12.62
N2 NAG J . -29.59 10.93 11.72
O3 NAG J . -28.68 12.99 9.84
O4 NAG J . -26.03 12.66 8.75
O5 NAG J . -25.84 10.66 11.94
O6 NAG J . -23.69 12.44 11.78
O7 NAG J . -30.22 12.38 13.33
C1 BMA J . -25.57 14.06 8.40
C2 BMA J . -24.52 13.94 7.23
C3 BMA J . -24.04 15.39 6.86
C4 BMA J . -25.27 16.27 6.45
C5 BMA J . -26.29 16.30 7.65
C6 BMA J . -27.60 17.02 7.32
O2 BMA J . -25.09 13.29 6.10
O3 BMA J . -23.13 15.31 5.76
O4 BMA J . -24.80 17.58 6.14
O5 BMA J . -26.68 14.91 8.01
O6 BMA J . -28.41 16.26 6.42
C1 NAG K . -5.57 -10.27 -43.73
C2 NAG K . -5.04 -9.90 -45.19
C3 NAG K . -3.85 -10.87 -45.53
C4 NAG K . -2.71 -10.66 -44.46
C5 NAG K . -3.30 -10.92 -43.02
C6 NAG K . -2.33 -10.56 -41.89
C7 NAG K . -6.79 -8.94 -46.68
C8 NAG K . -8.02 -9.09 -47.52
N2 NAG K . -6.17 -10.02 -46.16
O3 NAG K . -3.35 -10.57 -46.83
O4 NAG K . -1.68 -11.66 -44.68
O5 NAG K . -4.48 -10.07 -42.78
O6 NAG K . -1.76 -9.26 -42.01
O7 NAG K . -6.35 -7.80 -46.47
C1 NAG K . -0.27 -11.17 -44.87
C2 NAG K . 0.73 -12.29 -44.38
C3 NAG K . 2.19 -11.74 -44.61
C4 NAG K . 2.44 -11.38 -46.11
C5 NAG K . 1.36 -10.29 -46.52
C6 NAG K . 1.37 -9.90 -48.01
C7 NAG K . 0.02 -13.62 -42.35
C8 NAG K . -0.08 -13.75 -40.85
N2 NAG K . 0.57 -12.52 -42.90
O3 NAG K . 3.13 -12.75 -44.21
O4 NAG K . 3.80 -10.88 -46.14
O5 NAG K . -0.01 -10.81 -46.26
O6 NAG K . 0.28 -9.07 -48.36
O7 NAG K . -0.42 -14.54 -43.06
C1 NAG K . 4.53 -10.89 -47.47
C2 NAG K . 6.04 -11.29 -47.21
C3 NAG K . 6.80 -11.21 -48.59
C4 NAG K . 6.11 -12.15 -49.63
C5 NAG K . 4.60 -11.73 -49.80
C6 NAG K . 3.82 -12.62 -50.75
C7 NAG K . 7.60 -10.66 -45.37
C8 NAG K . 8.10 -9.65 -44.38
N2 NAG K . 6.62 -10.33 -46.22
O3 NAG K . 8.16 -11.62 -48.42
O4 NAG K . 6.80 -12.04 -50.88
O5 NAG K . 3.93 -11.79 -48.47
O6 NAG K . 4.31 -12.54 -52.09
O7 NAG K . 8.09 -11.81 -45.36
C1 NAG L . 12.18 10.18 -32.84
C2 NAG L . 12.65 10.70 -31.40
C3 NAG L . 14.14 11.18 -31.52
C4 NAG L . 15.05 10.04 -32.05
C5 NAG L . 14.51 9.61 -33.46
C6 NAG L . 15.29 8.47 -34.13
C7 NAG L . 11.42 12.13 -29.77
C8 NAG L . 10.64 13.39 -29.48
N2 NAG L . 11.80 11.86 -31.03
O3 NAG L . 14.60 11.60 -30.23
O4 NAG L . 16.40 10.56 -32.18
O5 NAG L . 13.12 9.16 -33.32
O6 NAG L . 15.32 7.28 -33.34
O7 NAG L . 11.70 11.37 -28.84
C1 NAG L . 17.47 9.78 -31.46
C2 NAG L . 18.86 10.20 -32.05
C3 NAG L . 19.98 9.37 -31.32
C4 NAG L . 19.92 9.63 -29.78
C5 NAG L . 18.48 9.21 -29.27
C6 NAG L . 18.25 9.47 -27.79
C7 NAG L . 19.00 10.80 -34.48
C8 NAG L . 18.88 10.40 -35.92
N2 NAG L . 18.85 9.88 -33.52
O3 NAG L . 21.26 9.77 -31.82
O4 NAG L . 20.91 8.77 -29.13
O5 NAG L . 17.45 9.99 -30.01
O6 NAG L . 16.97 9.03 -27.37
O7 NAG L . 19.25 11.99 -34.21
C1 BMA L . 21.89 9.47 -28.21
C2 BMA L . 22.42 8.40 -27.18
C3 BMA L . 23.44 9.10 -26.23
C4 BMA L . 24.61 9.72 -27.07
C5 BMA L . 24.01 10.75 -28.09
C6 BMA L . 25.06 11.34 -29.02
O2 BMA L . 22.99 7.28 -27.85
O3 BMA L . 23.99 8.13 -25.32
O4 BMA L . 25.52 10.37 -26.17
O5 BMA L . 23.00 10.06 -28.95
O6 BMA L . 26.11 11.97 -28.31
C1 NAG M . 26.33 -41.09 5.58
C2 NAG M . 27.30 -41.78 6.64
C3 NAG M . 26.40 -42.41 7.77
C4 NAG M . 25.56 -41.28 8.45
C5 NAG M . 24.70 -40.56 7.35
C6 NAG M . 23.98 -39.31 7.83
C7 NAG M . 29.43 -42.77 5.82
C8 NAG M . 30.16 -43.84 5.07
N2 NAG M . 28.09 -42.83 5.94
O3 NAG M . 27.24 -43.04 8.74
O4 NAG M . 24.64 -41.90 9.41
O5 NAG M . 25.56 -40.06 6.27
O6 NAG M . 24.86 -38.37 8.45
O7 NAG M . 30.07 -41.83 6.32
C1 NAG M . 24.74 -41.45 10.86
C2 NAG M . 23.30 -41.47 11.52
C3 NAG M . 23.45 -41.01 13.01
C4 NAG M . 24.44 -41.95 13.78
C5 NAG M . 25.82 -41.92 13.04
C6 NAG M . 26.84 -42.90 13.63
C7 NAG M . 21.15 -40.81 10.42
C8 NAG M . 20.31 -39.77 9.71
N2 NAG M . 22.40 -40.52 10.82
O3 NAG M . 22.15 -41.05 13.62
O4 NAG M . 24.66 -41.45 15.14
O5 NAG M . 25.65 -42.31 11.62
O6 NAG M . 26.48 -44.26 13.36
O7 NAG M . 20.65 -41.93 10.61
C1 NAG M . 23.69 -41.87 16.22
C2 NAG M . 24.49 -42.09 17.57
C3 NAG M . 23.46 -42.55 18.67
C4 NAG M . 22.32 -41.47 18.82
C5 NAG M . 21.61 -41.28 17.44
C6 NAG M . 20.54 -40.19 17.46
C7 NAG M . 26.73 -43.12 17.96
C8 NAG M . 27.73 -44.19 17.64
N2 NAG M . 25.53 -43.13 17.35
O3 NAG M . 24.12 -42.71 19.93
O4 NAG M . 21.39 -41.93 19.81
O5 NAG M . 22.61 -40.88 16.41
O6 NAG M . 19.45 -40.52 18.32
O7 NAG M . 27.03 -42.24 18.78
C1 NAG N . 29.23 -16.41 20.44
C2 NAG N . 28.74 -14.90 20.36
C3 NAG N . 28.74 -14.30 21.81
C4 NAG N . 27.83 -15.16 22.74
C5 NAG N . 28.36 -16.63 22.76
C6 NAG N . 27.49 -17.57 23.59
C7 NAG N . 29.37 -13.53 18.38
C8 NAG N . 30.45 -12.84 17.58
N2 NAG N . 29.70 -14.16 19.51
O3 NAG N . 28.21 -12.96 21.78
O4 NAG N . 27.87 -14.62 24.09
O5 NAG N . 28.38 -17.15 21.38
O6 NAG N . 27.81 -18.94 23.33
O7 NAG N . 28.20 -13.50 17.96
C1 NAG N . 26.57 -14.07 24.62
C2 NAG N . 26.56 -14.09 26.20
C3 NAG N . 25.16 -13.53 26.67
C4 NAG N . 24.95 -12.07 26.10
C5 NAG N . 25.04 -12.13 24.54
C6 NAG N . 25.03 -10.75 23.90
C7 NAG N . 27.70 -15.84 27.55
C8 NAG N . 27.84 -17.28 27.94
N2 NAG N . 26.75 -15.48 26.67
O3 NAG N . 25.11 -13.51 28.10
O4 NAG N . 23.60 -11.62 26.44
O5 NAG N . 26.33 -12.73 24.11
O6 NAG N . 26.26 -10.07 24.16
O7 NAG N . 28.48 -15.01 28.05
C1 BMA N . 23.47 -10.59 27.52
C2 BMA N . 22.10 -9.84 27.31
C3 BMA N . 21.94 -8.78 28.45
C4 BMA N . 22.01 -9.48 29.85
C5 BMA N . 23.40 -10.21 29.98
C6 BMA N . 23.52 -11.02 31.27
O2 BMA N . 21.01 -10.76 27.33
O3 BMA N . 20.67 -8.12 28.30
O4 BMA N . 21.88 -8.48 30.85
O5 BMA N . 23.55 -11.18 28.86
O6 BMA N . 24.83 -11.59 31.42
C1 NAG O . 2.56 37.33 23.74
C2 NAG O . 4.15 37.15 23.82
C3 NAG O . 4.73 38.30 24.72
C4 NAG O . 4.36 39.69 24.11
C5 NAG O . 2.79 39.80 24.01
C6 NAG O . 2.34 41.10 23.35
C7 NAG O . 4.65 34.70 23.72
C8 NAG O . 4.91 33.40 24.42
N2 NAG O . 4.50 35.84 24.43
O3 NAG O . 6.15 38.18 24.79
O4 NAG O . 4.87 40.71 24.96
O5 NAG O . 2.25 38.67 23.19
O6 NAG O . 2.80 42.24 24.06
O7 NAG O . 4.59 34.70 22.48
C1 NAG P . 7.85 36.04 15.88
C2 NAG P . 7.86 35.87 17.47
C3 NAG P . 8.05 37.29 18.12
C4 NAG P . 9.37 37.94 17.61
C5 NAG P . 9.31 38.05 16.05
C6 NAG P . 10.59 38.62 15.44
C7 NAG P . 6.36 34.02 18.20
C8 NAG P . 5.00 33.60 18.69
N2 NAG P . 6.57 35.32 17.96
O3 NAG P . 8.11 37.17 19.55
O4 NAG P . 9.51 39.24 18.20
O5 NAG P . 9.10 36.70 15.45
O6 NAG P . 10.85 39.96 15.88
O7 NAG P . 7.24 33.17 18.03
C1 NAG Q . 5.98 14.06 27.99
C2 NAG Q . 4.93 14.81 28.95
C3 NAG Q . 5.25 14.42 30.43
C4 NAG Q . 5.18 12.88 30.62
C5 NAG Q . 6.20 12.21 29.65
C6 NAG Q . 6.15 10.68 29.68
C7 NAG Q . 4.10 17.16 28.89
C8 NAG Q . 4.37 18.62 28.76
N2 NAG Q . 5.11 16.28 28.81
O3 NAG Q . 4.31 15.03 31.33
O4 NAG Q . 5.48 12.57 31.98
O5 NAG Q . 5.90 12.60 28.25
O6 NAG Q . 7.01 10.11 28.70
O7 NAG Q . 2.93 16.78 29.08
C1 NAG R . -29.97 -22.20 26.88
C2 NAG R . -31.30 -23.04 26.60
C3 NAG R . -31.98 -23.35 27.98
C4 NAG R . -30.98 -24.15 28.89
C5 NAG R . -29.67 -23.31 29.09
C6 NAG R . -28.63 -24.05 29.92
C7 NAG R . -32.80 -22.71 24.66
C8 NAG R . -33.54 -21.77 23.74
N2 NAG R . -32.17 -22.23 25.74
O3 NAG R . -33.16 -24.13 27.78
O4 NAG R . -31.63 -24.40 30.14
O5 NAG R . -29.08 -22.99 27.75
O6 NAG R . -29.11 -24.37 31.22
O7 NAG R . -32.80 -23.92 24.39
C1 NAG S . -37.05 -6.65 28.84
C2 NAG S . -38.50 -6.72 28.18
C3 NAG S . -39.56 -6.50 29.30
C4 NAG S . -39.41 -7.58 30.41
C5 NAG S . -37.96 -7.49 31.00
C6 NAG S . -37.67 -8.55 32.05
C7 NAG S . -38.57 -5.87 25.84
C8 NAG S . -38.64 -4.74 24.87
N2 NAG S . -38.61 -5.64 27.17
O3 NAG S . -40.87 -6.58 28.72
O4 NAG S . -40.39 -7.34 31.43
O5 NAG S . -36.97 -7.66 29.91
O6 NAG S . -38.40 -8.29 33.25
O7 NAG S . -38.48 -7.03 25.39
C1 NAG T . -24.85 27.68 11.83
C2 NAG T . -25.63 29.06 11.65
C3 NAG T . -27.10 28.73 11.21
C4 NAG T . -27.08 27.94 9.86
C5 NAG T . -26.23 26.63 10.04
C6 NAG T . -26.08 25.84 8.75
C7 NAG T . -24.71 30.77 13.22
C8 NAG T . -24.69 31.44 14.57
N2 NAG T . -25.63 29.81 12.94
O3 NAG T . -27.83 29.95 11.03
O4 NAG T . -28.41 27.63 9.48
O5 NAG T . -24.86 26.98 10.53
O6 NAG T . -27.34 25.51 8.17
O7 NAG T . -23.88 31.13 12.37
C1 NAG U . -32.02 18.33 26.30
C2 NAG U . -32.23 19.76 26.96
C3 NAG U . -33.12 20.63 26.01
C4 NAG U . -32.44 20.75 24.62
C5 NAG U . -32.23 19.31 24.03
C6 NAG U . -31.51 19.30 22.67
C7 NAG U . -32.38 19.86 29.45
C8 NAG U . -33.15 19.59 30.71
N2 NAG U . -32.93 19.59 28.26
O3 NAG U . -33.29 21.94 26.58
O4 NAG U . -33.29 21.52 23.77
O5 NAG U . -31.42 18.49 24.97
O6 NAG U . -30.15 19.70 22.74
O7 NAG U . -31.25 20.34 29.55
C1 NAG V . -17.72 14.99 36.80
C2 NAG V . -16.17 14.62 36.85
C3 NAG V . -15.73 14.52 38.34
C4 NAG V . -15.99 15.87 39.08
C5 NAG V . -17.52 16.19 38.98
C6 NAG V . -17.90 17.52 39.64
C7 NAG V . -15.51 13.09 34.99
C8 NAG V . -15.38 11.69 34.43
N2 NAG V . -15.98 13.28 36.23
O3 NAG V . -14.32 14.24 38.40
O4 NAG V . -15.59 15.76 40.44
O5 NAG V . -17.93 16.25 37.55
O6 NAG V . -17.63 17.52 41.04
O7 NAG V . -15.18 14.05 34.28
C1 NAG W . -28.60 25.37 15.02
C2 NAG W . -29.68 24.30 14.91
C3 NAG W . -30.97 24.91 14.38
C4 NAG W . -31.39 26.12 15.21
C5 NAG W . -30.22 27.10 15.29
C6 NAG W . -30.52 28.26 16.21
C7 NAG W . -29.71 21.93 14.28
C8 NAG W . -28.99 20.86 13.53
N2 NAG W . -29.29 23.18 14.07
O3 NAG W . -32.01 23.93 14.36
O4 NAG W . -32.50 26.75 14.59
O5 NAG W . -29.07 26.44 15.83
O6 NAG W . -30.94 27.80 17.50
O7 NAG W . -30.64 21.67 15.05
C1 NAG X . -32.98 2.70 18.03
C2 NAG X . -33.74 4.08 18.34
C3 NAG X . -34.93 4.20 17.32
C4 NAG X . -34.35 4.19 15.86
C5 NAG X . -33.57 2.84 15.64
C6 NAG X . -32.86 2.80 14.29
C7 NAG X . -33.58 4.67 20.75
C8 NAG X . -34.01 4.47 22.17
N2 NAG X . -34.22 4.03 19.75
O3 NAG X . -35.63 5.44 17.54
O4 NAG X . -35.45 4.27 14.96
O5 NAG X . -32.49 2.71 16.65
O6 NAG X . -32.11 1.60 14.13
O7 NAG X . -32.64 5.45 20.52
C1 NAG Y . -7.89 34.78 32.20
C2 NAG Y . -7.29 33.29 32.25
C3 NAG Y . -7.27 32.85 33.75
C4 NAG Y . -6.37 33.83 34.58
C5 NAG Y . -6.93 35.30 34.44
C6 NAG Y . -6.04 36.34 35.12
C7 NAG Y . -7.72 31.87 30.24
C8 NAG Y . -8.68 31.13 29.33
N2 NAG Y . -8.15 32.41 31.41
O3 NAG Y . -6.74 31.52 33.85
O4 NAG Y . -6.39 33.43 35.95
O5 NAG Y . -7.01 35.68 33.00
O6 NAG Y . -6.54 37.65 34.90
O7 NAG Y . -6.54 31.98 29.88
C1 NAG Z . -14.27 -52.52 22.56
C2 NAG Z . -15.45 -53.39 23.20
C3 NAG Z . -15.77 -52.83 24.62
C4 NAG Z . -14.48 -52.88 25.51
C5 NAG Z . -13.34 -52.04 24.83
C6 NAG Z . -12.02 -52.09 25.58
C7 NAG Z . -17.47 -54.29 22.06
C8 NAG Z . -18.59 -54.11 21.06
N2 NAG Z . -16.61 -53.29 22.29
O3 NAG Z . -16.79 -53.61 25.26
O4 NAG Z . -14.77 -52.35 26.80
O5 NAG Z . -13.10 -52.58 23.45
O6 NAG Z . -12.12 -51.53 26.88
O7 NAG Z . -17.37 -55.38 22.66
C1 NAG AA . -5.54 -40.43 21.09
C2 NAG AA . -6.92 -40.85 21.77
C3 NAG AA . -7.15 -39.95 23.03
C4 NAG AA . -5.96 -40.13 24.03
C5 NAG AA . -4.61 -39.75 23.30
C6 NAG AA . -3.38 -40.00 24.17
C7 NAG AA . -8.61 -41.68 20.13
C8 NAG AA . -9.58 -41.42 19.02
N2 NAG AA . -8.02 -40.66 20.79
O3 NAG AA . -8.37 -40.32 23.68
O4 NAG AA . -6.18 -39.28 25.16
O5 NAG AA . -4.45 -40.59 22.08
O6 NAG AA . -2.19 -39.65 23.47
O7 NAG AA . -8.36 -42.87 20.45
C1 NAG BA . -3.63 -53.80 13.12
C2 NAG BA . -2.71 -53.17 14.26
C3 NAG BA . -1.31 -53.87 14.21
C4 NAG BA . -1.49 -55.41 14.44
C5 NAG BA . -2.45 -55.99 13.32
C6 NAG BA . -2.75 -57.46 13.52
C7 NAG BA . -3.05 -50.76 14.81
C8 NAG BA . -2.94 -49.32 14.43
N2 NAG BA . -2.58 -51.72 13.99
O3 NAG BA . -0.47 -53.35 15.24
O4 NAG BA . -0.21 -56.04 14.37
O5 NAG BA . -3.75 -55.25 13.36
O6 NAG BA . -1.57 -58.25 13.53
O7 NAG BA . -3.58 -51.05 15.90
C1 NAG CA . -2.04 -58.30 -6.98
C2 NAG CA . -1.55 -59.65 -7.68
C3 NAG CA . -1.55 -60.78 -6.59
C4 NAG CA . -0.61 -60.38 -5.40
C5 NAG CA . -1.11 -59.02 -4.79
C6 NAG CA . -0.21 -58.51 -3.68
C7 NAG CA . -2.21 -59.86 -10.09
C8 NAG CA . -3.25 -60.12 -11.13
N2 NAG CA . -2.51 -59.97 -8.77
O3 NAG CA . -1.07 -62.00 -7.17
O4 NAG CA . -0.64 -61.41 -4.43
O5 NAG CA . -1.14 -57.96 -5.86
O6 NAG CA . -0.12 -59.45 -2.60
O7 NAG CA . -1.07 -59.55 -10.48
C1 NAG DA . 18.58 42.51 -5.81
C2 NAG DA . 19.20 42.77 -4.37
C3 NAG DA . 19.74 44.24 -4.32
C4 NAG DA . 20.81 44.44 -5.44
C5 NAG DA . 20.15 44.12 -6.84
C6 NAG DA . 21.13 44.21 -8.01
C7 NAG DA . 18.12 41.53 -2.49
C8 NAG DA . 16.92 41.26 -1.63
N2 NAG DA . 18.11 42.55 -3.36
O3 NAG DA . 20.34 44.51 -3.04
O4 NAG DA . 21.28 45.79 -5.40
O5 NAG DA . 19.60 42.73 -6.84
O6 NAG DA . 20.45 44.02 -9.25
O7 NAG DA . 19.12 40.80 -2.36
C1 NAG EA . 25.56 36.15 -12.36
C2 NAG EA . 26.61 35.55 -13.41
C3 NAG EA . 27.98 35.37 -12.68
C4 NAG EA . 28.48 36.73 -12.10
C5 NAG EA . 27.40 37.28 -11.09
C6 NAG EA . 27.77 38.64 -10.53
C7 NAG EA . 26.29 33.77 -15.13
C8 NAG EA . 25.88 32.37 -15.49
N2 NAG EA . 26.13 34.22 -13.88
O3 NAG EA . 28.97 34.86 -13.60
O4 NAG EA . 29.73 36.51 -11.42
O5 NAG EA . 26.10 37.41 -11.80
O6 NAG EA . 29.02 38.62 -9.84
O7 NAG EA . 26.78 34.49 -16.01
C1 NAG FA . 20.49 36.85 1.45
C2 NAG FA . 19.19 37.78 1.33
C3 NAG FA . 19.64 39.28 1.47
C4 NAG FA . 20.37 39.49 2.84
C5 NAG FA . 21.61 38.54 2.90
C6 NAG FA . 22.37 38.62 4.23
C7 NAG FA . 17.29 37.75 -0.29
C8 NAG FA . 16.75 37.40 -1.66
N2 NAG FA . 18.58 37.52 -0.01
O3 NAG FA . 18.50 40.15 1.47
O4 NAG FA . 20.78 40.86 2.95
O5 NAG FA . 21.16 37.14 2.73
O6 NAG FA . 22.91 39.92 4.45
O7 NAG FA . 16.53 38.25 0.55
C1 NAG GA . -0.55 30.54 -6.41
C2 NAG GA . -0.10 31.77 -7.34
C3 NAG GA . -1.31 32.12 -8.28
C4 NAG GA . -1.71 30.88 -9.13
C5 NAG GA . -2.09 29.70 -8.15
C6 NAG GA . -2.43 28.40 -8.87
C7 NAG GA . 1.46 33.44 -6.25
C8 NAG GA . 2.79 32.83 -6.63
N2 NAG GA . 0.22 32.98 -6.52
O3 NAG GA . -0.93 33.19 -9.16
O4 NAG GA . -2.83 31.23 -9.94
O5 NAG GA . -0.94 29.41 -7.26
O6 NAG GA . -3.57 28.56 -9.71
O7 NAG GA . 1.48 34.49 -5.60
C1 NAG HA . -12.24 -2.59 -45.18
C2 NAG HA . -12.09 -3.64 -46.37
C3 NAG HA . -12.81 -3.05 -47.63
C4 NAG HA . -14.32 -2.79 -47.30
C5 NAG HA . -14.42 -1.80 -46.09
C6 NAG HA . -15.86 -1.57 -45.63
C7 NAG HA . -9.98 -4.97 -46.23
C8 NAG HA . -8.50 -5.09 -46.44
N2 NAG HA . -10.64 -3.86 -46.64
O3 NAG HA . -12.73 -3.99 -48.71
O4 NAG HA . -14.95 -2.24 -48.45
O5 NAG HA . -13.68 -2.36 -44.91
O6 NAG HA . -15.92 -0.68 -44.52
O7 NAG HA . -10.57 -5.91 -45.68
C1 NAG IA . -0.57 8.55 -49.86
C2 NAG IA . 0.15 7.71 -51.01
C3 NAG IA . 0.11 8.55 -52.34
C4 NAG IA . -1.38 8.85 -52.72
C5 NAG IA . -2.05 9.65 -51.54
C6 NAG IA . -3.53 9.95 -51.78
C7 NAG IA . 1.96 6.27 -50.09
C8 NAG IA . 3.34 6.12 -49.52
N2 NAG IA . 1.55 7.47 -50.58
O3 NAG IA . 0.73 7.80 -53.38
O4 NAG IA . -1.40 9.62 -53.92
O5 NAG IA . -1.96 8.86 -50.28
O6 NAG IA . -3.73 10.75 -52.95
O7 NAG IA . 1.21 5.28 -50.09
C1 NAG JA . 30.29 22.74 -26.94
C2 NAG JA . 31.01 22.57 -28.37
C3 NAG JA . 31.56 21.11 -28.45
C4 NAG JA . 32.57 20.86 -27.29
C5 NAG JA . 31.84 21.09 -25.91
C6 NAG JA . 32.78 20.95 -24.72
C7 NAG JA . 29.86 24.09 -29.95
C8 NAG JA . 28.79 24.35 -30.98
N2 NAG JA . 30.03 22.85 -29.45
O3 NAG JA . 32.23 20.92 -29.73
O4 NAG JA . 33.05 19.51 -27.38
O5 NAG JA . 31.27 22.48 -25.87
O6 NAG JA . 33.37 19.66 -24.66
O7 NAG JA . 30.57 25.05 -29.59
C1 NAG KA . 17.59 24.93 -41.55
C2 NAG KA . 17.19 26.48 -41.45
C3 NAG KA . 18.46 27.31 -41.84
C4 NAG KA . 19.64 26.97 -40.88
C5 NAG KA . 19.95 25.44 -40.97
C6 NAG KA . 21.02 24.99 -39.97
C7 NAG KA . 15.31 27.82 -42.36
C8 NAG KA . 14.08 27.91 -43.21
N2 NAG KA . 16.04 26.70 -42.36
O3 NAG KA . 18.23 28.73 -41.76
O4 NAG KA . 20.78 27.74 -41.26
O5 NAG KA . 18.72 24.66 -40.65
O6 NAG KA . 21.29 23.59 -40.09
O7 NAG KA . 15.63 28.79 -41.66
C1 NAG LA . 3.21 32.29 -32.07
C2 NAG LA . 2.19 32.28 -30.84
C3 NAG LA . 1.05 33.31 -31.13
C4 NAG LA . 1.66 34.73 -31.34
C5 NAG LA . 2.68 34.68 -32.54
C6 NAG LA . 3.37 36.01 -32.79
C7 NAG LA . 1.54 30.22 -29.61
C8 NAG LA . 1.06 28.80 -29.68
N2 NAG LA . 1.63 30.92 -30.75
O3 NAG LA . 0.15 33.35 -30.01
O4 NAG LA . 0.61 35.65 -31.62
O5 NAG LA . 3.73 33.65 -32.25
O6 NAG LA . 2.43 37.04 -33.14
O7 NAG LA . 1.83 30.73 -28.52
C1 NAG MA . 26.96 21.42 -32.06
C2 NAG MA . 26.35 20.13 -32.78
C3 NAG MA . 27.46 19.54 -33.72
C4 NAG MA . 27.91 20.60 -34.77
C5 NAG MA . 28.46 21.85 -34.01
C6 NAG MA . 28.87 22.98 -34.95
C7 NAG MA . 24.79 18.93 -31.26
C8 NAG MA . 24.57 17.82 -30.28
N2 NAG MA . 26.01 19.09 -31.77
O3 NAG MA . 26.93 18.39 -34.40
O4 NAG MA . 28.92 20.03 -35.59
O5 NAG MA . 27.40 22.39 -33.10
O6 NAG MA . 29.91 22.58 -35.83
O7 NAG MA . 23.85 19.67 -31.57
C1 NAG NA . 12.42 7.77 -38.96
C2 NAG NA . 12.42 7.53 -40.54
C3 NAG NA . 13.70 6.70 -40.91
C4 NAG NA . 14.96 7.53 -40.48
C5 NAG NA . 14.91 7.80 -38.93
C6 NAG NA . 16.05 8.70 -38.44
C7 NAG NA . 10.19 7.38 -41.63
C8 NAG NA . 8.88 6.70 -41.85
N2 NAG NA . 11.17 6.81 -40.89
O3 NAG NA . 13.74 6.48 -42.33
O4 NAG NA . 16.13 6.76 -40.80
O5 NAG NA . 13.64 8.52 -38.60
O6 NAG NA . 17.33 8.11 -38.61
O7 NAG NA . 10.36 8.49 -42.16
C1 NAG OA . -13.54 -19.85 -45.56
C2 NAG OA . -13.34 -21.33 -44.97
C3 NAG OA . -12.50 -22.16 -45.99
C4 NAG OA . -13.23 -22.20 -47.37
C5 NAG OA . -13.44 -20.73 -47.89
C6 NAG OA . -14.23 -20.67 -49.21
C7 NAG OA . -13.26 -21.20 -42.49
C8 NAG OA . -12.50 -21.14 -41.21
N2 NAG OA . -12.61 -21.26 -43.68
O3 NAG OA . -12.34 -23.50 -45.51
O4 NAG OA . -12.44 -22.96 -48.30
O5 NAG OA . -14.21 -19.95 -46.87
O6 NAG OA . -13.56 -21.35 -50.26
O7 NAG OA . -14.51 -21.18 -42.43
C1 NAG PA . 15.63 43.76 -18.62
C2 NAG PA . 16.52 44.89 -17.93
C3 NAG PA . 15.85 46.29 -18.21
C4 NAG PA . 15.73 46.51 -19.76
C5 NAG PA . 14.89 45.35 -20.38
C6 NAG PA . 14.79 45.43 -21.91
C7 NAG PA . 17.65 44.86 -15.70
C8 NAG PA . 17.62 44.48 -14.25
N2 NAG PA . 16.56 44.63 -16.45
O3 NAG PA . 16.64 47.34 -17.64
O4 NAG PA . 15.11 47.78 -19.99
O5 NAG PA . 15.53 44.05 -20.06
O6 NAG PA . 14.16 46.65 -22.33
O7 NAG PA . 18.68 45.38 -16.17
C1 NAG QA . -1.12 33.80 -42.36
C2 NAG QA . -1.42 34.68 -41.05
C3 NAG QA . -1.82 36.12 -41.50
C4 NAG QA . -0.67 36.76 -42.35
C5 NAG QA . -0.40 35.85 -43.60
C6 NAG QA . 0.76 36.35 -44.45
C7 NAG QA . -2.59 33.75 -39.04
C8 NAG QA . -3.83 33.12 -38.47
N2 NAG QA . -2.59 34.09 -40.33
O3 NAG QA . -2.06 36.95 -40.35
O4 NAG QA . -1.06 38.06 -42.76
O5 NAG QA . -0.06 34.47 -43.14
O6 NAG QA . 0.53 37.66 -44.98
O7 NAG QA . -1.60 33.93 -38.31
C1 NAG RA . -39.45 -26.51 -22.09
C2 NAG RA . -40.22 -27.90 -21.98
C3 NAG RA . -41.68 -27.61 -21.48
C4 NAG RA . -41.63 -26.88 -20.11
C5 NAG RA . -40.83 -25.54 -20.25
C6 NAG RA . -40.64 -24.80 -18.92
C7 NAG RA . -39.37 -29.49 -23.71
C8 NAG RA . -39.43 -30.01 -25.13
N2 NAG RA . -40.26 -28.56 -23.32
O3 NAG RA . -42.40 -28.85 -21.34
O4 NAG RA . -42.97 -26.62 -19.69
O5 NAG RA . -39.45 -25.85 -20.77
O6 NAG RA . -40.00 -23.54 -19.11
O7 NAG RA . -38.52 -29.93 -22.94
C1 NAG SA . 34.71 26.19 20.56
C2 NAG SA . 34.12 27.14 19.42
C3 NAG SA . 34.90 28.50 19.48
C4 NAG SA . 34.76 29.14 20.89
C5 NAG SA . 35.32 28.14 21.97
C6 NAG SA . 35.18 28.65 23.40
C7 NAG SA . 33.38 25.73 17.50
C8 NAG SA . 33.68 25.03 16.20
N2 NAG SA . 34.32 26.51 18.08
O3 NAG SA . 34.37 29.40 18.50
O4 NAG SA . 35.50 30.37 20.92
O5 NAG SA . 34.58 26.85 21.88
O6 NAG SA . 35.92 29.85 23.61
O7 NAG SA . 32.25 25.59 18.00
C1 NAG TA . 32.32 18.48 27.90
C2 NAG TA . 32.76 17.91 29.33
C3 NAG TA . 31.69 18.35 30.39
C4 NAG TA . 31.57 19.91 30.43
C5 NAG TA . 31.16 20.41 28.99
C6 NAG TA . 31.09 21.93 28.89
C7 NAG TA . 33.93 15.69 29.26
C8 NAG TA . 33.87 14.20 29.34
N2 NAG TA . 32.80 16.42 29.28
O3 NAG TA . 32.09 17.89 31.69
O4 NAG TA . 30.58 20.28 31.39
O5 NAG TA . 32.17 19.95 28.00
O6 NAG TA . 30.14 22.47 29.81
O7 NAG TA . 35.07 16.21 29.21
C1 NAG UA . 25.44 28.30 17.64
C2 NAG UA . 25.72 28.17 19.21
C3 NAG UA . 26.48 29.44 19.68
C4 NAG UA . 27.81 29.58 18.89
C5 NAG UA . 27.50 29.65 17.34
C6 NAG UA . 28.77 29.68 16.49
C7 NAG UA . 23.93 26.79 20.26
C8 NAG UA . 22.51 26.63 20.66
N2 NAG UA . 24.40 28.00 19.87
O3 NAG UA . 26.75 29.34 21.08
O4 NAG UA . 28.48 30.77 19.31
O5 NAG UA . 26.72 28.44 16.92
O6 NAG UA . 29.59 30.81 16.79
O7 NAG UA . 24.69 25.80 20.31
C1 NAG VA . 34.90 -38.71 0.70
C2 NAG VA . 34.49 -40.23 0.90
C3 NAG VA . 35.80 -41.09 0.97
C4 NAG VA . 36.62 -40.90 -0.34
C5 NAG VA . 36.96 -39.36 -0.52
C6 NAG VA . 37.70 -39.06 -1.82
C7 NAG VA . 32.43 -40.89 2.16
C8 NAG VA . 31.53 -40.73 3.34
N2 NAG VA . 33.65 -40.31 2.14
O3 NAG VA . 35.46 -42.48 1.12
O4 NAG VA . 37.82 -41.65 -0.25
O5 NAG VA . 35.69 -38.56 -0.53
O6 NAG VA . 39.00 -39.64 -1.84
O7 NAG VA . 32.05 -41.59 1.21
C1 NAG WA . 42.38 -32.11 14.70
C2 NAG WA . 42.00 -33.34 15.63
C3 NAG WA . 43.29 -33.87 16.34
C4 NAG WA . 44.34 -34.30 15.26
C5 NAG WA . 44.67 -33.06 14.36
C6 NAG WA . 45.64 -33.41 13.23
C7 NAG WA . 39.70 -33.11 16.59
C8 NAG WA . 38.78 -32.52 17.60
N2 NAG WA . 41.03 -32.86 16.65
O3 NAG WA . 42.95 -35.00 17.16
O4 NAG WA . 45.52 -34.75 15.93
O5 NAG WA . 43.41 -32.54 13.73
O6 NAG WA . 46.86 -33.98 13.71
O7 NAG WA . 39.23 -33.85 15.70
C1 NAG XA . 29.38 -0.63 35.98
C2 NAG XA . 29.77 -0.64 37.53
C3 NAG XA . 29.24 -1.98 38.16
C4 NAG XA . 27.70 -2.09 37.97
C5 NAG XA . 27.36 -2.01 36.44
C6 NAG XA . 25.87 -2.03 36.15
C7 NAG XA . 31.94 0.52 37.96
C8 NAG XA . 33.44 0.48 38.01
N2 NAG XA . 31.25 -0.60 37.68
O3 NAG XA . 29.54 -2.02 39.56
O4 NAG XA . 27.24 -3.31 38.52
O5 NAG XA . 27.92 -0.76 35.86
O6 NAG XA . 25.24 -3.23 36.62
O7 NAG XA . 31.37 1.60 38.19
C1 NAG YA . 44.79 -10.90 29.31
C2 NAG YA . 44.75 -9.45 29.98
C3 NAG YA . 45.90 -9.37 31.07
C4 NAG YA . 45.69 -10.48 32.13
C5 NAG YA . 45.70 -11.87 31.42
C6 NAG YA . 45.41 -13.03 32.39
C7 NAG YA . 44.44 -7.23 28.89
C8 NAG YA . 44.76 -6.29 27.76
N2 NAG YA . 45.01 -8.45 28.94
O3 NAG YA . 45.86 -8.10 31.75
O4 NAG YA . 46.75 -10.38 33.09
O5 NAG YA . 44.64 -11.91 30.38
O6 NAG YA . 46.34 -13.07 33.46
O7 NAG YA . 43.64 -6.88 29.78
C1 NAG ZA . 32.77 -4.34 35.20
C2 NAG ZA . 32.88 -5.92 34.91
C3 NAG ZA . 32.71 -6.70 36.26
C4 NAG ZA . 33.82 -6.25 37.26
C5 NAG ZA . 33.69 -4.70 37.51
C6 NAG ZA . 34.79 -4.15 38.41
C7 NAG ZA . 32.00 -6.35 32.64
C8 NAG ZA . 30.87 -6.73 31.73
N2 NAG ZA . 31.81 -6.34 33.97
O3 NAG ZA . 32.84 -8.11 36.01
O4 NAG ZA . 33.64 -6.96 38.49
O5 NAG ZA . 33.80 -3.99 36.19
O6 NAG ZA . 34.76 -4.73 39.71
O7 NAG ZA . 33.10 -6.05 32.15
C1 NAG AB . 31.21 -21.96 22.04
C2 NAG AB . 31.97 -23.29 22.43
C3 NAG AB . 31.19 -24.00 23.59
C4 NAG AB . 31.08 -23.03 24.80
C5 NAG AB . 30.36 -21.70 24.35
C6 NAG AB . 30.30 -20.66 25.46
C7 NAG AB . 33.26 -24.38 20.61
C8 NAG AB . 33.32 -25.11 19.30
N2 NAG AB . 32.08 -24.15 21.23
O3 NAG AB . 31.87 -25.19 23.98
O4 NAG AB . 30.34 -23.67 25.85
O5 NAG AB . 31.11 -21.08 23.21
O6 NAG AB . 29.57 -21.12 26.60
O7 NAG AB . 34.32 -24.02 21.13
C1 NAG BB . 22.36 -50.60 -2.35
C2 NAG BB . 20.81 -50.85 -2.18
C3 NAG BB . 20.60 -52.04 -1.18
C4 NAG BB . 21.30 -53.32 -1.75
C5 NAG BB . 22.83 -53.02 -1.95
C6 NAG BB . 23.58 -54.20 -2.57
C7 NAG BB . 19.02 -49.14 -2.11
C8 NAG BB . 18.51 -47.80 -1.67
N2 NAG BB . 20.19 -49.60 -1.68
O3 NAG BB . 19.20 -52.32 -1.01
O4 NAG BB . 21.13 -54.40 -0.82
O5 NAG BB . 22.99 -51.84 -2.86
O6 NAG BB . 23.50 -55.37 -1.77
O7 NAG BB . 18.31 -49.81 -2.88
C1 NAG CB . 48.67 -2.80 14.26
C2 NAG CB . 48.20 -2.01 12.96
C3 NAG CB . 49.45 -1.74 12.06
C4 NAG CB . 50.51 -0.94 12.86
C5 NAG CB . 50.92 -1.73 14.13
C6 NAG CB . 51.93 -1.00 14.99
C7 NAG CB . 46.08 -2.42 11.71
C8 NAG CB . 45.13 -3.39 11.07
N2 NAG CB . 47.23 -2.87 12.23
O3 NAG CB . 49.06 -1.00 10.89
O4 NAG CB . 51.65 -0.72 12.02
O5 NAG CB . 49.70 -2.00 14.96
O6 NAG CB . 53.17 -0.79 14.31
O7 NAG CB . 45.80 -1.21 11.73
C1 NAG DB . 57.72 -9.75 13.72
C2 NAG DB . 57.25 -8.28 14.07
C3 NAG DB . 58.45 -7.30 13.86
C4 NAG DB . 59.63 -7.72 14.79
C5 NAG DB . 60.05 -9.20 14.45
C6 NAG DB . 61.14 -9.73 15.38
C7 NAG DB . 54.82 -7.90 13.63
C8 NAG DB . 53.70 -7.65 12.67
N2 NAG DB . 56.09 -7.90 13.19
O3 NAG DB . 58.06 -5.96 14.19
O4 NAG DB . 60.73 -6.84 14.59
O5 NAG DB . 58.85 -10.11 14.59
O6 NAG DB . 62.33 -8.96 15.31
O7 NAG DB . 54.55 -8.10 14.82
C1 NAG EB . 55.15 -19.72 18.91
C2 NAG EB . 56.00 -20.00 20.24
C3 NAG EB . 57.14 -18.95 20.32
C4 NAG EB . 58.05 -19.05 19.05
C5 NAG EB . 57.17 -18.79 17.77
C6 NAG EB . 57.92 -18.96 16.44
C7 NAG EB . 54.56 -20.96 22.05
C8 NAG EB . 53.63 -20.78 23.21
N2 NAG EB . 55.09 -19.88 21.42
O3 NAG EB . 57.94 -19.19 21.50
O4 NAG EB . 59.08 -18.06 19.15
O5 NAG EB . 56.05 -19.78 17.74
O6 NAG EB . 57.07 -19.62 15.48
O7 NAG EB . 54.82 -22.12 21.68
C1 NAG FB . 44.73 17.92 22.96
C2 NAG FB . 45.98 18.65 23.63
C3 NAG FB . 47.09 18.84 22.54
C4 NAG FB . 47.51 17.45 21.97
C5 NAG FB . 46.24 16.75 21.36
C6 NAG FB . 46.53 15.32 20.89
C7 NAG FB . 45.31 20.24 25.44
C8 NAG FB . 44.87 21.62 25.85
N2 NAG FB . 45.55 19.99 24.14
O3 NAG FB . 48.25 19.46 23.13
O4 NAG FB . 48.51 17.64 20.97
O5 NAG FB . 45.18 16.64 22.40
O6 NAG FB . 45.33 14.66 20.51
O7 NAG FB . 45.45 19.36 26.31
C1 NAG GB . 13.80 -44.32 -34.32
C2 NAG GB . 12.81 -44.19 -35.47
C3 NAG GB . 13.44 -43.44 -36.65
C4 NAG GB . 13.94 -42.09 -36.17
C5 NAG GB . 14.90 -42.28 -35.01
C6 NAG GB . 15.33 -40.98 -34.39
C7 NAG GB . 11.03 -45.84 -35.77
C8 NAG GB . 10.11 -44.82 -35.19
N2 NAG GB . 12.30 -45.47 -35.93
O3 NAG GB . 12.49 -43.30 -37.68
O4 NAG GB . 14.62 -41.44 -37.24
O5 NAG GB . 14.26 -43.03 -33.96
O6 NAG GB . 15.81 -40.06 -35.38
O7 NAG GB . 10.64 -46.96 -36.09
C1 NAG HB . 22.86 -50.14 -28.33
C2 NAG HB . 23.85 -51.17 -28.92
C3 NAG HB . 25.27 -50.68 -28.71
C4 NAG HB . 25.44 -49.30 -29.32
C5 NAG HB . 24.41 -48.35 -28.72
C6 NAG HB . 24.44 -46.97 -29.36
C7 NAG HB . 22.98 -52.82 -27.28
C8 NAG HB . 23.67 -52.71 -25.96
N2 NAG HB . 23.70 -52.51 -28.36
O3 NAG HB . 26.17 -51.61 -29.28
O4 NAG HB . 26.75 -48.81 -29.03
O5 NAG HB . 23.08 -48.86 -28.92
O6 NAG HB . 24.11 -47.04 -30.75
O7 NAG HB . 21.81 -53.20 -27.39
C1 NAG IB . 22.40 -35.97 -26.46
C2 NAG IB . 23.60 -36.66 -25.83
C3 NAG IB . 24.84 -35.81 -26.06
C4 NAG IB . 25.03 -35.54 -27.55
C5 NAG IB . 23.77 -34.89 -28.11
C6 NAG IB . 23.82 -34.69 -29.61
C7 NAG IB . 22.46 -37.57 -23.83
C8 NAG IB . 22.26 -38.99 -24.27
N2 NAG IB . 23.47 -36.92 -24.41
O3 NAG IB . 25.97 -36.47 -25.51
O4 NAG IB . 26.13 -34.66 -27.73
O5 NAG IB . 22.62 -35.72 -27.84
O6 NAG IB . 22.64 -34.06 -30.08
O7 NAG IB . 21.75 -37.05 -22.97
#